data_9OSM
# 
_entry.id   9OSM 
# 
_audit_conform.dict_name       mmcif_pdbx.dic 
_audit_conform.dict_version    5.404 
_audit_conform.dict_location   http://mmcif.pdb.org/dictionaries/ascii/mmcif_pdbx.dic 
# 
loop_
_database_2.database_id 
_database_2.database_code 
_database_2.pdbx_database_accession 
_database_2.pdbx_DOI 
PDB   9OSM         pdb_00009osm 10.2210/pdb9osm/pdb 
WWPDB D_1000296266 ?            ?                   
# 
_pdbx_audit_revision_history.ordinal             1 
_pdbx_audit_revision_history.data_content_type   'Structure model' 
_pdbx_audit_revision_history.major_revision      1 
_pdbx_audit_revision_history.minor_revision      0 
_pdbx_audit_revision_history.revision_date       2025-07-09 
_pdbx_audit_revision_history.part_number         ? 
# 
_pdbx_audit_revision_details.ordinal             1 
_pdbx_audit_revision_details.revision_ordinal    1 
_pdbx_audit_revision_details.data_content_type   'Structure model' 
_pdbx_audit_revision_details.provider            repository 
_pdbx_audit_revision_details.type                'Initial release' 
_pdbx_audit_revision_details.description         ? 
_pdbx_audit_revision_details.details             ? 
# 
_pdbx_database_status.status_code                     REL 
_pdbx_database_status.status_code_sf                  REL 
_pdbx_database_status.status_code_mr                  ? 
_pdbx_database_status.entry_id                        9OSM 
_pdbx_database_status.recvd_initial_deposition_date   2025-05-24 
_pdbx_database_status.SG_entry                        N 
_pdbx_database_status.deposit_site                    RCSB 
_pdbx_database_status.process_site                    RCSB 
_pdbx_database_status.status_code_cs                  ? 
_pdbx_database_status.status_code_nmr_data            ? 
_pdbx_database_status.methods_development_category    ? 
_pdbx_database_status.pdb_format_compatible           Y 
# 
_pdbx_contact_author.id                 2 
_pdbx_contact_author.email              rs17@nyu.edu 
_pdbx_contact_author.name_first         Ruojie 
_pdbx_contact_author.name_last          Sha 
_pdbx_contact_author.name_mi            ? 
_pdbx_contact_author.role               'principal investigator/group leader' 
_pdbx_contact_author.identifier_ORCID   0000-0002-0807-734X 
# 
loop_
_audit_author.name 
_audit_author.pdbx_ordinal 
_audit_author.identifier_ORCID 
'Horvath, A.'   1 0009-0008-5770-8014 
'Vecchioni, S.' 2 0000-0001-8243-650X 
'Woloszyn, K.'  3 0000-0003-1200-583X 
'Ohayon, Y.P.'  4 0000-0001-7500-4282 
'Sha, R.'       5 0000-0002-0807-734X 
# 
_citation.abstract                  ? 
_citation.abstract_id_CAS           ? 
_citation.book_id_ISBN              ? 
_citation.book_publisher            ? 
_citation.book_publisher_city       ? 
_citation.book_title                ? 
_citation.coordinate_linkage        ? 
_citation.country                   ? 
_citation.database_id_Medline       ? 
_citation.details                   ? 
_citation.id                        primary 
_citation.journal_abbrev            'To Be Published' 
_citation.journal_id_ASTM           ? 
_citation.journal_id_CSD            0353 
_citation.journal_id_ISSN           ? 
_citation.journal_full              ? 
_citation.journal_issue             ? 
_citation.journal_volume            ? 
_citation.language                  ? 
_citation.page_first                ? 
_citation.page_last                 ? 
_citation.title                     'Shifted tensegrity triangles' 
_citation.year                      ? 
_citation.database_id_CSD           ? 
_citation.pdbx_database_id_DOI      ? 
_citation.pdbx_database_id_PubMed   ? 
_citation.pdbx_database_id_patent   ? 
_citation.unpublished_flag          ? 
# 
loop_
_citation_author.citation_id 
_citation_author.name 
_citation_author.ordinal 
_citation_author.identifier_ORCID 
primary 'Horvath, A.'   1 0009-0008-5770-8014 
primary 'Vecchioni, S.' 2 0000-0001-8243-650X 
primary 'Woloszyn, K.'  3 0000-0003-1200-583X 
primary 'Ohayon, Y.P.'  4 0000-0001-7500-4282 
primary 'Sha, R.'       5 0000-0002-0807-734X 
# 
loop_
_entity.id 
_entity.type 
_entity.src_method 
_entity.pdbx_description 
_entity.formula_weight 
_entity.pdbx_number_of_molecules 
_entity.pdbx_ec 
_entity.pdbx_mutation 
_entity.pdbx_fragment 
_entity.details 
1 polymer     syn 
;DNA (5'-D(P*CP*AP*CP*AP*CP*CP*GP*T)-3')
;
2371.582 1 ? ? ? ? 
2 polymer     syn 
;DNA (5'-D(*GP*AP*GP*AP*GP*CP*TP*GP*TP*G)-3')
;
3125.052 1 ? ? ? ? 
3 polymer     syn 
;DNA (5'-D(*TP*CP*TP*GP*AP*TP*CP*GP*TP*GP*CP*TP*C)-3')
;
3933.558 1 ? ? ? ? 
4 polymer     syn 
;DNA (5'-D(P*AP*CP*GP*GP*AP*CP*GP*AP*TP*CP*A)-3')
;
3367.225 1 ? ? ? ? 
5 non-polymer syn 'CALCIUM ION'                                           40.078   2 ? ? ? ? 
# 
loop_
_entity_poly.entity_id 
_entity_poly.type 
_entity_poly.nstd_linkage 
_entity_poly.nstd_monomer 
_entity_poly.pdbx_seq_one_letter_code 
_entity_poly.pdbx_seq_one_letter_code_can 
_entity_poly.pdbx_strand_id 
_entity_poly.pdbx_target_identifier 
1 polydeoxyribonucleotide no no '(DC)(DA)(DC)(DA)(DC)(DC)(DG)(DT)'                     CACACCGT      A ? 
2 polydeoxyribonucleotide no no '(DG)(DA)(DG)(DA)(DG)(DC)(DT)(DG)(DT)(DG)'             GAGAGCTGTG    B ? 
3 polydeoxyribonucleotide no no '(DT)(DC)(DT)(DG)(DA)(DT)(DC)(DG)(DT)(DG)(DC)(DT)(DC)' TCTGATCGTGCTC C ? 
4 polydeoxyribonucleotide no no '(DA)(DC)(DG)(DG)(DA)(DC)(DG)(DA)(DT)(DC)(DA)'         ACGGACGATCA   D ? 
# 
_pdbx_entity_nonpoly.entity_id   5 
_pdbx_entity_nonpoly.name        'CALCIUM ION' 
_pdbx_entity_nonpoly.comp_id     CA 
# 
loop_
_entity_poly_seq.entity_id 
_entity_poly_seq.num 
_entity_poly_seq.mon_id 
_entity_poly_seq.hetero 
1 1  DC n 
1 2  DA n 
1 3  DC n 
1 4  DA n 
1 5  DC n 
1 6  DC n 
1 7  DG n 
1 8  DT n 
2 1  DG n 
2 2  DA n 
2 3  DG n 
2 4  DA n 
2 5  DG n 
2 6  DC n 
2 7  DT n 
2 8  DG n 
2 9  DT n 
2 10 DG n 
3 1  DT n 
3 2  DC n 
3 3  DT n 
3 4  DG n 
3 5  DA n 
3 6  DT n 
3 7  DC n 
3 8  DG n 
3 9  DT n 
3 10 DG n 
3 11 DC n 
3 12 DT n 
3 13 DC n 
4 1  DA n 
4 2  DC n 
4 3  DG n 
4 4  DG n 
4 5  DA n 
4 6  DC n 
4 7  DG n 
4 8  DA n 
4 9  DT n 
4 10 DC n 
4 11 DA n 
# 
loop_
_pdbx_entity_src_syn.entity_id 
_pdbx_entity_src_syn.pdbx_src_id 
_pdbx_entity_src_syn.pdbx_alt_source_flag 
_pdbx_entity_src_syn.pdbx_beg_seq_num 
_pdbx_entity_src_syn.pdbx_end_seq_num 
_pdbx_entity_src_syn.organism_scientific 
_pdbx_entity_src_syn.organism_common_name 
_pdbx_entity_src_syn.ncbi_taxonomy_id 
_pdbx_entity_src_syn.details 
1 1 sample 1 8  'synthetic construct' ? 32630 ? 
2 1 sample 1 10 'synthetic construct' ? 32630 ? 
3 1 sample 1 13 'synthetic construct' ? 32630 ? 
4 1 sample 1 11 'synthetic construct' ? 32630 ? 
# 
loop_
_chem_comp.id 
_chem_comp.type 
_chem_comp.mon_nstd_flag 
_chem_comp.name 
_chem_comp.pdbx_synonyms 
_chem_comp.formula 
_chem_comp.formula_weight 
CA non-polymer   . 'CALCIUM ION'                        ? 'Ca 2'            40.078  
DA 'DNA linking' y "2'-DEOXYADENOSINE-5'-MONOPHOSPHATE" ? 'C10 H14 N5 O6 P' 331.222 
DC 'DNA linking' y "2'-DEOXYCYTIDINE-5'-MONOPHOSPHATE"  ? 'C9 H14 N3 O7 P'  307.197 
DG 'DNA linking' y "2'-DEOXYGUANOSINE-5'-MONOPHOSPHATE" ? 'C10 H14 N5 O7 P' 347.221 
DT 'DNA linking' y "THYMIDINE-5'-MONOPHOSPHATE"         ? 'C10 H15 N2 O8 P' 322.208 
# 
loop_
_pdbx_poly_seq_scheme.asym_id 
_pdbx_poly_seq_scheme.entity_id 
_pdbx_poly_seq_scheme.seq_id 
_pdbx_poly_seq_scheme.mon_id 
_pdbx_poly_seq_scheme.ndb_seq_num 
_pdbx_poly_seq_scheme.pdb_seq_num 
_pdbx_poly_seq_scheme.auth_seq_num 
_pdbx_poly_seq_scheme.pdb_mon_id 
_pdbx_poly_seq_scheme.auth_mon_id 
_pdbx_poly_seq_scheme.pdb_strand_id 
_pdbx_poly_seq_scheme.pdb_ins_code 
_pdbx_poly_seq_scheme.hetero 
A 1 1  DC 1  14 14 DC DC A . n 
A 1 2  DA 2  15 15 DA DA A . n 
A 1 3  DC 3  16 16 DC DC A . n 
A 1 4  DA 4  17 17 DA DA A . n 
A 1 5  DC 5  18 18 DC DC A . n 
A 1 6  DC 6  19 19 DC DC A . n 
A 1 7  DG 7  20 20 DG DG A . n 
A 1 8  DT 8  21 21 DT DT A . n 
B 2 1  DG 1  1  1  DG DG B . n 
B 2 2  DA 2  2  2  DA DA B . n 
B 2 3  DG 3  3  3  DG DG B . n 
B 2 4  DA 4  4  4  DA DA B . n 
B 2 5  DG 5  5  5  DG DG B . n 
B 2 6  DC 6  6  6  DC DC B . n 
B 2 7  DT 7  7  7  DT DT B . n 
B 2 8  DG 8  8  8  DG DG B . n 
B 2 9  DT 9  9  9  DT DT B . n 
B 2 10 DG 10 10 10 DG DG B . n 
C 3 1  DT 1  1  1  DT DT C . n 
C 3 2  DC 2  2  2  DC DC C . n 
C 3 3  DT 3  3  3  DT DT C . n 
C 3 4  DG 4  4  4  DG DG C . n 
C 3 5  DA 5  5  5  DA DA C . n 
C 3 6  DT 6  6  6  DT DT C . n 
C 3 7  DC 7  7  7  DC DC C . n 
C 3 8  DG 8  8  8  DG DG C . n 
C 3 9  DT 9  9  9  DT DT C . n 
C 3 10 DG 10 10 10 DG DG C . n 
C 3 11 DC 11 11 11 DC DC C . n 
C 3 12 DT 12 12 12 DT DT C . n 
C 3 13 DC 13 13 13 DC DC C . n 
D 4 1  DA 1  11 11 DA DA D . n 
D 4 2  DC 2  12 12 DC DC D . n 
D 4 3  DG 3  13 13 DG DG D . n 
D 4 4  DG 4  14 14 DG DG D . n 
D 4 5  DA 5  15 15 DA DA D . n 
D 4 6  DC 6  16 16 DC DC D . n 
D 4 7  DG 7  17 17 DG DG D . n 
D 4 8  DA 8  18 18 DA DA D . n 
D 4 9  DT 9  19 19 DT DT D . n 
D 4 10 DC 10 20 20 DC DC D . n 
D 4 11 DA 11 21 21 DA DA D . n 
# 
_pdbx_entity_instance_feature.ordinal        1 
_pdbx_entity_instance_feature.comp_id        CA 
_pdbx_entity_instance_feature.asym_id        ? 
_pdbx_entity_instance_feature.seq_num        ? 
_pdbx_entity_instance_feature.auth_comp_id   CA 
_pdbx_entity_instance_feature.auth_asym_id   ? 
_pdbx_entity_instance_feature.auth_seq_num   ? 
_pdbx_entity_instance_feature.feature_type   'SUBJECT OF INVESTIGATION' 
_pdbx_entity_instance_feature.details        ? 
# 
loop_
_pdbx_nonpoly_scheme.asym_id 
_pdbx_nonpoly_scheme.entity_id 
_pdbx_nonpoly_scheme.mon_id 
_pdbx_nonpoly_scheme.ndb_seq_num 
_pdbx_nonpoly_scheme.pdb_seq_num 
_pdbx_nonpoly_scheme.auth_seq_num 
_pdbx_nonpoly_scheme.pdb_mon_id 
_pdbx_nonpoly_scheme.auth_mon_id 
_pdbx_nonpoly_scheme.pdb_strand_id 
_pdbx_nonpoly_scheme.pdb_ins_code 
E 5 CA 1 101 5 CA CA B . 
F 5 CA 1 101 4 CA CA D . 
# 
loop_
_software.citation_id 
_software.classification 
_software.compiler_name 
_software.compiler_version 
_software.contact_author 
_software.contact_author_email 
_software.date 
_software.description 
_software.dependencies 
_software.hardware 
_software.language 
_software.location 
_software.mods 
_software.name 
_software.os 
_software.os_version 
_software.type 
_software.version 
_software.pdbx_reference_DOI 
_software.pdbx_ordinal 
? refinement       ? ? ? ? ? ? ? ? ? ? ? PHENIX    ? ? ? 1.21.2_5419 ? 1 
? 'data reduction' ? ? ? ? ? ? ? ? ? ? ? autoPROC  ? ? ? .           ? 2 
? 'data scaling'   ? ? ? ? ? ? ? ? ? ? ? STARANISO ? ? ? .           ? 3 
? phasing          ? ? ? ? ? ? ? ? ? ? ? PHASER    ? ? ? .           ? 4 
# 
_cell.angle_alpha                  90.000 
_cell.angle_alpha_esd              ? 
_cell.angle_beta                   90.000 
_cell.angle_beta_esd               ? 
_cell.angle_gamma                  120.000 
_cell.angle_gamma_esd              ? 
_cell.entry_id                     9OSM 
_cell.details                      ? 
_cell.formula_units_Z              ? 
_cell.length_a                     111.704 
_cell.length_a_esd                 ? 
_cell.length_b                     111.704 
_cell.length_b_esd                 ? 
_cell.length_c                     67.674 
_cell.length_c_esd                 ? 
_cell.volume                       731290.495 
_cell.volume_esd                   ? 
_cell.Z_PDB                        9 
_cell.reciprocal_angle_alpha       ? 
_cell.reciprocal_angle_beta        ? 
_cell.reciprocal_angle_gamma       ? 
_cell.reciprocal_angle_alpha_esd   ? 
_cell.reciprocal_angle_beta_esd    ? 
_cell.reciprocal_angle_gamma_esd   ? 
_cell.reciprocal_length_a          ? 
_cell.reciprocal_length_b          ? 
_cell.reciprocal_length_c          ? 
_cell.reciprocal_length_a_esd      ? 
_cell.reciprocal_length_b_esd      ? 
_cell.reciprocal_length_c_esd      ? 
_cell.pdbx_unique_axis             ? 
_cell.pdbx_esd_method              ? 
# 
_symmetry.entry_id                         9OSM 
_symmetry.cell_setting                     ? 
_symmetry.Int_Tables_number                146 
_symmetry.space_group_name_Hall            'R 3' 
_symmetry.space_group_name_H-M             'H 3' 
_symmetry.pdbx_full_space_group_name_H-M   ? 
# 
_exptl.absorpt_coefficient_mu     ? 
_exptl.absorpt_correction_T_max   ? 
_exptl.absorpt_correction_T_min   ? 
_exptl.absorpt_correction_type    ? 
_exptl.absorpt_process_details    ? 
_exptl.entry_id                   9OSM 
_exptl.crystals_number            1 
_exptl.details                    ? 
_exptl.method                     'X-RAY DIFFRACTION' 
_exptl.method_details             ? 
# 
_exptl_crystal.colour                       ? 
_exptl_crystal.density_diffrn               ? 
_exptl_crystal.density_Matthews             6.35 
_exptl_crystal.density_method               ? 
_exptl_crystal.density_percent_sol          80.63 
_exptl_crystal.description                  ? 
_exptl_crystal.F_000                        ? 
_exptl_crystal.id                           1 
_exptl_crystal.preparation                  ? 
_exptl_crystal.size_max                     ? 
_exptl_crystal.size_mid                     ? 
_exptl_crystal.size_min                     ? 
_exptl_crystal.size_rad                     ? 
_exptl_crystal.colour_lustre                ? 
_exptl_crystal.colour_modifier              ? 
_exptl_crystal.colour_primary               ? 
_exptl_crystal.density_meas                 ? 
_exptl_crystal.density_meas_esd             ? 
_exptl_crystal.density_meas_gt              ? 
_exptl_crystal.density_meas_lt              ? 
_exptl_crystal.density_meas_temp            ? 
_exptl_crystal.density_meas_temp_esd        ? 
_exptl_crystal.density_meas_temp_gt         ? 
_exptl_crystal.density_meas_temp_lt         ? 
_exptl_crystal.pdbx_crystal_image_url       ? 
_exptl_crystal.pdbx_crystal_image_format    ? 
_exptl_crystal.pdbx_mosaicity               ? 
_exptl_crystal.pdbx_mosaicity_esd           ? 
_exptl_crystal.pdbx_mosaic_method           ? 
_exptl_crystal.pdbx_mosaic_block_size       ? 
_exptl_crystal.pdbx_mosaic_block_size_esd   ? 
# 
_exptl_crystal_grow.apparatus       ? 
_exptl_crystal_grow.atmosphere      ? 
_exptl_crystal_grow.crystal_id      1 
_exptl_crystal_grow.details         ? 
_exptl_crystal_grow.method          'VAPOR DIFFUSION, HANGING DROP' 
_exptl_crystal_grow.method_ref      ? 
_exptl_crystal_grow.pH              ? 
_exptl_crystal_grow.pressure        ? 
_exptl_crystal_grow.pressure_esd    ? 
_exptl_crystal_grow.seeding         ? 
_exptl_crystal_grow.seeding_ref     ? 
_exptl_crystal_grow.temp_details    '338-293 at 0.4/hr' 
_exptl_crystal_grow.temp_esd        ? 
_exptl_crystal_grow.time            ? 
_exptl_crystal_grow.pdbx_details    '100 mM MOPS, 1.25 M magnesium sulfate' 
_exptl_crystal_grow.pdbx_pH_range   ? 
_exptl_crystal_grow.temp            293 
# 
_diffrn.ambient_environment              ? 
_diffrn.ambient_temp                     100 
_diffrn.ambient_temp_details             ? 
_diffrn.ambient_temp_esd                 ? 
_diffrn.crystal_id                       1 
_diffrn.crystal_support                  ? 
_diffrn.crystal_treatment                ? 
_diffrn.details                          ? 
_diffrn.id                               1 
_diffrn.ambient_pressure                 ? 
_diffrn.ambient_pressure_esd             ? 
_diffrn.ambient_pressure_gt              ? 
_diffrn.ambient_pressure_lt              ? 
_diffrn.ambient_temp_gt                  ? 
_diffrn.ambient_temp_lt                  ? 
_diffrn.pdbx_serial_crystal_experiment   N 
# 
_diffrn_detector.details                      ? 
_diffrn_detector.detector                     PIXEL 
_diffrn_detector.diffrn_id                    1 
_diffrn_detector.type                         'DECTRIS EIGER X 9M' 
_diffrn_detector.area_resol_mean              ? 
_diffrn_detector.dtime                        ? 
_diffrn_detector.pdbx_frames_total            ? 
_diffrn_detector.pdbx_collection_time_total   ? 
_diffrn_detector.pdbx_collection_date         2023-05-13 
_diffrn_detector.pdbx_frequency               ? 
_diffrn_detector.id                           ? 
_diffrn_detector.number_of_axes               ? 
# 
_diffrn_radiation.collimation                      ? 
_diffrn_radiation.diffrn_id                        1 
_diffrn_radiation.filter_edge                      ? 
_diffrn_radiation.inhomogeneity                    ? 
_diffrn_radiation.monochromator                    ? 
_diffrn_radiation.polarisn_norm                    ? 
_diffrn_radiation.polarisn_ratio                   ? 
_diffrn_radiation.probe                            ? 
_diffrn_radiation.type                             ? 
_diffrn_radiation.xray_symbol                      ? 
_diffrn_radiation.wavelength_id                    1 
_diffrn_radiation.pdbx_monochromatic_or_laue_m_l   M 
_diffrn_radiation.pdbx_wavelength_list             ? 
_diffrn_radiation.pdbx_wavelength                  ? 
_diffrn_radiation.pdbx_diffrn_protocol             'SINGLE WAVELENGTH' 
_diffrn_radiation.pdbx_analyzer                    ? 
_diffrn_radiation.pdbx_scattering_type             x-ray 
# 
_diffrn_radiation_wavelength.id           1 
_diffrn_radiation_wavelength.wavelength   0.92010 
_diffrn_radiation_wavelength.wt           1.0 
# 
_diffrn_source.current                     ? 
_diffrn_source.details                     ? 
_diffrn_source.diffrn_id                   1 
_diffrn_source.power                       ? 
_diffrn_source.size                        ? 
_diffrn_source.source                      SYNCHROTRON 
_diffrn_source.target                      ? 
_diffrn_source.type                        'APS BEAMLINE 17-ID' 
_diffrn_source.voltage                     ? 
_diffrn_source.take-off_angle              ? 
_diffrn_source.pdbx_wavelength_list        0.92010 
_diffrn_source.pdbx_wavelength             ? 
_diffrn_source.pdbx_synchrotron_beamline   17-ID 
_diffrn_source.pdbx_synchrotron_site       APS 
# 
_reflns.B_iso_Wilson_estimate                          63.75 
_reflns.entry_id                                       9OSM 
_reflns.data_reduction_details                         ? 
_reflns.data_reduction_method                          ? 
_reflns.d_resolution_high                              2.93 
_reflns.d_resolution_low                               55.852 
_reflns.details                                        ? 
_reflns.limit_h_max                                    ? 
_reflns.limit_h_min                                    ? 
_reflns.limit_k_max                                    ? 
_reflns.limit_k_min                                    ? 
_reflns.limit_l_max                                    ? 
_reflns.limit_l_min                                    ? 
_reflns.number_all                                     ? 
_reflns.number_obs                                     3522 
_reflns.observed_criterion                             ? 
_reflns.observed_criterion_F_max                       ? 
_reflns.observed_criterion_F_min                       ? 
_reflns.observed_criterion_I_max                       ? 
_reflns.observed_criterion_I_min                       ? 
_reflns.observed_criterion_sigma_F                     ? 
_reflns.observed_criterion_sigma_I                     ? 
_reflns.percent_possible_obs                           76.5 
_reflns.R_free_details                                 ? 
_reflns.Rmerge_F_all                                   ? 
_reflns.Rmerge_F_obs                                   ? 
_reflns.Friedel_coverage                               ? 
_reflns.number_gt                                      ? 
_reflns.threshold_expression                           ? 
_reflns.pdbx_redundancy                                8.5 
_reflns.pdbx_netI_over_av_sigmaI                       ? 
_reflns.pdbx_netI_over_sigmaI                          10.1 
_reflns.pdbx_res_netI_over_av_sigmaI_2                 ? 
_reflns.pdbx_res_netI_over_sigmaI_2                    ? 
_reflns.pdbx_chi_squared                               ? 
_reflns.pdbx_scaling_rejects                           ? 
_reflns.pdbx_d_res_high_opt                            ? 
_reflns.pdbx_d_res_low_opt                             ? 
_reflns.pdbx_d_res_opt_method                          ? 
_reflns.phase_calculation_details                      ? 
_reflns.pdbx_Rrim_I_all                                ? 
_reflns.pdbx_Rpim_I_all                                ? 
_reflns.pdbx_d_opt                                     ? 
_reflns.pdbx_number_measured_all                       ? 
_reflns.pdbx_diffrn_id                                 1 
_reflns.pdbx_ordinal                                   1 
_reflns.pdbx_CC_half                                   0.999 
_reflns.pdbx_CC_star                                   ? 
_reflns.pdbx_R_split                                   ? 
_reflns.pdbx_Rmerge_I_obs                              ? 
_reflns.pdbx_Rmerge_I_all                              ? 
_reflns.pdbx_Rsym_value                                ? 
_reflns.pdbx_CC_split_method                           ? 
_reflns.pdbx_aniso_diffraction_limit_axis_1_ortho[1]   ? 
_reflns.pdbx_aniso_diffraction_limit_axis_1_ortho[2]   ? 
_reflns.pdbx_aniso_diffraction_limit_axis_1_ortho[3]   ? 
_reflns.pdbx_aniso_diffraction_limit_axis_2_ortho[1]   ? 
_reflns.pdbx_aniso_diffraction_limit_axis_2_ortho[2]   ? 
_reflns.pdbx_aniso_diffraction_limit_axis_2_ortho[3]   ? 
_reflns.pdbx_aniso_diffraction_limit_axis_3_ortho[1]   ? 
_reflns.pdbx_aniso_diffraction_limit_axis_3_ortho[2]   ? 
_reflns.pdbx_aniso_diffraction_limit_axis_3_ortho[3]   ? 
_reflns.pdbx_aniso_diffraction_limit_1                 ? 
_reflns.pdbx_aniso_diffraction_limit_2                 ? 
_reflns.pdbx_aniso_diffraction_limit_3                 ? 
_reflns.pdbx_aniso_B_tensor_eigenvector_1_ortho[1]     ? 
_reflns.pdbx_aniso_B_tensor_eigenvector_1_ortho[2]     ? 
_reflns.pdbx_aniso_B_tensor_eigenvector_1_ortho[3]     ? 
_reflns.pdbx_aniso_B_tensor_eigenvector_2_ortho[1]     ? 
_reflns.pdbx_aniso_B_tensor_eigenvector_2_ortho[2]     ? 
_reflns.pdbx_aniso_B_tensor_eigenvector_2_ortho[3]     ? 
_reflns.pdbx_aniso_B_tensor_eigenvector_3_ortho[1]     ? 
_reflns.pdbx_aniso_B_tensor_eigenvector_3_ortho[2]     ? 
_reflns.pdbx_aniso_B_tensor_eigenvector_3_ortho[3]     ? 
_reflns.pdbx_aniso_B_tensor_eigenvalue_1               ? 
_reflns.pdbx_aniso_B_tensor_eigenvalue_2               ? 
_reflns.pdbx_aniso_B_tensor_eigenvalue_3               ? 
_reflns.pdbx_orthogonalization_convention              ? 
_reflns.pdbx_percent_possible_ellipsoidal              ? 
_reflns.pdbx_percent_possible_spherical                ? 
_reflns.pdbx_percent_possible_ellipsoidal_anomalous    ? 
_reflns.pdbx_percent_possible_spherical_anomalous      ? 
_reflns.pdbx_redundancy_anomalous                      ? 
_reflns.pdbx_CC_half_anomalous                         ? 
_reflns.pdbx_absDiff_over_sigma_anomalous              ? 
_reflns.pdbx_percent_possible_anomalous                ? 
_reflns.pdbx_observed_signal_threshold                 ? 
_reflns.pdbx_signal_type                               ? 
_reflns.pdbx_signal_details                            ? 
_reflns.pdbx_signal_software_id                        ? 
# 
loop_
_reflns_shell.d_res_high 
_reflns_shell.d_res_low 
_reflns_shell.meanI_over_sigI_all 
_reflns_shell.meanI_over_sigI_obs 
_reflns_shell.number_measured_all 
_reflns_shell.number_measured_obs 
_reflns_shell.number_possible 
_reflns_shell.number_unique_all 
_reflns_shell.number_unique_obs 
_reflns_shell.percent_possible_obs 
_reflns_shell.Rmerge_F_all 
_reflns_shell.Rmerge_F_obs 
_reflns_shell.meanI_over_sigI_gt 
_reflns_shell.meanI_over_uI_all 
_reflns_shell.meanI_over_uI_gt 
_reflns_shell.number_measured_gt 
_reflns_shell.number_unique_gt 
_reflns_shell.percent_possible_gt 
_reflns_shell.Rmerge_F_gt 
_reflns_shell.Rmerge_I_gt 
_reflns_shell.pdbx_redundancy 
_reflns_shell.pdbx_chi_squared 
_reflns_shell.pdbx_netI_over_sigmaI_all 
_reflns_shell.pdbx_netI_over_sigmaI_obs 
_reflns_shell.pdbx_Rrim_I_all 
_reflns_shell.pdbx_Rpim_I_all 
_reflns_shell.pdbx_rejects 
_reflns_shell.pdbx_ordinal 
_reflns_shell.pdbx_diffrn_id 
_reflns_shell.pdbx_CC_half 
_reflns_shell.pdbx_CC_star 
_reflns_shell.pdbx_R_split 
_reflns_shell.percent_possible_all 
_reflns_shell.Rmerge_I_all 
_reflns_shell.Rmerge_I_obs 
_reflns_shell.pdbx_Rsym_value 
_reflns_shell.pdbx_percent_possible_ellipsoidal 
_reflns_shell.pdbx_percent_possible_spherical 
_reflns_shell.pdbx_percent_possible_ellipsoidal_anomalous 
_reflns_shell.pdbx_percent_possible_spherical_anomalous 
_reflns_shell.pdbx_redundancy_anomalous 
_reflns_shell.pdbx_CC_half_anomalous 
_reflns_shell.pdbx_absDiff_over_sigma_anomalous 
_reflns_shell.pdbx_percent_possible_anomalous 
2.93  3.258  ? ? ? ? ? ? 196 ? ? ? ? ? ? ? ? ? ? ? ? ? ? ? ? ? ? 1 1 0.748 ? ? ? ? ? ? ? ? ? ? ? ? ? ? 
9.560 55.852 ? ? ? ? ? ? 195 ? ? ? ? ? ? ? ? ? ? ? ? ? ? ? ? ? ? 2 1 0.999 ? ? ? ? ? ? ? ? ? ? ? ? ? ? 
# 
_refine.aniso_B[1][1]                            ? 
_refine.aniso_B[1][2]                            ? 
_refine.aniso_B[1][3]                            ? 
_refine.aniso_B[2][2]                            ? 
_refine.aniso_B[2][3]                            ? 
_refine.aniso_B[3][3]                            ? 
_refine.B_iso_max                                ? 
_refine.B_iso_mean                               135.87 
_refine.B_iso_min                                ? 
_refine.correlation_coeff_Fo_to_Fc               ? 
_refine.correlation_coeff_Fo_to_Fc_free          ? 
_refine.details                                  ? 
_refine.diff_density_max                         ? 
_refine.diff_density_max_esd                     ? 
_refine.diff_density_min                         ? 
_refine.diff_density_min_esd                     ? 
_refine.diff_density_rms                         ? 
_refine.diff_density_rms_esd                     ? 
_refine.entry_id                                 9OSM 
_refine.pdbx_refine_id                           'X-RAY DIFFRACTION' 
_refine.ls_abs_structure_details                 ? 
_refine.ls_abs_structure_Flack                   ? 
_refine.ls_abs_structure_Flack_esd               ? 
_refine.ls_abs_structure_Rogers                  ? 
_refine.ls_abs_structure_Rogers_esd              ? 
_refine.ls_d_res_high                            2.93 
_refine.ls_d_res_low                             39.35 
_refine.ls_extinction_coef                       ? 
_refine.ls_extinction_coef_esd                   ? 
_refine.ls_extinction_expression                 ? 
_refine.ls_extinction_method                     ? 
_refine.ls_goodness_of_fit_all                   ? 
_refine.ls_goodness_of_fit_all_esd               ? 
_refine.ls_goodness_of_fit_obs                   ? 
_refine.ls_goodness_of_fit_obs_esd               ? 
_refine.ls_hydrogen_treatment                    ? 
_refine.ls_matrix_type                           ? 
_refine.ls_number_constraints                    ? 
_refine.ls_number_parameters                     ? 
_refine.ls_number_reflns_all                     ? 
_refine.ls_number_reflns_obs                     3497 
_refine.ls_number_reflns_R_free                  211 
_refine.ls_number_reflns_R_work                  3286 
_refine.ls_number_restraints                     ? 
_refine.ls_percent_reflns_obs                    51.69 
_refine.ls_percent_reflns_R_free                 6.03 
_refine.ls_R_factor_all                          ? 
_refine.ls_R_factor_obs                          0.2323 
_refine.ls_R_factor_R_free                       0.2909 
_refine.ls_R_factor_R_free_error                 ? 
_refine.ls_R_factor_R_free_error_details         ? 
_refine.ls_R_factor_R_work                       0.2289 
_refine.ls_R_Fsqd_factor_obs                     ? 
_refine.ls_R_I_factor_obs                        ? 
_refine.ls_redundancy_reflns_all                 ? 
_refine.ls_redundancy_reflns_obs                 ? 
_refine.ls_restrained_S_all                      ? 
_refine.ls_restrained_S_obs                      ? 
_refine.ls_shift_over_esd_max                    ? 
_refine.ls_shift_over_esd_mean                   ? 
_refine.ls_structure_factor_coef                 ? 
_refine.ls_weighting_details                     ? 
_refine.ls_weighting_scheme                      ? 
_refine.ls_wR_factor_all                         ? 
_refine.ls_wR_factor_obs                         ? 
_refine.ls_wR_factor_R_free                      ? 
_refine.ls_wR_factor_R_work                      ? 
_refine.occupancy_max                            ? 
_refine.occupancy_min                            ? 
_refine.solvent_model_details                    'FLAT BULK SOLVENT MODEL' 
_refine.solvent_model_param_bsol                 ? 
_refine.solvent_model_param_ksol                 ? 
_refine.correlation_coeff_I_to_Fcsqd_work        ? 
_refine.correlation_coeff_I_to_Fcsqd_free        ? 
_refine.pdbx_R_complete                          ? 
_refine.ls_R_factor_gt                           ? 
_refine.ls_goodness_of_fit_gt                    ? 
_refine.ls_goodness_of_fit_ref                   ? 
_refine.ls_shift_over_su_max                     ? 
_refine.ls_shift_over_su_max_lt                  ? 
_refine.ls_shift_over_su_mean                    ? 
_refine.ls_shift_over_su_mean_lt                 ? 
_refine.pdbx_ls_sigma_I                          ? 
_refine.pdbx_ls_sigma_F                          1.96 
_refine.pdbx_ls_sigma_Fsqd                       ? 
_refine.pdbx_data_cutoff_high_absF               ? 
_refine.pdbx_data_cutoff_high_rms_absF           ? 
_refine.pdbx_data_cutoff_low_absF                ? 
_refine.pdbx_isotropic_thermal_model             ? 
_refine.pdbx_ls_cross_valid_method               'FREE R-VALUE' 
_refine.pdbx_method_to_determine_struct          'MOLECULAR REPLACEMENT' 
_refine.pdbx_starting_model                      ? 
_refine.pdbx_stereochemistry_target_values       'GeoStd + Monomer Library + CDL v1.2' 
_refine.pdbx_R_Free_selection_details            ? 
_refine.pdbx_stereochem_target_val_spec_case     ? 
_refine.pdbx_overall_ESU_R                       ? 
_refine.pdbx_overall_ESU_R_Free                  ? 
_refine.pdbx_solvent_vdw_probe_radii             1.1000 
_refine.pdbx_solvent_ion_probe_radii             ? 
_refine.pdbx_solvent_shrinkage_radii             0.9000 
_refine.pdbx_real_space_R                        ? 
_refine.pdbx_density_correlation                 ? 
_refine.pdbx_pd_number_of_powder_patterns        ? 
_refine.pdbx_pd_number_of_points                 ? 
_refine.pdbx_pd_meas_number_of_points            ? 
_refine.pdbx_pd_proc_ls_prof_R_factor            ? 
_refine.pdbx_pd_proc_ls_prof_wR_factor           ? 
_refine.pdbx_pd_Marquardt_correlation_coeff      ? 
_refine.pdbx_pd_Fsqrd_R_factor                   ? 
_refine.pdbx_pd_ls_matrix_band_width             ? 
_refine.pdbx_overall_phase_error                 33.1159 
_refine.pdbx_overall_SU_R_free_Cruickshank_DPI   ? 
_refine.pdbx_overall_SU_R_free_Blow_DPI          ? 
_refine.pdbx_overall_SU_R_Blow_DPI               ? 
_refine.pdbx_TLS_residual_ADP_flag               ? 
_refine.pdbx_diffrn_id                           1 
_refine.overall_SU_B                             ? 
_refine.overall_SU_ML                            0.4594 
_refine.overall_SU_R_Cruickshank_DPI             ? 
_refine.overall_SU_R_free                        ? 
_refine.overall_FOM_free_R_set                   ? 
_refine.overall_FOM_work_R_set                   ? 
_refine.pdbx_average_fsc_overall                 ? 
_refine.pdbx_average_fsc_work                    ? 
_refine.pdbx_average_fsc_free                    ? 
# 
_refine_hist.pdbx_refine_id                   'X-RAY DIFFRACTION' 
_refine_hist.cycle_id                         LAST 
_refine_hist.details                          ? 
_refine_hist.d_res_high                       2.93 
_refine_hist.d_res_low                        39.35 
_refine_hist.number_atoms_solvent             0 
_refine_hist.number_atoms_total               857 
_refine_hist.number_reflns_all                ? 
_refine_hist.number_reflns_obs                ? 
_refine_hist.number_reflns_R_free             ? 
_refine_hist.number_reflns_R_work             ? 
_refine_hist.R_factor_all                     ? 
_refine_hist.R_factor_obs                     ? 
_refine_hist.R_factor_R_free                  ? 
_refine_hist.R_factor_R_work                  ? 
_refine_hist.pdbx_number_residues_total       ? 
_refine_hist.pdbx_B_iso_mean_ligand           ? 
_refine_hist.pdbx_B_iso_mean_solvent          ? 
_refine_hist.pdbx_number_atoms_protein        0 
_refine_hist.pdbx_number_atoms_nucleic_acid   855 
_refine_hist.pdbx_number_atoms_ligand         2 
_refine_hist.pdbx_number_atoms_lipid          ? 
_refine_hist.pdbx_number_atoms_carb           ? 
_refine_hist.pdbx_pseudo_atom_details         ? 
# 
loop_
_refine_ls_restr.pdbx_refine_id 
_refine_ls_restr.criterion 
_refine_ls_restr.dev_ideal 
_refine_ls_restr.dev_ideal_target 
_refine_ls_restr.number 
_refine_ls_restr.rejects 
_refine_ls_restr.type 
_refine_ls_restr.weight 
_refine_ls_restr.pdbx_Zscore 
_refine_ls_restr.pdbx_restraint_function 
'X-RAY DIFFRACTION' ? 0.0084  ? 956  ? f_bond_d           ? ? ? 
'X-RAY DIFFRACTION' ? 0.8279  ? 1467 ? f_angle_d          ? ? ? 
'X-RAY DIFFRACTION' ? 0.0467  ? 166  ? f_chiral_restr     ? ? ? 
'X-RAY DIFFRACTION' ? 0.0047  ? 42   ? f_plane_restr      ? ? ? 
'X-RAY DIFFRACTION' ? 34.4424 ? 442  ? f_dihedral_angle_d ? ? ? 
# 
loop_
_refine_ls_shell.pdbx_refine_id 
_refine_ls_shell.d_res_high 
_refine_ls_shell.d_res_low 
_refine_ls_shell.number_reflns_all 
_refine_ls_shell.number_reflns_obs 
_refine_ls_shell.number_reflns_R_free 
_refine_ls_shell.number_reflns_R_work 
_refine_ls_shell.percent_reflns_obs 
_refine_ls_shell.percent_reflns_R_free 
_refine_ls_shell.R_factor_all 
_refine_ls_shell.R_factor_obs 
_refine_ls_shell.R_factor_R_free_error 
_refine_ls_shell.R_factor_R_work 
_refine_ls_shell.redundancy_reflns_all 
_refine_ls_shell.redundancy_reflns_obs 
_refine_ls_shell.wR_factor_all 
_refine_ls_shell.wR_factor_obs 
_refine_ls_shell.wR_factor_R_free 
_refine_ls_shell.wR_factor_R_work 
_refine_ls_shell.pdbx_R_complete 
_refine_ls_shell.correlation_coeff_Fo_to_Fc 
_refine_ls_shell.correlation_coeff_Fo_to_Fc_free 
_refine_ls_shell.correlation_coeff_I_to_Fcsqd_work 
_refine_ls_shell.correlation_coeff_I_to_Fcsqd_free 
_refine_ls_shell.pdbx_total_number_of_bins_used 
_refine_ls_shell.pdbx_phase_error 
_refine_ls_shell.pdbx_fsc_work 
_refine_ls_shell.pdbx_fsc_free 
_refine_ls_shell.R_factor_R_free 
'X-RAY DIFFRACTION' 2.93 3.69  . . 32  676  20.95 . . . . 0.3316 . . . . . . . . . . . . . . . 0.4622 
'X-RAY DIFFRACTION' 3.70 39.35 . . 179 2610 82.47 . . . . 0.2156 . . . . . . . . . . . . . . . 0.2719 
# 
_struct.entry_id                     9OSM 
_struct.title                        
;[4,8,7-2] Shifted tensegrity triangle with an (arm,center,arm) distribution of (4,8,7) base pairs and 2 nt sticky ends complexing calcium
;
_struct.pdbx_model_details           ? 
_struct.pdbx_formula_weight          ? 
_struct.pdbx_formula_weight_method   ? 
_struct.pdbx_model_type_details      ? 
_struct.pdbx_CASP_flag               N 
# 
_struct_keywords.entry_id        9OSM 
_struct_keywords.text            'tensegrity triangle, DNA' 
_struct_keywords.pdbx_keywords   DNA 
# 
loop_
_struct_asym.id 
_struct_asym.pdbx_blank_PDB_chainid_flag 
_struct_asym.pdbx_modified 
_struct_asym.entity_id 
_struct_asym.details 
A N N 1 ? 
B N N 2 ? 
C N N 3 ? 
D N N 4 ? 
E N N 5 ? 
F N N 5 ? 
# 
loop_
_struct_ref.id 
_struct_ref.db_name 
_struct_ref.db_code 
_struct_ref.pdbx_db_accession 
_struct_ref.pdbx_db_isoform 
_struct_ref.entity_id 
_struct_ref.pdbx_seq_one_letter_code 
_struct_ref.pdbx_align_begin 
1 PDB 9OSM 9OSM ? 1 ? 1 
2 PDB 9OSM 9OSM ? 2 ? 1 
3 PDB 9OSM 9OSM ? 3 ? 1 
4 PDB 9OSM 9OSM ? 4 ? 1 
# 
loop_
_struct_ref_seq.align_id 
_struct_ref_seq.ref_id 
_struct_ref_seq.pdbx_PDB_id_code 
_struct_ref_seq.pdbx_strand_id 
_struct_ref_seq.seq_align_beg 
_struct_ref_seq.pdbx_seq_align_beg_ins_code 
_struct_ref_seq.seq_align_end 
_struct_ref_seq.pdbx_seq_align_end_ins_code 
_struct_ref_seq.pdbx_db_accession 
_struct_ref_seq.db_align_beg 
_struct_ref_seq.pdbx_db_align_beg_ins_code 
_struct_ref_seq.db_align_end 
_struct_ref_seq.pdbx_db_align_end_ins_code 
_struct_ref_seq.pdbx_auth_seq_align_beg 
_struct_ref_seq.pdbx_auth_seq_align_end 
1 1 9OSM A 1 ? 8  ? 9OSM 14 ? 21 ? 14 21 
2 2 9OSM B 1 ? 10 ? 9OSM 1  ? 10 ? 1  10 
3 3 9OSM C 1 ? 13 ? 9OSM 1  ? 13 ? 1  13 
4 4 9OSM D 1 ? 11 ? 9OSM 11 ? 21 ? 11 21 
# 
_pdbx_struct_assembly.id                   1 
_pdbx_struct_assembly.details              author_defined_assembly 
_pdbx_struct_assembly.method_details       ? 
_pdbx_struct_assembly.oligomeric_details   dodecameric 
_pdbx_struct_assembly.oligomeric_count     12 
# 
loop_
_pdbx_struct_assembly_gen.assembly_id 
_pdbx_struct_assembly_gen.oper_expression 
_pdbx_struct_assembly_gen.asym_id_list 
1 1 A,B,C,D,E,F 
1 2 A,B,C,D,E,F 
1 3 A,B,C,D,E,F 
# 
_pdbx_struct_assembly_auth_evidence.id                     1 
_pdbx_struct_assembly_auth_evidence.assembly_id            1 
_pdbx_struct_assembly_auth_evidence.experimental_support   'native gel electrophoresis' 
_pdbx_struct_assembly_auth_evidence.details                ? 
# 
loop_
_pdbx_struct_oper_list.id 
_pdbx_struct_oper_list.type 
_pdbx_struct_oper_list.name 
_pdbx_struct_oper_list.symmetry_operation 
_pdbx_struct_oper_list.matrix[1][1] 
_pdbx_struct_oper_list.matrix[1][2] 
_pdbx_struct_oper_list.matrix[1][3] 
_pdbx_struct_oper_list.vector[1] 
_pdbx_struct_oper_list.matrix[2][1] 
_pdbx_struct_oper_list.matrix[2][2] 
_pdbx_struct_oper_list.matrix[2][3] 
_pdbx_struct_oper_list.vector[2] 
_pdbx_struct_oper_list.matrix[3][1] 
_pdbx_struct_oper_list.matrix[3][2] 
_pdbx_struct_oper_list.matrix[3][3] 
_pdbx_struct_oper_list.vector[3] 
1 'identity operation'         1_555 x,y,z     1.0000000000  0.0000000000 0.0000000000  0.0000000000  0.0000000000 1.0000000000 0.0000000000 0.0000000000  0.0000000000  0.0000000000 1.0000000000  0.0000000000   
2 'crystal symmetry operation' 2_555 -y,x-y,z  -0.4770569841 0.0134080907 0.8787700820  26.9381698745 0.3477341340 0.9211700325 0.1747190409 -8.8114666028 -0.8071540163 0.3889292921 -0.4441130484 27.1741670507  
3 'crystal symmetry operation' 3_555 -x+y,-x,z -0.4770569841 0.3477341340 -0.8071540163 37.8488278598 0.0134080907 0.9211700325 0.3889292921 -2.8131600034 0.8787700820  0.1747190409 -0.4441130484 -10.0645245896 
# 
loop_
_struct_conn.id 
_struct_conn.conn_type_id 
_struct_conn.pdbx_leaving_atom_flag 
_struct_conn.pdbx_PDB_id 
_struct_conn.ptnr1_label_asym_id 
_struct_conn.ptnr1_label_comp_id 
_struct_conn.ptnr1_label_seq_id 
_struct_conn.ptnr1_label_atom_id 
_struct_conn.pdbx_ptnr1_label_alt_id 
_struct_conn.pdbx_ptnr1_PDB_ins_code 
_struct_conn.pdbx_ptnr1_standard_comp_id 
_struct_conn.ptnr1_symmetry 
_struct_conn.ptnr2_label_asym_id 
_struct_conn.ptnr2_label_comp_id 
_struct_conn.ptnr2_label_seq_id 
_struct_conn.ptnr2_label_atom_id 
_struct_conn.pdbx_ptnr2_label_alt_id 
_struct_conn.pdbx_ptnr2_PDB_ins_code 
_struct_conn.ptnr1_auth_asym_id 
_struct_conn.ptnr1_auth_comp_id 
_struct_conn.ptnr1_auth_seq_id 
_struct_conn.ptnr2_auth_asym_id 
_struct_conn.ptnr2_auth_comp_id 
_struct_conn.ptnr2_auth_seq_id 
_struct_conn.ptnr2_symmetry 
_struct_conn.pdbx_ptnr3_label_atom_id 
_struct_conn.pdbx_ptnr3_label_seq_id 
_struct_conn.pdbx_ptnr3_label_comp_id 
_struct_conn.pdbx_ptnr3_label_asym_id 
_struct_conn.pdbx_ptnr3_label_alt_id 
_struct_conn.pdbx_ptnr3_PDB_ins_code 
_struct_conn.details 
_struct_conn.pdbx_dist_value 
_struct_conn.pdbx_value_order 
_struct_conn.pdbx_role 
hydrog1  hydrog ? ? A DC 1 N3 ? ? ? 1_555 B DG 10 N1 ? ? A DC 14 B DG 10 1_555 ? ? ? ? ? ? WATSON-CRICK ? ? ? 
hydrog2  hydrog ? ? A DC 1 N4 ? ? ? 1_555 B DG 10 O6 ? ? A DC 14 B DG 10 1_555 ? ? ? ? ? ? WATSON-CRICK ? ? ? 
hydrog3  hydrog ? ? A DC 1 O2 ? ? ? 1_555 B DG 10 N2 ? ? A DC 14 B DG 10 1_555 ? ? ? ? ? ? WATSON-CRICK ? ? ? 
hydrog4  hydrog ? ? A DA 2 N1 ? ? ? 1_555 B DT 9  N3 ? ? A DA 15 B DT 9  1_555 ? ? ? ? ? ? WATSON-CRICK ? ? ? 
hydrog5  hydrog ? ? A DA 2 N6 ? ? ? 1_555 B DT 9  O4 ? ? A DA 15 B DT 9  1_555 ? ? ? ? ? ? WATSON-CRICK ? ? ? 
hydrog6  hydrog ? ? A DC 3 N3 ? ? ? 1_555 B DG 8  N1 ? ? A DC 16 B DG 8  1_555 ? ? ? ? ? ? WATSON-CRICK ? ? ? 
hydrog7  hydrog ? ? A DC 3 N4 ? ? ? 1_555 B DG 8  O6 ? ? A DC 16 B DG 8  1_555 ? ? ? ? ? ? WATSON-CRICK ? ? ? 
hydrog8  hydrog ? ? A DC 3 O2 ? ? ? 1_555 B DG 8  N2 ? ? A DC 16 B DG 8  1_555 ? ? ? ? ? ? WATSON-CRICK ? ? ? 
hydrog9  hydrog ? ? A DA 4 N1 ? ? ? 1_555 B DT 7  N3 ? ? A DA 17 B DT 7  1_555 ? ? ? ? ? ? WATSON-CRICK ? ? ? 
hydrog10 hydrog ? ? A DA 4 N6 ? ? ? 1_555 B DT 7  O4 ? ? A DA 17 B DT 7  1_555 ? ? ? ? ? ? WATSON-CRICK ? ? ? 
hydrog11 hydrog ? ? A DC 5 N3 ? ? ? 1_555 D DG 4  N1 ? ? A DC 18 D DG 14 1_555 ? ? ? ? ? ? WATSON-CRICK ? ? ? 
hydrog12 hydrog ? ? A DC 5 N4 ? ? ? 1_555 D DG 4  O6 ? ? A DC 18 D DG 14 1_555 ? ? ? ? ? ? WATSON-CRICK ? ? ? 
hydrog13 hydrog ? ? A DC 5 O2 ? ? ? 1_555 D DG 4  N2 ? ? A DC 18 D DG 14 1_555 ? ? ? ? ? ? WATSON-CRICK ? ? ? 
hydrog14 hydrog ? ? A DC 6 N3 ? ? ? 1_555 D DG 3  N1 ? ? A DC 19 D DG 13 1_555 ? ? ? ? ? ? WATSON-CRICK ? ? ? 
hydrog15 hydrog ? ? A DC 6 N4 ? ? ? 1_555 D DG 3  O6 ? ? A DC 19 D DG 13 1_555 ? ? ? ? ? ? WATSON-CRICK ? ? ? 
hydrog16 hydrog ? ? A DC 6 O2 ? ? ? 1_555 D DG 3  N2 ? ? A DC 19 D DG 13 1_555 ? ? ? ? ? ? WATSON-CRICK ? ? ? 
hydrog17 hydrog ? ? A DG 7 N1 ? ? ? 1_555 D DC 2  N3 ? ? A DG 20 D DC 12 1_555 ? ? ? ? ? ? WATSON-CRICK ? ? ? 
hydrog18 hydrog ? ? A DG 7 N2 ? ? ? 1_555 D DC 2  O2 ? ? A DG 20 D DC 12 1_555 ? ? ? ? ? ? WATSON-CRICK ? ? ? 
hydrog19 hydrog ? ? A DG 7 O6 ? ? ? 1_555 D DC 2  N4 ? ? A DG 20 D DC 12 1_555 ? ? ? ? ? ? WATSON-CRICK ? ? ? 
hydrog20 hydrog ? ? A DT 8 N3 ? ? ? 1_555 D DA 1  N1 ? ? A DT 21 D DA 11 1_555 ? ? ? ? ? ? WATSON-CRICK ? ? ? 
hydrog21 hydrog ? ? A DT 8 O4 ? ? ? 1_555 D DA 1  N6 ? ? A DT 21 D DA 11 1_555 ? ? ? ? ? ? WATSON-CRICK ? ? ? 
hydrog22 hydrog ? ? B DG 3 N1 ? ? ? 1_555 C DC 13 N3 ? ? B DG 3  C DC 13 1_555 ? ? ? ? ? ? WATSON-CRICK ? ? ? 
hydrog23 hydrog ? ? B DG 3 N2 ? ? ? 1_555 C DC 13 O2 ? ? B DG 3  C DC 13 1_555 ? ? ? ? ? ? WATSON-CRICK ? ? ? 
hydrog24 hydrog ? ? B DG 3 O6 ? ? ? 1_555 C DC 13 N4 ? ? B DG 3  C DC 13 1_555 ? ? ? ? ? ? WATSON-CRICK ? ? ? 
hydrog25 hydrog ? ? B DA 4 N1 ? ? ? 1_555 C DT 12 N3 ? ? B DA 4  C DT 12 1_555 ? ? ? ? ? ? WATSON-CRICK ? ? ? 
hydrog26 hydrog ? ? B DA 4 N6 ? ? ? 1_555 C DT 12 O4 ? ? B DA 4  C DT 12 1_555 ? ? ? ? ? ? WATSON-CRICK ? ? ? 
hydrog27 hydrog ? ? B DG 5 N1 ? ? ? 1_555 C DC 11 N3 ? ? B DG 5  C DC 11 1_555 ? ? ? ? ? ? WATSON-CRICK ? ? ? 
hydrog28 hydrog ? ? B DG 5 N2 ? ? ? 1_555 C DC 11 O2 ? ? B DG 5  C DC 11 1_555 ? ? ? ? ? ? WATSON-CRICK ? ? ? 
hydrog29 hydrog ? ? B DG 5 O6 ? ? ? 1_555 C DC 11 N4 ? ? B DG 5  C DC 11 1_555 ? ? ? ? ? ? WATSON-CRICK ? ? ? 
hydrog30 hydrog ? ? B DC 6 N3 ? ? ? 1_555 C DG 10 N1 ? ? B DC 6  C DG 10 1_555 ? ? ? ? ? ? WATSON-CRICK ? ? ? 
hydrog31 hydrog ? ? B DC 6 N4 ? ? ? 1_555 C DG 10 O6 ? ? B DC 6  C DG 10 1_555 ? ? ? ? ? ? WATSON-CRICK ? ? ? 
hydrog32 hydrog ? ? B DC 6 O2 ? ? ? 1_555 C DG 10 N2 ? ? B DC 6  C DG 10 1_555 ? ? ? ? ? ? WATSON-CRICK ? ? ? 
hydrog33 hydrog ? ? C DT 3 N3 ? ? ? 1_555 D DA 11 N1 ? ? C DT 3  D DA 21 1_555 ? ? ? ? ? ? WATSON-CRICK ? ? ? 
hydrog34 hydrog ? ? C DT 3 O4 ? ? ? 1_555 D DA 11 N6 ? ? C DT 3  D DA 21 1_555 ? ? ? ? ? ? WATSON-CRICK ? ? ? 
hydrog35 hydrog ? ? C DG 4 N1 ? ? ? 1_555 D DC 10 N3 ? ? C DG 4  D DC 20 1_555 ? ? ? ? ? ? WATSON-CRICK ? ? ? 
hydrog36 hydrog ? ? C DG 4 N2 ? ? ? 1_555 D DC 10 O2 ? ? C DG 4  D DC 20 1_555 ? ? ? ? ? ? WATSON-CRICK ? ? ? 
hydrog37 hydrog ? ? C DG 4 O6 ? ? ? 1_555 D DC 10 N4 ? ? C DG 4  D DC 20 1_555 ? ? ? ? ? ? WATSON-CRICK ? ? ? 
hydrog38 hydrog ? ? C DA 5 N1 ? ? ? 1_555 D DT 9  N3 ? ? C DA 5  D DT 19 1_555 ? ? ? ? ? ? WATSON-CRICK ? ? ? 
hydrog39 hydrog ? ? C DA 5 N6 ? ? ? 1_555 D DT 9  O4 ? ? C DA 5  D DT 19 1_555 ? ? ? ? ? ? WATSON-CRICK ? ? ? 
hydrog40 hydrog ? ? C DT 6 N3 ? ? ? 1_555 D DA 8  N1 ? ? C DT 6  D DA 18 1_555 ? ? ? ? ? ? WATSON-CRICK ? ? ? 
hydrog41 hydrog ? ? C DT 6 O4 ? ? ? 1_555 D DA 8  N6 ? ? C DT 6  D DA 18 1_555 ? ? ? ? ? ? WATSON-CRICK ? ? ? 
hydrog42 hydrog ? ? C DC 7 N3 ? ? ? 1_555 D DG 7  N1 ? ? C DC 7  D DG 17 1_555 ? ? ? ? ? ? WATSON-CRICK ? ? ? 
hydrog43 hydrog ? ? C DC 7 N4 ? ? ? 1_555 D DG 7  O6 ? ? C DC 7  D DG 17 1_555 ? ? ? ? ? ? WATSON-CRICK ? ? ? 
hydrog44 hydrog ? ? C DC 7 O2 ? ? ? 1_555 D DG 7  N2 ? ? C DC 7  D DG 17 1_555 ? ? ? ? ? ? WATSON-CRICK ? ? ? 
hydrog45 hydrog ? ? C DG 8 N1 ? ? ? 1_555 D DC 6  N3 ? ? C DG 8  D DC 16 1_555 ? ? ? ? ? ? WATSON-CRICK ? ? ? 
hydrog46 hydrog ? ? C DG 8 N2 ? ? ? 1_555 D DC 6  O2 ? ? C DG 8  D DC 16 1_555 ? ? ? ? ? ? WATSON-CRICK ? ? ? 
hydrog47 hydrog ? ? C DG 8 O6 ? ? ? 1_555 D DC 6  N4 ? ? C DG 8  D DC 16 1_555 ? ? ? ? ? ? WATSON-CRICK ? ? ? 
hydrog48 hydrog ? ? C DT 9 N3 ? ? ? 1_555 D DA 5  N1 ? ? C DT 9  D DA 15 1_555 ? ? ? ? ? ? WATSON-CRICK ? ? ? 
hydrog49 hydrog ? ? C DT 9 O4 ? ? ? 1_555 D DA 5  N6 ? ? C DT 9  D DA 15 1_555 ? ? ? ? ? ? WATSON-CRICK ? ? ? 
# 
_struct_conn_type.id          hydrog 
_struct_conn_type.criteria    ? 
_struct_conn_type.reference   ? 
# 
_pdbx_entry_details.entry_id                   9OSM 
_pdbx_entry_details.nonpolymer_details         ? 
_pdbx_entry_details.sequence_details           ? 
_pdbx_entry_details.compound_details           ? 
_pdbx_entry_details.source_details             ? 
_pdbx_entry_details.has_ligand_of_interest     Y 
_pdbx_entry_details.has_protein_modification   N 
# 
_pdbx_validate_rmsd_bond.id                        1 
_pdbx_validate_rmsd_bond.PDB_model_num             1 
_pdbx_validate_rmsd_bond.auth_atom_id_1            "O3'" 
_pdbx_validate_rmsd_bond.auth_asym_id_1            B 
_pdbx_validate_rmsd_bond.auth_comp_id_1            DA 
_pdbx_validate_rmsd_bond.auth_seq_id_1             2 
_pdbx_validate_rmsd_bond.PDB_ins_code_1            ? 
_pdbx_validate_rmsd_bond.label_alt_id_1            ? 
_pdbx_validate_rmsd_bond.auth_atom_id_2            "C3'" 
_pdbx_validate_rmsd_bond.auth_asym_id_2            B 
_pdbx_validate_rmsd_bond.auth_comp_id_2            DA 
_pdbx_validate_rmsd_bond.auth_seq_id_2             2 
_pdbx_validate_rmsd_bond.PDB_ins_code_2            ? 
_pdbx_validate_rmsd_bond.label_alt_id_2            ? 
_pdbx_validate_rmsd_bond.bond_value                1.371 
_pdbx_validate_rmsd_bond.bond_target_value         1.419 
_pdbx_validate_rmsd_bond.bond_deviation            -0.048 
_pdbx_validate_rmsd_bond.bond_standard_deviation   0.006 
_pdbx_validate_rmsd_bond.linker_flag               N 
# 
_pdbx_validate_rmsd_angle.id                         1 
_pdbx_validate_rmsd_angle.PDB_model_num              1 
_pdbx_validate_rmsd_angle.auth_atom_id_1             "O4'" 
_pdbx_validate_rmsd_angle.auth_asym_id_1             D 
_pdbx_validate_rmsd_angle.auth_comp_id_1             DG 
_pdbx_validate_rmsd_angle.auth_seq_id_1              14 
_pdbx_validate_rmsd_angle.PDB_ins_code_1             ? 
_pdbx_validate_rmsd_angle.label_alt_id_1             ? 
_pdbx_validate_rmsd_angle.auth_atom_id_2             "C1'" 
_pdbx_validate_rmsd_angle.auth_asym_id_2             D 
_pdbx_validate_rmsd_angle.auth_comp_id_2             DG 
_pdbx_validate_rmsd_angle.auth_seq_id_2              14 
_pdbx_validate_rmsd_angle.PDB_ins_code_2             ? 
_pdbx_validate_rmsd_angle.label_alt_id_2             ? 
_pdbx_validate_rmsd_angle.auth_atom_id_3             N9 
_pdbx_validate_rmsd_angle.auth_asym_id_3             D 
_pdbx_validate_rmsd_angle.auth_comp_id_3             DG 
_pdbx_validate_rmsd_angle.auth_seq_id_3              14 
_pdbx_validate_rmsd_angle.PDB_ins_code_3             ? 
_pdbx_validate_rmsd_angle.label_alt_id_3             ? 
_pdbx_validate_rmsd_angle.angle_value                110.70 
_pdbx_validate_rmsd_angle.angle_target_value         108.30 
_pdbx_validate_rmsd_angle.angle_deviation            2.40 
_pdbx_validate_rmsd_angle.angle_standard_deviation   0.30 
_pdbx_validate_rmsd_angle.linker_flag                N 
# 
loop_
_space_group_symop.id 
_space_group_symop.operation_xyz 
1 x,y,z                 
2 -y,x-y,z              
3 -x+y,-x,z             
4 x+1/3,y+2/3,z+2/3     
5 -y+1/3,x-y+2/3,z+2/3  
6 -x+y+1/3,-x+2/3,z+2/3 
7 x+2/3,y+1/3,z+1/3     
8 -y+2/3,x-y+1/3,z+1/3  
9 -x+y+2/3,-x+1/3,z+1/3 
# 
loop_
_pdbx_refine_tls.id 
_pdbx_refine_tls.pdbx_refine_id 
_pdbx_refine_tls.details 
_pdbx_refine_tls.method 
_pdbx_refine_tls.origin_x 
_pdbx_refine_tls.origin_y 
_pdbx_refine_tls.origin_z 
_pdbx_refine_tls.T[1][1] 
_pdbx_refine_tls.T[1][1]_esd 
_pdbx_refine_tls.T[1][2] 
_pdbx_refine_tls.T[1][2]_esd 
_pdbx_refine_tls.T[1][3] 
_pdbx_refine_tls.T[1][3]_esd 
_pdbx_refine_tls.T[2][2] 
_pdbx_refine_tls.T[2][2]_esd 
_pdbx_refine_tls.T[2][3] 
_pdbx_refine_tls.T[2][3]_esd 
_pdbx_refine_tls.T[3][3] 
_pdbx_refine_tls.T[3][3]_esd 
_pdbx_refine_tls.L[1][1] 
_pdbx_refine_tls.L[1][1]_esd 
_pdbx_refine_tls.L[1][2] 
_pdbx_refine_tls.L[1][2]_esd 
_pdbx_refine_tls.L[1][3] 
_pdbx_refine_tls.L[1][3]_esd 
_pdbx_refine_tls.L[2][2] 
_pdbx_refine_tls.L[2][2]_esd 
_pdbx_refine_tls.L[2][3] 
_pdbx_refine_tls.L[2][3]_esd 
_pdbx_refine_tls.L[3][3] 
_pdbx_refine_tls.L[3][3]_esd 
_pdbx_refine_tls.S[1][1] 
_pdbx_refine_tls.S[1][1]_esd 
_pdbx_refine_tls.S[1][2] 
_pdbx_refine_tls.S[1][2]_esd 
_pdbx_refine_tls.S[1][3] 
_pdbx_refine_tls.S[1][3]_esd 
_pdbx_refine_tls.S[2][1] 
_pdbx_refine_tls.S[2][1]_esd 
_pdbx_refine_tls.S[2][2] 
_pdbx_refine_tls.S[2][2]_esd 
_pdbx_refine_tls.S[2][3] 
_pdbx_refine_tls.S[2][3]_esd 
_pdbx_refine_tls.S[3][1] 
_pdbx_refine_tls.S[3][1]_esd 
_pdbx_refine_tls.S[3][2] 
_pdbx_refine_tls.S[3][2]_esd 
_pdbx_refine_tls.S[3][3] 
_pdbx_refine_tls.S[3][3]_esd 
1 'X-RAY DIFFRACTION' ? refined 8.4148819812   -2.4738177226 0.18007549510  0.80868686732 ? 0.601556612018 ? -0.392839535128 ? 2.575672548721 ? -0.311651174706 ? 0.98688777982 ? 4.21525904707  ? 0.976913986878  ? 1.20982356292  ? 7.25034090251 ? 1.667647487052  ? 4.52709004720  ? 1.589324642718 ? -0.036276998970 ? 0.45081192905  ? -0.30582323172  ? 0.12811086682   ? -0.653675575192 ? -0.505692055997 ? 2.373617515230 ? -0.693517421692 ? 
2 'X-RAY DIFFRACTION' ? refined -1.42203737089 -8.8937599955 6.65530723656  2.32343697344 ? 0.200338020861 ? -0.784926946686 ? 1.90685009011  ? -0.188936950118 ? 1.22131650440 ? 8.49876237511  ? -0.42469332384  ? 3.253870245363 ? 0.06818922098 ? -0.50671463633  ? 1.217020854514 ? 1.328559026540 ? -2.12439213382  ? -2.19108830669 ? 1.48410075329   ? -1.22852900093  ? 1.32229875522   ? 3.14414879888   ? 1.39302179674  ? -0.375205617069 ? 
3 'X-RAY DIFFRACTION' ? refined -5.6161480932  3.9014855496  -1.55951026326 0.76179573467 ? 0.272923424638 ? 0.020019834162  ? 1.522947508422 ? -0.197984488910 ? 1.03030640337 ? 6.03229081459  ? -2.5230441117   ? 1.24566809188  ? 4.30746071320 ? -1.42269589018  ? 3.33974508115  ? 0.535122059499 ? -0.828135063040 ? 0.655715250641 ? -1.04283578410  ? 0.763546778635  ? -0.812067921311 ? -0.1213197507   ? 0.015478794345 ? -1.150783534570 ? 
4 'X-RAY DIFFRACTION' ? refined 2.0346800055   5.3725361741  -4.37281941723 -0.2555240892 ? 1.237610327777 ? 1.577764809971  ? 2.22040989162  ? -0.39561165325  ? 0.53559146874 ? 1.563910785183 ? -0.889378858894 ? -0.37164787683 ? 2.58876140365 ? -0.458998156197 ? 0.15602849846  ? 0.246185759821 ? 1.185673422713  ? 0.76688158212  ? -1.108647765521 ? -0.458294690860 ? -2.68585478464  ? 0.64206138443   ? 3.557153637272 ? 0.356234930258  ? 
# 
loop_
_pdbx_refine_tls_group.id 
_pdbx_refine_tls_group.pdbx_refine_id 
_pdbx_refine_tls_group.refine_tls_id 
_pdbx_refine_tls_group.beg_label_asym_id 
_pdbx_refine_tls_group.beg_label_seq_id 
_pdbx_refine_tls_group.beg_auth_asym_id 
_pdbx_refine_tls_group.beg_auth_seq_id 
_pdbx_refine_tls_group.beg_PDB_ins_code 
_pdbx_refine_tls_group.end_label_asym_id 
_pdbx_refine_tls_group.end_label_seq_id 
_pdbx_refine_tls_group.end_auth_asym_id 
_pdbx_refine_tls_group.end_auth_seq_id 
_pdbx_refine_tls_group.end_PDB_ins_code 
_pdbx_refine_tls_group.selection 
_pdbx_refine_tls_group.selection_details 
1 'X-RAY DIFFRACTION' 1 A ? A 14 ? A ? A 21 ? ? 
;(chain 'A' and resid 14 through 21)
;
2 'X-RAY DIFFRACTION' 2 B ? B 1  ? B ? B 10 ? ? 
;(chain 'B' and resid 1 through 10)
;
3 'X-RAY DIFFRACTION' 3 C ? C 1  ? C ? C 13 ? ? 
;(chain 'C' and resid 1 through 13)
;
4 'X-RAY DIFFRACTION' 4 D ? D 11 ? D ? D 21 ? ? 
;(chain 'D' and resid 11 through 21)
;
# 
loop_
_chem_comp_atom.comp_id 
_chem_comp_atom.atom_id 
_chem_comp_atom.type_symbol 
_chem_comp_atom.pdbx_aromatic_flag 
_chem_comp_atom.pdbx_stereo_config 
_chem_comp_atom.pdbx_ordinal 
CA CA     CA N N 1   
DA OP3    O  N N 2   
DA P      P  N N 3   
DA OP1    O  N N 4   
DA OP2    O  N N 5   
DA "O5'"  O  N N 6   
DA "C5'"  C  N N 7   
DA "C4'"  C  N R 8   
DA "O4'"  O  N N 9   
DA "C3'"  C  N S 10  
DA "O3'"  O  N N 11  
DA "C2'"  C  N N 12  
DA "C1'"  C  N R 13  
DA N9     N  Y N 14  
DA C8     C  Y N 15  
DA N7     N  Y N 16  
DA C5     C  Y N 17  
DA C6     C  Y N 18  
DA N6     N  N N 19  
DA N1     N  Y N 20  
DA C2     C  Y N 21  
DA N3     N  Y N 22  
DA C4     C  Y N 23  
DA HOP3   H  N N 24  
DA HOP2   H  N N 25  
DA "H5'"  H  N N 26  
DA "H5''" H  N N 27  
DA "H4'"  H  N N 28  
DA "H3'"  H  N N 29  
DA "HO3'" H  N N 30  
DA "H2'"  H  N N 31  
DA "H2''" H  N N 32  
DA "H1'"  H  N N 33  
DA H8     H  N N 34  
DA H61    H  N N 35  
DA H62    H  N N 36  
DA H2     H  N N 37  
DC OP3    O  N N 38  
DC P      P  N N 39  
DC OP1    O  N N 40  
DC OP2    O  N N 41  
DC "O5'"  O  N N 42  
DC "C5'"  C  N N 43  
DC "C4'"  C  N R 44  
DC "O4'"  O  N N 45  
DC "C3'"  C  N S 46  
DC "O3'"  O  N N 47  
DC "C2'"  C  N N 48  
DC "C1'"  C  N R 49  
DC N1     N  N N 50  
DC C2     C  N N 51  
DC O2     O  N N 52  
DC N3     N  N N 53  
DC C4     C  N N 54  
DC N4     N  N N 55  
DC C5     C  N N 56  
DC C6     C  N N 57  
DC HOP3   H  N N 58  
DC HOP2   H  N N 59  
DC "H5'"  H  N N 60  
DC "H5''" H  N N 61  
DC "H4'"  H  N N 62  
DC "H3'"  H  N N 63  
DC "HO3'" H  N N 64  
DC "H2'"  H  N N 65  
DC "H2''" H  N N 66  
DC "H1'"  H  N N 67  
DC H41    H  N N 68  
DC H42    H  N N 69  
DC H5     H  N N 70  
DC H6     H  N N 71  
DG OP3    O  N N 72  
DG P      P  N N 73  
DG OP1    O  N N 74  
DG OP2    O  N N 75  
DG "O5'"  O  N N 76  
DG "C5'"  C  N N 77  
DG "C4'"  C  N R 78  
DG "O4'"  O  N N 79  
DG "C3'"  C  N S 80  
DG "O3'"  O  N N 81  
DG "C2'"  C  N N 82  
DG "C1'"  C  N R 83  
DG N9     N  Y N 84  
DG C8     C  Y N 85  
DG N7     N  Y N 86  
DG C5     C  Y N 87  
DG C6     C  N N 88  
DG O6     O  N N 89  
DG N1     N  N N 90  
DG C2     C  N N 91  
DG N2     N  N N 92  
DG N3     N  N N 93  
DG C4     C  Y N 94  
DG HOP3   H  N N 95  
DG HOP2   H  N N 96  
DG "H5'"  H  N N 97  
DG "H5''" H  N N 98  
DG "H4'"  H  N N 99  
DG "H3'"  H  N N 100 
DG "HO3'" H  N N 101 
DG "H2'"  H  N N 102 
DG "H2''" H  N N 103 
DG "H1'"  H  N N 104 
DG H8     H  N N 105 
DG H1     H  N N 106 
DG H21    H  N N 107 
DG H22    H  N N 108 
DT OP3    O  N N 109 
DT P      P  N N 110 
DT OP1    O  N N 111 
DT OP2    O  N N 112 
DT "O5'"  O  N N 113 
DT "C5'"  C  N N 114 
DT "C4'"  C  N R 115 
DT "O4'"  O  N N 116 
DT "C3'"  C  N S 117 
DT "O3'"  O  N N 118 
DT "C2'"  C  N N 119 
DT "C1'"  C  N R 120 
DT N1     N  N N 121 
DT C2     C  N N 122 
DT O2     O  N N 123 
DT N3     N  N N 124 
DT C4     C  N N 125 
DT O4     O  N N 126 
DT C5     C  N N 127 
DT C7     C  N N 128 
DT C6     C  N N 129 
DT HOP3   H  N N 130 
DT HOP2   H  N N 131 
DT "H5'"  H  N N 132 
DT "H5''" H  N N 133 
DT "H4'"  H  N N 134 
DT "H3'"  H  N N 135 
DT "HO3'" H  N N 136 
DT "H2'"  H  N N 137 
DT "H2''" H  N N 138 
DT "H1'"  H  N N 139 
DT H3     H  N N 140 
DT H71    H  N N 141 
DT H72    H  N N 142 
DT H73    H  N N 143 
DT H6     H  N N 144 
# 
loop_
_chem_comp_bond.comp_id 
_chem_comp_bond.atom_id_1 
_chem_comp_bond.atom_id_2 
_chem_comp_bond.value_order 
_chem_comp_bond.pdbx_aromatic_flag 
_chem_comp_bond.pdbx_stereo_config 
_chem_comp_bond.pdbx_ordinal 
DA OP3   P      sing N N 1   
DA OP3   HOP3   sing N N 2   
DA P     OP1    doub N N 3   
DA P     OP2    sing N N 4   
DA P     "O5'"  sing N N 5   
DA OP2   HOP2   sing N N 6   
DA "O5'" "C5'"  sing N N 7   
DA "C5'" "C4'"  sing N N 8   
DA "C5'" "H5'"  sing N N 9   
DA "C5'" "H5''" sing N N 10  
DA "C4'" "O4'"  sing N N 11  
DA "C4'" "C3'"  sing N N 12  
DA "C4'" "H4'"  sing N N 13  
DA "O4'" "C1'"  sing N N 14  
DA "C3'" "O3'"  sing N N 15  
DA "C3'" "C2'"  sing N N 16  
DA "C3'" "H3'"  sing N N 17  
DA "O3'" "HO3'" sing N N 18  
DA "C2'" "C1'"  sing N N 19  
DA "C2'" "H2'"  sing N N 20  
DA "C2'" "H2''" sing N N 21  
DA "C1'" N9     sing N N 22  
DA "C1'" "H1'"  sing N N 23  
DA N9    C8     sing Y N 24  
DA N9    C4     sing Y N 25  
DA C8    N7     doub Y N 26  
DA C8    H8     sing N N 27  
DA N7    C5     sing Y N 28  
DA C5    C6     sing Y N 29  
DA C5    C4     doub Y N 30  
DA C6    N6     sing N N 31  
DA C6    N1     doub Y N 32  
DA N6    H61    sing N N 33  
DA N6    H62    sing N N 34  
DA N1    C2     sing Y N 35  
DA C2    N3     doub Y N 36  
DA C2    H2     sing N N 37  
DA N3    C4     sing Y N 38  
DC OP3   P      sing N N 39  
DC OP3   HOP3   sing N N 40  
DC P     OP1    doub N N 41  
DC P     OP2    sing N N 42  
DC P     "O5'"  sing N N 43  
DC OP2   HOP2   sing N N 44  
DC "O5'" "C5'"  sing N N 45  
DC "C5'" "C4'"  sing N N 46  
DC "C5'" "H5'"  sing N N 47  
DC "C5'" "H5''" sing N N 48  
DC "C4'" "O4'"  sing N N 49  
DC "C4'" "C3'"  sing N N 50  
DC "C4'" "H4'"  sing N N 51  
DC "O4'" "C1'"  sing N N 52  
DC "C3'" "O3'"  sing N N 53  
DC "C3'" "C2'"  sing N N 54  
DC "C3'" "H3'"  sing N N 55  
DC "O3'" "HO3'" sing N N 56  
DC "C2'" "C1'"  sing N N 57  
DC "C2'" "H2'"  sing N N 58  
DC "C2'" "H2''" sing N N 59  
DC "C1'" N1     sing N N 60  
DC "C1'" "H1'"  sing N N 61  
DC N1    C2     sing N N 62  
DC N1    C6     sing N N 63  
DC C2    O2     doub N N 64  
DC C2    N3     sing N N 65  
DC N3    C4     doub N N 66  
DC C4    N4     sing N N 67  
DC C4    C5     sing N N 68  
DC N4    H41    sing N N 69  
DC N4    H42    sing N N 70  
DC C5    C6     doub N N 71  
DC C5    H5     sing N N 72  
DC C6    H6     sing N N 73  
DG OP3   P      sing N N 74  
DG OP3   HOP3   sing N N 75  
DG P     OP1    doub N N 76  
DG P     OP2    sing N N 77  
DG P     "O5'"  sing N N 78  
DG OP2   HOP2   sing N N 79  
DG "O5'" "C5'"  sing N N 80  
DG "C5'" "C4'"  sing N N 81  
DG "C5'" "H5'"  sing N N 82  
DG "C5'" "H5''" sing N N 83  
DG "C4'" "O4'"  sing N N 84  
DG "C4'" "C3'"  sing N N 85  
DG "C4'" "H4'"  sing N N 86  
DG "O4'" "C1'"  sing N N 87  
DG "C3'" "O3'"  sing N N 88  
DG "C3'" "C2'"  sing N N 89  
DG "C3'" "H3'"  sing N N 90  
DG "O3'" "HO3'" sing N N 91  
DG "C2'" "C1'"  sing N N 92  
DG "C2'" "H2'"  sing N N 93  
DG "C2'" "H2''" sing N N 94  
DG "C1'" N9     sing N N 95  
DG "C1'" "H1'"  sing N N 96  
DG N9    C8     sing Y N 97  
DG N9    C4     sing Y N 98  
DG C8    N7     doub Y N 99  
DG C8    H8     sing N N 100 
DG N7    C5     sing Y N 101 
DG C5    C6     sing N N 102 
DG C5    C4     doub Y N 103 
DG C6    O6     doub N N 104 
DG C6    N1     sing N N 105 
DG N1    C2     sing N N 106 
DG N1    H1     sing N N 107 
DG C2    N2     sing N N 108 
DG C2    N3     doub N N 109 
DG N2    H21    sing N N 110 
DG N2    H22    sing N N 111 
DG N3    C4     sing N N 112 
DT OP3   P      sing N N 113 
DT OP3   HOP3   sing N N 114 
DT P     OP1    doub N N 115 
DT P     OP2    sing N N 116 
DT P     "O5'"  sing N N 117 
DT OP2   HOP2   sing N N 118 
DT "O5'" "C5'"  sing N N 119 
DT "C5'" "C4'"  sing N N 120 
DT "C5'" "H5'"  sing N N 121 
DT "C5'" "H5''" sing N N 122 
DT "C4'" "O4'"  sing N N 123 
DT "C4'" "C3'"  sing N N 124 
DT "C4'" "H4'"  sing N N 125 
DT "O4'" "C1'"  sing N N 126 
DT "C3'" "O3'"  sing N N 127 
DT "C3'" "C2'"  sing N N 128 
DT "C3'" "H3'"  sing N N 129 
DT "O3'" "HO3'" sing N N 130 
DT "C2'" "C1'"  sing N N 131 
DT "C2'" "H2'"  sing N N 132 
DT "C2'" "H2''" sing N N 133 
DT "C1'" N1     sing N N 134 
DT "C1'" "H1'"  sing N N 135 
DT N1    C2     sing N N 136 
DT N1    C6     sing N N 137 
DT C2    O2     doub N N 138 
DT C2    N3     sing N N 139 
DT N3    C4     sing N N 140 
DT N3    H3     sing N N 141 
DT C4    O4     doub N N 142 
DT C4    C5     sing N N 143 
DT C5    C7     sing N N 144 
DT C5    C6     doub N N 145 
DT C7    H71    sing N N 146 
DT C7    H72    sing N N 147 
DT C7    H73    sing N N 148 
DT C6    H6     sing N N 149 
# 
loop_
_ndb_struct_conf_na.entry_id 
_ndb_struct_conf_na.feature 
9OSM 'double helix'        
9OSM 'a-form double helix' 
9OSM 'b-form double helix' 
# 
loop_
_ndb_struct_na_base_pair.model_number 
_ndb_struct_na_base_pair.i_label_asym_id 
_ndb_struct_na_base_pair.i_label_comp_id 
_ndb_struct_na_base_pair.i_label_seq_id 
_ndb_struct_na_base_pair.i_symmetry 
_ndb_struct_na_base_pair.j_label_asym_id 
_ndb_struct_na_base_pair.j_label_comp_id 
_ndb_struct_na_base_pair.j_label_seq_id 
_ndb_struct_na_base_pair.j_symmetry 
_ndb_struct_na_base_pair.shear 
_ndb_struct_na_base_pair.stretch 
_ndb_struct_na_base_pair.stagger 
_ndb_struct_na_base_pair.buckle 
_ndb_struct_na_base_pair.propeller 
_ndb_struct_na_base_pair.opening 
_ndb_struct_na_base_pair.pair_number 
_ndb_struct_na_base_pair.pair_name 
_ndb_struct_na_base_pair.i_auth_asym_id 
_ndb_struct_na_base_pair.i_auth_seq_id 
_ndb_struct_na_base_pair.i_PDB_ins_code 
_ndb_struct_na_base_pair.j_auth_asym_id 
_ndb_struct_na_base_pair.j_auth_seq_id 
_ndb_struct_na_base_pair.j_PDB_ins_code 
_ndb_struct_na_base_pair.hbond_type_28 
_ndb_struct_na_base_pair.hbond_type_12 
1 A DC 1  1_555 B DG 10 1_555 0.204  -0.213 0.474  -4.658 2.089   -1.687 1  A_DC14:DG10_B A 14 ? B 10 ? 19 1 
1 A DA 2  1_555 B DT 9  1_555 0.040  -0.045 -0.042 -3.544 6.612   -3.929 2  A_DA15:DT9_B  A 15 ? B 9  ? 20 1 
1 A DC 3  1_555 B DG 8  1_555 0.152  -0.097 0.399  1.705  7.714   0.530  3  A_DC16:DG8_B  A 16 ? B 8  ? 19 1 
1 A DA 4  1_555 B DT 7  1_555 0.443  -0.155 0.796  5.976  -14.591 -6.390 4  A_DA17:DT7_B  A 17 ? B 7  ? 20 1 
1 C DG 10 1_555 B DC 6  1_555 -0.134 -0.189 0.628  0.451  -7.883  -2.142 5  C_DG10:DC6_B  C 10 ? B 6  ? 19 1 
1 C DC 11 1_555 B DG 5  1_555 0.101  -0.238 0.817  -6.720 -7.837  -2.432 6  C_DC11:DG5_B  C 11 ? B 5  ? 19 1 
1 C DT 12 1_555 B DA 4  1_555 -0.186 -0.154 0.576  -3.401 -0.461  -2.526 7  C_DT12:DA4_B  C 12 ? B 4  ? 20 1 
1 C DC 13 1_555 B DG 3  1_555 0.219  -0.281 0.736  -7.058 7.168   5.593  8  C_DC13:DG3_B  C 13 ? B 3  ? 19 1 
1 C DT 3  1_555 D DA 11 1_555 -0.239 -0.368 0.853  0.496  -5.938  0.666  9  C_DT3:DA21_D  C 3  ? D 21 ? 20 1 
1 C DG 4  1_555 D DC 10 1_555 -0.271 -0.282 -0.303 1.340  -11.118 0.875  10 C_DG4:DC20_D  C 4  ? D 20 ? 19 1 
1 C DA 5  1_555 D DT 9  1_555 0.360  -0.289 -1.126 -9.689 -5.064  -0.697 11 C_DA5:DT19_D  C 5  ? D 19 ? 20 1 
1 C DT 6  1_555 D DA 8  1_555 -0.074 -0.389 -0.917 0.556  -2.582  0.887  12 C_DT6:DA18_D  C 6  ? D 18 ? 20 1 
1 C DC 7  1_555 D DG 7  1_555 0.155  -0.181 -0.422 -4.876 -2.599  -1.687 13 C_DC7:DG17_D  C 7  ? D 17 ? 19 1 
1 C DG 8  1_555 D DC 6  1_555 -0.138 -0.104 0.293  2.649  -3.929  -2.230 14 C_DG8:DC16_D  C 8  ? D 16 ? 19 1 
1 C DT 9  1_555 D DA 5  1_555 -0.202 -0.060 0.350  3.831  -4.574  -5.401 15 C_DT9:DA15_D  C 9  ? D 15 ? 20 1 
1 A DC 5  1_555 D DG 4  1_555 0.164  -0.205 -0.050 -0.359 -7.701  2.557  16 A_DC18:DG14_D A 18 ? D 14 ? 19 1 
1 A DC 6  1_555 D DG 3  1_555 0.151  -0.193 0.382  -2.709 -8.302  -0.171 17 A_DC19:DG13_D A 19 ? D 13 ? 19 1 
1 A DG 7  1_555 D DC 2  1_555 -0.273 -0.309 -0.840 -8.065 -7.735  5.033  18 A_DG20:DC12_D A 20 ? D 12 ? 19 1 
1 A DT 8  1_555 D DA 1  1_555 -0.201 -0.281 -0.835 -0.884 -5.353  6.736  19 A_DT21:DA11_D A 21 ? D 11 ? 20 1 
# 
loop_
_ndb_struct_na_base_pair_step.model_number 
_ndb_struct_na_base_pair_step.i_label_asym_id_1 
_ndb_struct_na_base_pair_step.i_label_comp_id_1 
_ndb_struct_na_base_pair_step.i_label_seq_id_1 
_ndb_struct_na_base_pair_step.i_symmetry_1 
_ndb_struct_na_base_pair_step.j_label_asym_id_1 
_ndb_struct_na_base_pair_step.j_label_comp_id_1 
_ndb_struct_na_base_pair_step.j_label_seq_id_1 
_ndb_struct_na_base_pair_step.j_symmetry_1 
_ndb_struct_na_base_pair_step.i_label_asym_id_2 
_ndb_struct_na_base_pair_step.i_label_comp_id_2 
_ndb_struct_na_base_pair_step.i_label_seq_id_2 
_ndb_struct_na_base_pair_step.i_symmetry_2 
_ndb_struct_na_base_pair_step.j_label_asym_id_2 
_ndb_struct_na_base_pair_step.j_label_comp_id_2 
_ndb_struct_na_base_pair_step.j_label_seq_id_2 
_ndb_struct_na_base_pair_step.j_symmetry_2 
_ndb_struct_na_base_pair_step.shift 
_ndb_struct_na_base_pair_step.slide 
_ndb_struct_na_base_pair_step.rise 
_ndb_struct_na_base_pair_step.tilt 
_ndb_struct_na_base_pair_step.roll 
_ndb_struct_na_base_pair_step.twist 
_ndb_struct_na_base_pair_step.x_displacement 
_ndb_struct_na_base_pair_step.y_displacement 
_ndb_struct_na_base_pair_step.helical_rise 
_ndb_struct_na_base_pair_step.inclination 
_ndb_struct_na_base_pair_step.tip 
_ndb_struct_na_base_pair_step.helical_twist 
_ndb_struct_na_base_pair_step.step_number 
_ndb_struct_na_base_pair_step.step_name 
_ndb_struct_na_base_pair_step.i_auth_asym_id_1 
_ndb_struct_na_base_pair_step.i_auth_seq_id_1 
_ndb_struct_na_base_pair_step.i_PDB_ins_code_1 
_ndb_struct_na_base_pair_step.j_auth_asym_id_1 
_ndb_struct_na_base_pair_step.j_auth_seq_id_1 
_ndb_struct_na_base_pair_step.j_PDB_ins_code_1 
_ndb_struct_na_base_pair_step.i_auth_asym_id_2 
_ndb_struct_na_base_pair_step.i_auth_seq_id_2 
_ndb_struct_na_base_pair_step.i_PDB_ins_code_2 
_ndb_struct_na_base_pair_step.j_auth_asym_id_2 
_ndb_struct_na_base_pair_step.j_auth_seq_id_2 
_ndb_struct_na_base_pair_step.j_PDB_ins_code_2 
1 A DC 1  1_555 B DG 10 1_555 A DA 2  1_555 B DT 9  1_555 -0.269 0.806  3.443 0.249  -1.463  42.087 1.280  0.401  3.413 -2.037  
-0.346  42.112 1  AA_DC14DA15:DT9DG10_BB  A 14 ? B 10 ? A 15 ? B 9  ? 
1 A DA 2  1_555 B DT 9  1_555 A DC 3  1_555 B DG 8  1_555 -0.176 -1.434 3.233 -3.121 2.500   29.790 -3.264 -0.283 3.107 4.835   
6.036   30.051 2  AA_DA15DC16:DG8DT9_BB   A 15 ? B 9  ? A 16 ? B 8  ? 
1 A DC 3  1_555 B DG 8  1_555 A DA 4  1_555 B DT 7  1_555 -0.338 -0.555 3.312 -0.780 13.018  28.929 -3.374 0.478  2.816 24.545  
1.470   31.676 3  AA_DC16DA17:DT7DG8_BB   A 16 ? B 8  ? A 17 ? B 7  ? 
1 A DA 4  1_555 B DT 7  1_555 C DG 10 1_555 B DC 6  1_555 1.400  -1.244 3.394 1.669  -15.937 27.071 1.168  -2.224 3.630 -30.853 
-3.230  31.382 4  AC_DA17DG10:DC6DT7_BB   A 17 ? B 7  ? C 10 ? B 6  ? 
1 C DG 10 1_555 B DC 6  1_555 C DC 11 1_555 B DG 5  1_555 0.445  -1.706 3.187 0.260  -2.384  38.608 -2.285 -0.641 3.285 -3.602  
-0.392  38.680 5  CC_DG10DC11:DG5DC6_BB   C 10 ? B 6  ? C 11 ? B 5  ? 
1 C DC 11 1_555 B DG 5  1_555 C DT 12 1_555 B DA 4  1_555 -0.324 -0.713 2.946 4.628  3.905   31.321 -1.924 1.332  2.764 7.150   
-8.473  31.886 6  CC_DC11DT12:DA4DG5_BB   C 11 ? B 5  ? C 12 ? B 4  ? 
1 C DT 12 1_555 B DA 4  1_555 C DC 13 1_555 B DG 3  1_555 0.861  -0.367 3.163 -0.381 2.717   43.433 -0.747 -1.197 3.129 3.667   
0.514   43.516 7  CC_DT12DC13:DG3DA4_BB   C 12 ? B 4  ? C 13 ? B 3  ? 
1 C DT 3  1_555 D DA 11 1_555 C DG 4  1_555 D DC 10 1_555 -0.998 0.220  3.320 0.697  -5.103  38.461 0.960  1.588  3.248 -7.704  
-1.053  38.792 8  CC_DT3DG4:DC20DA21_DD   C 3  ? D 21 ? C 4  ? D 20 ? 
1 C DG 4  1_555 D DC 10 1_555 C DA 5  1_555 D DT 9  1_555 -0.192 -0.086 3.615 -0.598 -4.494  42.837 0.374  0.196  3.608 -6.133  
0.816   43.065 9  CC_DG4DA5:DT19DC20_DD   C 4  ? D 20 ? C 5  ? D 19 ? 
1 C DA 5  1_555 D DT 9  1_555 C DT 6  1_555 D DA 8  1_555 0.228  -0.423 3.129 -6.885 -0.457  31.465 -0.685 -1.579 3.018 -0.829  
12.507  32.194 10 CC_DA5DT6:DA18DT19_DD   C 5  ? D 19 ? C 6  ? D 18 ? 
1 C DT 6  1_555 D DA 8  1_555 C DC 7  1_555 D DG 7  1_555 -0.479 -0.511 3.333 -3.525 -4.063  37.426 -0.248 0.270  3.398 -6.292  
5.458   37.796 11 CC_DT6DC7:DG17DA18_DD   C 6  ? D 18 ? C 7  ? D 17 ? 
1 C DC 7  1_555 D DG 7  1_555 C DG 8  1_555 D DC 6  1_555 0.063  0.301  3.322 -1.689 3.615   33.387 -0.083 -0.391 3.328 6.265   
2.927   33.618 12 CC_DC7DG8:DC16DG17_DD   C 7  ? D 17 ? C 8  ? D 16 ? 
1 C DG 8  1_555 D DC 6  1_555 C DT 9  1_555 D DA 5  1_555 -0.449 0.252  3.233 0.582  -0.388  32.826 0.512  0.892  3.222 -0.687  
-1.029  32.833 13 CC_DG8DT9:DA15DC16_DD   C 8  ? D 16 ? C 9  ? D 15 ? 
1 C DT 9  1_555 D DA 5  1_555 A DC 5  1_555 D DG 4  1_555 1.919  0.286  3.178 7.659  -0.365  34.352 0.529  -1.993 3.509 -0.609  
-12.772 35.172 14 CA_DT9DC18:DG14DA15_DD  C 9  ? D 15 ? A 18 ? D 14 ? 
1 A DC 5  1_555 D DG 4  1_555 A DC 6  1_555 D DG 3  1_555 -1.091 0.737  3.484 2.866  5.214   35.381 0.398  2.211  3.458 8.505   
-4.675  35.862 15 AA_DC18DC19:DG13DG14_DD A 18 ? D 14 ? A 19 ? D 13 ? 
1 A DC 6  1_555 D DG 3  1_555 A DG 7  1_555 D DC 2  1_555 -0.073 2.938  3.611 -0.018 -0.988  44.889 3.944  0.094  3.549 -1.294  
0.023   44.899 16 AA_DC19DG20:DC12DG13_DD A 19 ? D 13 ? A 20 ? D 12 ? 
1 A DG 7  1_555 D DC 2  1_555 A DT 8  1_555 D DA 1  1_555 -0.259 -0.490 2.943 -1.576 3.862   27.547 -1.843 0.203  2.859 8.051   
3.285   27.855 17 AA_DG20DT21:DA11DC12_DD A 20 ? D 12 ? A 21 ? D 11 ? 
# 
loop_
_pdbx_audit_support.funding_organization 
_pdbx_audit_support.country 
_pdbx_audit_support.grant_number 
_pdbx_audit_support.ordinal 
'Office of Naval Research (ONR)'                   'United States' N000141912596 1 
'Department of Energy (DOE, United States)'        'United States' DE-SC0007991  2 
'National Science Foundation (NSF, United States)' 'United States' CCF-2106790   3 
'National Science Foundation (NSF, United States)' 'United States' GCR-2317843   4 
# 
_pdbx_initial_refinement_model.id               1 
_pdbx_initial_refinement_model.entity_id_list   ? 
_pdbx_initial_refinement_model.type             'experimental model' 
_pdbx_initial_refinement_model.source_name      PDB 
_pdbx_initial_refinement_model.accession_code   8d93 
_pdbx_initial_refinement_model.details          ? 
# 
_space_group.name_H-M_alt     'R 3 :H' 
_space_group.name_Hall        'R 3' 
_space_group.IT_number        146 
_space_group.crystal_system   trigonal 
_space_group.id               1 
# 
_atom_sites.entry_id                    9OSM 
_atom_sites.Cartn_transf_matrix[1][1]   ? 
_atom_sites.Cartn_transf_matrix[1][2]   ? 
_atom_sites.Cartn_transf_matrix[1][3]   ? 
_atom_sites.Cartn_transf_matrix[2][1]   ? 
_atom_sites.Cartn_transf_matrix[2][2]   ? 
_atom_sites.Cartn_transf_matrix[2][3]   ? 
_atom_sites.Cartn_transf_matrix[3][1]   ? 
_atom_sites.Cartn_transf_matrix[3][2]   ? 
_atom_sites.Cartn_transf_matrix[3][3]   ? 
_atom_sites.Cartn_transf_vector[1]      ? 
_atom_sites.Cartn_transf_vector[2]      ? 
_atom_sites.Cartn_transf_vector[3]      ? 
_atom_sites.Cartn_transform_axes        ? 
_atom_sites.fract_transf_matrix[1][1]   0.00697053 
_atom_sites.fract_transf_matrix[1][2]   -0.00232732 
_atom_sites.fract_transf_matrix[1][3]   0.00726995 
_atom_sites.fract_transf_matrix[2][1]   0.01000255 
_atom_sites.fract_transf_matrix[2][2]   -0.00077719 
_atom_sites.fract_transf_matrix[2][3]   -0.00248969 
_atom_sites.fract_transf_matrix[3][1]   0.00182754 
_atom_sites.fract_transf_matrix[3][2]   0.01438347 
_atom_sites.fract_transf_matrix[3][3]   0.00285230 
_atom_sites.fract_transf_vector[1]      -0.201013 
_atom_sites.fract_transf_vector[2]      -0.204824 
_atom_sites.fract_transf_vector[3]      0.043887 
_atom_sites.solution_primary            ? 
_atom_sites.solution_secondary          ? 
_atom_sites.solution_hydrogens          ? 
_atom_sites.special_details             ? 
# 
loop_
_atom_type.symbol 
_atom_type.scat_dispersion_real 
_atom_type.scat_dispersion_imag 
_atom_type.scat_Cromer_Mann_a1 
_atom_type.scat_Cromer_Mann_a2 
_atom_type.scat_Cromer_Mann_a3 
_atom_type.scat_Cromer_Mann_a4 
_atom_type.scat_Cromer_Mann_b1 
_atom_type.scat_Cromer_Mann_b2 
_atom_type.scat_Cromer_Mann_b3 
_atom_type.scat_Cromer_Mann_b4 
_atom_type.scat_Cromer_Mann_c 
_atom_type.scat_source 
_atom_type.scat_dispersion_source 
C  ? ? 3.54356  2.42580 ? ? 25.62398 1.50364  ? ? 0.0 
;2-Gaussian fit: Grosse-Kunstleve RW, Sauter NK, Adams PD: Newsletter of the IUCr Commission on Crystallographic Computing 2004, 3, 22-31.
;
? 
CA ? ? 16.26893 3.65395 ? ? 3.58509  77.28589 ? ? 0.0 
;2-Gaussian fit: Grosse-Kunstleve RW, Sauter NK, Adams PD: Newsletter of the IUCr Commission on Crystallographic Computing 2004, 3, 22-31.
;
? 
N  ? ? 4.01032  2.96436 ? ? 19.97189 1.75589  ? ? 0.0 
;2-Gaussian fit: Grosse-Kunstleve RW, Sauter NK, Adams PD: Newsletter of the IUCr Commission on Crystallographic Computing 2004, 3, 22-31.
;
? 
O  ? ? 7.96527  ?       ? ? 9.05267  ?        ? ? 0.0 
;1-Gaussian fit: Grosse-Kunstleve RW, Sauter NK, Adams PD: Newsletter of the IUCr Commission on Crystallographic Computing 2004, 3, 22-31.
;
? 
P  ? ? 9.51135  5.44231 ? ? 1.42069  35.72801 ? ? 0.0 
;2-Gaussian fit: Grosse-Kunstleve RW, Sauter NK, Adams PD: Newsletter of the IUCr Commission on Crystallographic Computing 2004, 3, 22-31.
;
? 
# 
loop_
_atom_site.group_PDB 
_atom_site.id 
_atom_site.type_symbol 
_atom_site.label_atom_id 
_atom_site.label_alt_id 
_atom_site.label_comp_id 
_atom_site.label_asym_id 
_atom_site.label_entity_id 
_atom_site.label_seq_id 
_atom_site.pdbx_PDB_ins_code 
_atom_site.Cartn_x 
_atom_site.Cartn_y 
_atom_site.Cartn_z 
_atom_site.occupancy 
_atom_site.B_iso_or_equiv 
_atom_site.pdbx_formal_charge 
_atom_site.auth_seq_id 
_atom_site.auth_comp_id 
_atom_site.auth_asym_id 
_atom_site.auth_atom_id 
_atom_site.pdbx_PDB_model_num 
ATOM   1   P  P     . DC A 1 1  ? 5.14617   -1.65936  20.34351  1.000 169.95833 ? 14  DC A P     1 
ATOM   2   O  OP1   . DC A 1 1  ? 6.03560   -1.72542  21.52109  1.000 165.23807 ? 14  DC A OP1   1 
ATOM   3   O  OP2   . DC A 1 1  ? 3.99301   -2.57443  20.21045  1.000 168.60484 ? 14  DC A OP2   1 
ATOM   4   O  "O5'" . DC A 1 1  ? 6.03959   -1.84010  19.04025  1.000 164.96457 ? 14  DC A "O5'" 1 
ATOM   5   C  "C5'" . DC A 1 1  ? 7.28041   -1.18152  18.94956  1.000 162.80899 ? 14  DC A "C5'" 1 
ATOM   6   C  "C4'" . DC A 1 1  ? 7.63669   -0.93006  17.49988  1.000 162.67864 ? 14  DC A "C4'" 1 
ATOM   7   O  "O4'" . DC A 1 1  ? 8.43139   -2.03396  16.99330  1.000 156.84607 ? 14  DC A "O4'" 1 
ATOM   8   C  "C3'" . DC A 1 1  ? 6.44245   -0.81103  16.55097  1.000 163.96875 ? 14  DC A "C3'" 1 
ATOM   9   O  "O3'" . DC A 1 1  ? 6.71761   0.16825   15.56541  1.000 166.78031 ? 14  DC A "O3'" 1 
ATOM   10  C  "C2'" . DC A 1 1  ? 6.37588   -2.20043  15.93252  1.000 157.40594 ? 14  DC A "C2'" 1 
ATOM   11  C  "C1'" . DC A 1 1  ? 7.85261   -2.50545  15.79918  1.000 152.31177 ? 14  DC A "C1'" 1 
ATOM   12  N  N1    . DC A 1 1  ? 8.15272   -3.93970  15.67974  1.000 145.46852 ? 14  DC A N1    1 
ATOM   13  C  C2    . DC A 1 1  ? 9.06235   -4.37720  14.71272  1.000 144.23338 ? 14  DC A C2    1 
ATOM   14  O  O2    . DC A 1 1  ? 9.59384   -3.54750  13.96501  1.000 144.12192 ? 14  DC A O2    1 
ATOM   15  N  N3    . DC A 1 1  ? 9.33161   -5.70229  14.62211  1.000 144.57518 ? 14  DC A N3    1 
ATOM   16  C  C4    . DC A 1 1  ? 8.73444   -6.56031  15.45110  1.000 145.14769 ? 14  DC A C4    1 
ATOM   17  N  N4    . DC A 1 1  ? 9.02741   -7.85571  15.33023  1.000 145.85896 ? 14  DC A N4    1 
ATOM   18  C  C5    . DC A 1 1  ? 7.80755   -6.12841  16.44186  1.000 145.51812 ? 14  DC A C5    1 
ATOM   19  C  C6    . DC A 1 1  ? 7.54901   -4.82261  16.51929  1.000 145.86894 ? 14  DC A C6    1 
ATOM   20  P  P     . DA A 1 2  ? 5.52040   0.86942   14.75499  1.000 155.31044 ? 15  DA A P     1 
ATOM   21  O  OP1   . DA A 1 2  ? 4.82560   1.77288   15.70062  1.000 156.76172 ? 15  DA A OP1   1 
ATOM   22  O  OP2   . DA A 1 2  ? 4.75926   -0.17569  14.03699  1.000 149.73445 ? 15  DA A OP2   1 
ATOM   23  O  "O5'" . DA A 1 2  ? 6.26911   1.73974   13.64249  1.000 154.44849 ? 15  DA A "O5'" 1 
ATOM   24  C  "C5'" . DA A 1 2  ? 5.91806   1.59239   12.27396  1.000 152.87284 ? 15  DA A "C5'" 1 
ATOM   25  C  "C4'" . DA A 1 2  ? 7.15872   1.50066   11.40796  1.000 148.28932 ? 15  DA A "C4'" 1 
ATOM   26  O  "O4'" . DA A 1 2  ? 7.92730   0.32970   11.78474  1.000 139.75064 ? 15  DA A "O4'" 1 
ATOM   27  C  "C3'" . DA A 1 2  ? 6.89026   1.34028   9.92275   1.000 147.81719 ? 15  DA A "C3'" 1 
ATOM   28  O  "O3'" . DA A 1 2  ? 7.98143   1.88846   9.17393   1.000 148.62422 ? 15  DA A "O3'" 1 
ATOM   29  C  "C2'" . DA A 1 2  ? 6.78577   -0.17101  9.78785   1.000 139.18048 ? 15  DA A "C2'" 1 
ATOM   30  C  "C1'" . DA A 1 2  ? 7.82606   -0.66170  10.78236  1.000 134.52905 ? 15  DA A "C1'" 1 
ATOM   31  N  N9    . DA A 1 2  ? 7.43214   -1.90494  11.41883  1.000 130.51207 ? 15  DA A N9    1 
ATOM   32  C  C8    . DA A 1 2  ? 6.54452   -2.04670  12.44336  1.000 132.04390 ? 15  DA A C8    1 
ATOM   33  N  N7    . DA A 1 2  ? 6.36303   -3.28581  12.81928  1.000 130.08155 ? 15  DA A N7    1 
ATOM   34  C  C5    . DA A 1 2  ? 7.18584   -4.01075  11.97931  1.000 129.90366 ? 15  DA A C5    1 
ATOM   35  C  C6    . DA A 1 2  ? 7.44529   -5.38599  11.87325  1.000 129.93858 ? 15  DA A C6    1 
ATOM   36  N  N6    . DA A 1 2  ? 6.87038   -6.29894  12.65935  1.000 130.12854 ? 15  DA A N6    1 
ATOM   37  N  N1    . DA A 1 2  ? 8.31799   -5.78740  10.92930  1.000 130.26803 ? 15  DA A N1    1 
ATOM   38  C  C2    . DA A 1 2  ? 8.89232   -4.86360  10.14579  1.000 130.62540 ? 15  DA A C2    1 
ATOM   39  N  N3    . DA A 1 2  ? 8.72627   -3.53810  10.15271  1.000 130.67242 ? 15  DA A N3    1 
ATOM   40  C  C4    . DA A 1 2  ? 7.85229   -3.17594  11.10379  1.000 130.21656 ? 15  DA A C4    1 
ATOM   41  P  P     . DC A 1 3  ? 8.38074   1.31839   7.72596   1.000 153.99597 ? 16  DC A P     1 
ATOM   42  O  OP1   . DC A 1 3  ? 9.18192   0.09855   7.99155   1.000 142.39002 ? 16  DC A OP1   1 
ATOM   43  O  OP2   . DC A 1 3  ? 9.03250   2.41857   6.98258   1.000 157.46240 ? 16  DC A OP2   1 
ATOM   44  O  "O5'" . DC A 1 3  ? 6.97441   1.11455   6.97651   1.000 150.35931 ? 16  DC A "O5'" 1 
ATOM   45  C  "C5'" . DC A 1 3  ? 6.56565   -0.15946  6.48763   1.000 141.53398 ? 16  DC A "C5'" 1 
ATOM   46  C  "C4'" . DC A 1 3  ? 7.68744   -0.85423  5.75992   1.000 133.80075 ? 16  DC A "C4'" 1 
ATOM   47  O  "O4'" . DC A 1 3  ? 8.16172   -1.96708  6.55546   1.000 130.38251 ? 16  DC A "O4'" 1 
ATOM   48  C  "C3'" . DC A 1 3  ? 7.30241   -1.43358  4.43126   1.000 128.53814 ? 16  DC A "C3'" 1 
ATOM   49  O  "O3'" . DC A 1 3  ? 8.39636   -1.40210  3.57677   1.000 129.60729 ? 16  DC A "O3'" 1 
ATOM   50  C  "C2'" . DC A 1 3  ? 6.88207   -2.85749  4.77303   1.000 125.12107 ? 16  DC A "C2'" 1 
ATOM   51  C  "C1'" . DC A 1 3  ? 7.70453   -3.19171  6.01437   1.000 127.85875 ? 16  DC A "C1'" 1 
ATOM   52  N  N1    . DC A 1 3  ? 6.91740   -3.92000  7.07768   1.000 126.53408 ? 16  DC A N1    1 
ATOM   53  C  C2    . DC A 1 3  ? 6.94908   -5.32608  7.15392   1.000 126.11120 ? 16  DC A C2    1 
ATOM   54  O  O2    . DC A 1 3  ? 7.62994   -5.96799  6.34886   1.000 126.77099 ? 16  DC A O2    1 
ATOM   55  N  N3    . DC A 1 3  ? 6.22975   -5.94908  8.12460   1.000 125.46955 ? 16  DC A N3    1 
ATOM   56  C  C4    . DC A 1 3  ? 5.50866   -5.23216  8.98127   1.000 125.29770 ? 16  DC A C4    1 
ATOM   57  N  N4    . DC A 1 3  ? 4.81484   -5.88460  9.91832   1.000 125.22408 ? 16  DC A N4    1 
ATOM   58  C  C5    . DC A 1 3  ? 5.46177   -3.81135  8.91820   1.000 125.67929 ? 16  DC A C5    1 
ATOM   59  C  C6    . DC A 1 3  ? 6.17365   -3.20513  7.96436   1.000 126.25609 ? 16  DC A C6    1 
ATOM   60  P  P     . DA A 1 4  ? 8.15302   -1.08980  2.02832   1.000 148.76490 ? 17  DA A P     1 
ATOM   61  O  OP1   . DA A 1 4  ? 9.46049   -0.76001  1.42367   1.000 150.96178 ? 17  DA A OP1   1 
ATOM   62  O  OP2   . DA A 1 4  ? 7.04004   -0.11890  1.95371   1.000 152.95226 ? 17  DA A OP2   1 
ATOM   63  O  "O5'" . DA A 1 4  ? 7.62228   -2.48367  1.46045   1.000 138.22347 ? 17  DA A "O5'" 1 
ATOM   64  C  "C5'" . DA A 1 4  ? 8.40162   -3.64434  1.64889   1.000 136.81237 ? 17  DA A "C5'" 1 
ATOM   65  C  "C4'" . DA A 1 4  ? 7.56107   -4.90289  1.55038   1.000 131.84466 ? 17  DA A "C4'" 1 
ATOM   66  O  "O4'" . DA A 1 4  ? 6.93924   -5.20288  2.82437   1.000 129.44649 ? 17  DA A "O4'" 1 
ATOM   67  C  "C3'" . DA A 1 4  ? 6.41536   -4.86439  0.53092   1.000 127.50968 ? 17  DA A "C3'" 1 
ATOM   68  O  "O3'" . DA A 1 4  ? 6.47154   -6.02705  -0.26300  1.000 126.14043 ? 17  DA A "O3'" 1 
ATOM   69  C  "C2'" . DA A 1 4  ? 5.16953   -4.87776  1.41729   1.000 125.92145 ? 17  DA A "C2'" 1 
ATOM   70  C  "C1'" . DA A 1 4  ? 5.68074   -5.73730  2.54371   1.000 124.77538 ? 17  DA A "C1'" 1 
ATOM   71  N  N9    . DA A 1 4  ? 4.86329   -5.73238  3.74207   1.000 123.73384 ? 17  DA A N9    1 
ATOM   72  C  C8    . DA A 1 4  ? 4.33107   -4.66144  4.39176   1.000 126.05432 ? 17  DA A C8    1 
ATOM   73  N  N7    . DA A 1 4  ? 3.63889   -4.98505  5.45692   1.000 126.87063 ? 17  DA A N7    1 
ATOM   74  C  C5    . DA A 1 4  ? 3.71690   -6.36396  5.49079   1.000 122.15314 ? 17  DA A C5    1 
ATOM   75  C  C6    . DA A 1 4  ? 3.18825   -7.32702  6.37044   1.000 121.91781 ? 17  DA A C6    1 
ATOM   76  N  N6    . DA A 1 4  ? 2.44298   -7.02070  7.43254   1.000 122.50120 ? 17  DA A N6    1 
ATOM   77  N  N1    . DA A 1 4  ? 3.45938   -8.62762  6.11361   1.000 122.08448 ? 17  DA A N1    1 
ATOM   78  C  C2    . DA A 1 4  ? 4.21726   -8.92333  5.05731   1.000 122.49565 ? 17  DA A C2    1 
ATOM   79  N  N3    . DA A 1 4  ? 4.76203   -8.10511  4.16724   1.000 122.87478 ? 17  DA A N3    1 
ATOM   80  C  C4    . DA A 1 4  ? 4.46614   -6.83253  4.44130   1.000 122.62414 ? 17  DA A C4    1 
ATOM   81  P  P     . DC A 1 5  ? 7.34982   -6.04442  -1.60336  1.000 122.12935 ? 18  DC A P     1 
ATOM   82  O  OP1   . DC A 1 5  ? 8.09539   -7.31984  -1.64350  1.000 123.75513 ? 18  DC A OP1   1 
ATOM   83  O  OP2   . DC A 1 5  ? 8.07440   -4.75917  -1.68432  1.000 124.82571 ? 18  DC A OP2   1 
ATOM   84  O  "O5'" . DC A 1 5  ? 6.26096   -6.09242  -2.76185  1.000 119.94108 ? 18  DC A "O5'" 1 
ATOM   85  C  "C5'" . DC A 1 5  ? 6.59238   -5.64138  -4.04154  1.000 122.01217 ? 18  DC A "C5'" 1 
ATOM   86  C  "C4'" . DC A 1 5  ? 5.46192   -4.82393  -4.61594  1.000 120.31087 ? 18  DC A "C4'" 1 
ATOM   87  O  "O4'" . DC A 1 5  ? 5.17249   -3.70772  -3.74398  1.000 119.70671 ? 18  DC A "O4'" 1 
ATOM   88  C  "C3'" . DC A 1 5  ? 5.75153   -4.24898  -5.98601  1.000 123.02110 ? 18  DC A "C3'" 1 
ATOM   89  O  "O3'" . DC A 1 5  ? 4.70038   -4.53368  -6.84020  1.000 121.47686 ? 18  DC A "O3'" 1 
ATOM   90  C  "C2'" . DC A 1 5  ? 5.91419   -2.75351  -5.76198  1.000 124.52977 ? 18  DC A "C2'" 1 
ATOM   91  C  "C1'" . DC A 1 5  ? 5.16323   -2.50148  -4.46912  1.000 121.53183 ? 18  DC A "C1'" 1 
ATOM   92  N  N1    . DC A 1 5  ? 5.77953   -1.44522  -3.60575  1.000 123.27352 ? 18  DC A N1    1 
ATOM   93  C  C2    . DC A 1 5  ? 6.09909   -0.18367  -4.13149  1.000 126.13681 ? 18  DC A C2    1 
ATOM   94  O  O2    . DC A 1 5  ? 5.87134   0.05776   -5.31700  1.000 127.40235 ? 18  DC A O2    1 
ATOM   95  N  N3    . DC A 1 5  ? 6.64313   0.74304   -3.31456  1.000 127.93979 ? 18  DC A N3    1 
ATOM   96  C  C4    . DC A 1 5  ? 6.86817   0.45869   -2.03517  1.000 127.04292 ? 18  DC A C4    1 
ATOM   97  N  N4    . DC A 1 5  ? 7.40962   1.41051   -1.26554  1.000 130.23432 ? 18  DC A N4    1 
ATOM   98  C  C5    . DC A 1 5  ? 6.55053   -0.81155  -1.48241  1.000 124.28662 ? 18  DC A C5    1 
ATOM   99  C  C6    . DC A 1 5  ? 6.01496   -1.72163  -2.29541  1.000 122.47010 ? 18  DC A C6    1 
ATOM   100 P  P     . DC A 1 6  ? 4.88257   -5.71238  -7.90344  1.000 134.56228 ? 19  DC A P     1 
ATOM   101 O  OP1   . DC A 1 6  ? 3.56074   -5.92355  -8.53533  1.000 134.21531 ? 19  DC A OP1   1 
ATOM   102 O  OP2   . DC A 1 6  ? 5.56233   -6.82593  -7.19974  1.000 127.84151 ? 19  DC A OP2   1 
ATOM   103 O  "O5'" . DC A 1 6  ? 5.91885   -5.10179  -8.96284  1.000 144.95825 ? 19  DC A "O5'" 1 
ATOM   104 C  "C5'" . DC A 1 6  ? 5.58088   -3.91427  -9.67827  1.000 148.94511 ? 19  DC A "C5'" 1 
ATOM   105 C  "C4'" . DC A 1 6  ? 6.80612   -3.25615  -10.30059 1.000 156.42204 ? 19  DC A "C4'" 1 
ATOM   106 O  "O4'" . DC A 1 6  ? 7.40598   -2.32393  -9.36074  1.000 152.60031 ? 19  DC A "O4'" 1 
ATOM   107 C  "C3'" . DC A 1 6  ? 7.93775   -4.19024  -10.69817 1.000 159.00626 ? 19  DC A "C3'" 1 
ATOM   108 O  "O3'" . DC A 1 6  ? 8.64908   -3.58980  -11.75203 1.000 167.78781 ? 19  DC A "O3'" 1 
ATOM   109 C  "C2'" . DC A 1 6  ? 8.77967   -4.18947  -9.43341  1.000 151.29044 ? 19  DC A "C2'" 1 
ATOM   110 C  "C1'" . DC A 1 6  ? 8.74637   -2.70462  -9.13389  1.000 151.99697 ? 19  DC A "C1'" 1 
ATOM   111 N  N1    . DC A 1 6  ? 9.09338   -2.34788  -7.75145  1.000 145.48144 ? 19  DC A N1    1 
ATOM   112 C  C2    . DC A 1 6  ? 9.50536   -1.04542  -7.47026  1.000 148.70349 ? 19  DC A C2    1 
ATOM   113 O  O2    . DC A 1 6  ? 9.58651   -0.22913  -8.39551  1.000 155.46535 ? 19  DC A O2    1 
ATOM   114 N  N3    . DC A 1 6  ? 9.81024   -0.71774  -6.19404  1.000 145.59772 ? 19  DC A N3    1 
ATOM   115 C  C4    . DC A 1 6  ? 9.70739   -1.62923  -5.23078  1.000 139.04868 ? 19  DC A C4    1 
ATOM   116 N  N4    . DC A 1 6  ? 10.01695  -1.25993  -3.98611  1.000 137.64970 ? 19  DC A N4    1 
ATOM   117 C  C5    . DC A 1 6  ? 9.28638   -2.96465  -5.50057  1.000 134.34630 ? 19  DC A C5    1 
ATOM   118 C  C6    . DC A 1 6  ? 8.99572   -3.27675  -6.76603  1.000 138.64269 ? 19  DC A C6    1 
ATOM   119 P  P     . DG A 1 7  ? 8.68095   -4.26031  -13.20415 1.000 163.04100 ? 20  DG A P     1 
ATOM   120 O  OP1   . DG A 1 7  ? 7.28279   -4.35008  -13.67404 1.000 165.56216 ? 20  DG A OP1   1 
ATOM   121 O  OP2   . DG A 1 7  ? 9.52152   -5.47216  -13.10249 1.000 159.64940 ? 20  DG A OP2   1 
ATOM   122 O  "O5'" . DG A 1 7  ? 9.44393   -3.17983  -14.10073 1.000 171.73868 ? 20  DG A "O5'" 1 
ATOM   123 C  "C5'" . DG A 1 7  ? 8.80774   -1.95310  -14.42393 1.000 174.59305 ? 20  DG A "C5'" 1 
ATOM   124 C  "C4'" . DG A 1 7  ? 9.80313   -0.80312  -14.52472 1.000 175.93824 ? 20  DG A "C4'" 1 
ATOM   125 O  "O4'" . DG A 1 7  ? 10.35005  -0.49330  -13.22546 1.000 165.77655 ? 20  DG A "O4'" 1 
ATOM   126 C  "C3'" . DG A 1 7  ? 11.01901  -1.02881  -15.39867 1.000 182.79387 ? 20  DG A "C3'" 1 
ATOM   127 O  "O3'" . DG A 1 7  ? 11.49945  0.23900   -15.77410 1.000 185.69675 ? 20  DG A "O3'" 1 
ATOM   128 C  "C2'" . DG A 1 7  ? 11.97102  -1.71632  -14.42751 1.000 174.34056 ? 20  DG A "C2'" 1 
ATOM   129 C  "C1'" . DG A 1 7  ? 11.68929  -0.95495  -13.14400 1.000 165.49016 ? 20  DG A "C1'" 1 
ATOM   130 N  N9    . DG A 1 7  ? 11.76537  -1.77130  -11.95655 1.000 157.02386 ? 20  DG A N9    1 
ATOM   131 C  C8    . DG A 1 7  ? 11.45166  -3.10066  -11.83869 1.000 154.35991 ? 20  DG A C8    1 
ATOM   132 N  N7    . DG A 1 7  ? 11.58650  -3.55736  -10.62709 1.000 145.76773 ? 20  DG A N7    1 
ATOM   133 C  C5    . DG A 1 7  ? 11.98876  -2.45072  -9.89621  1.000 146.74674 ? 20  DG A C5    1 
ATOM   134 C  C6    . DG A 1 7  ? 12.28361  -2.32631  -8.52623  1.000 145.15552 ? 20  DG A C6    1 
ATOM   135 O  O6    . DG A 1 7  ? 12.24688  -3.19808  -7.65017  1.000 142.54231 ? 20  DG A O6    1 
ATOM   136 N  N1    . DG A 1 7  ? 12.65512  -1.02591  -8.20355  1.000 147.41375 ? 20  DG A N1    1 
ATOM   137 C  C2    . DG A 1 7  ? 12.73060  0.01934   -9.09849  1.000 150.87527 ? 20  DG A C2    1 
ATOM   138 N  N2    . DG A 1 7  ? 13.10874  1.20585   -8.60983  1.000 153.03986 ? 20  DG A N2    1 
ATOM   139 N  N3    . DG A 1 7  ? 12.45661  -0.08904  -10.38134 1.000 152.54574 ? 20  DG A N3    1 
ATOM   140 C  C4    . DG A 1 7  ? 12.09209  -1.34573  -10.70618 1.000 150.26283 ? 20  DG A C4    1 
ATOM   141 P  P     . DT A 1 8  ? 12.83736  0.42901   -16.63628 1.000 186.59495 ? 21  DT A P     1 
ATOM   142 O  OP1   . DT A 1 8  ? 12.39947  0.77023   -18.00386 1.000 195.41476 ? 21  DT A OP1   1 
ATOM   143 O  OP2   . DT A 1 8  ? 13.78554  -0.68608  -16.44391 1.000 178.95590 ? 21  DT A OP2   1 
ATOM   144 O  "O5'" . DT A 1 8  ? 13.47443  1.72971   -15.97754 1.000 179.44063 ? 21  DT A "O5'" 1 
ATOM   145 C  "C5'" . DT A 1 8  ? 13.39113  1.91554   -14.57657 1.000 170.11229 ? 21  DT A "C5'" 1 
ATOM   146 C  "C4'" . DT A 1 8  ? 14.77539  1.93506   -13.98699 1.000 166.72958 ? 21  DT A "C4'" 1 
ATOM   147 O  "O4'" . DT A 1 8  ? 14.72139  1.56232   -12.60118 1.000 161.75601 ? 21  DT A "O4'" 1 
ATOM   148 C  "C3'" . DT A 1 8  ? 15.72033  0.93339   -14.60281 1.000 171.01224 ? 21  DT A "C3'" 1 
ATOM   149 O  "O3'" . DT A 1 8  ? 16.27390  1.46472   -15.78732 1.000 178.30556 ? 21  DT A "O3'" 1 
ATOM   150 C  "C2'" . DT A 1 8  ? 16.77131  0.76658   -13.51285 1.000 172.07227 ? 21  DT A "C2'" 1 
ATOM   151 C  "C1'" . DT A 1 8  ? 15.96320  0.98063   -12.23014 1.000 165.07739 ? 21  DT A "C1'" 1 
ATOM   152 N  N1    . DT A 1 8  ? 15.68738  -0.27496  -11.47240 1.000 159.98320 ? 21  DT A N1    1 
ATOM   153 C  C2    . DT A 1 8  ? 15.84643  -0.28093  -10.10911 1.000 157.30485 ? 21  DT A C2    1 
ATOM   154 O  O2    . DT A 1 8  ? 16.21133  0.69318   -9.47862  1.000 158.81468 ? 21  DT A O2    1 
ATOM   155 N  N3    . DT A 1 8  ? 15.55608  -1.47575  -9.50344  1.000 153.17557 ? 21  DT A N3    1 
ATOM   156 C  C4    . DT A 1 8  ? 15.14185  -2.64140  -10.11041 1.000 151.47982 ? 21  DT A C4    1 
ATOM   157 O  O4    . DT A 1 8  ? 14.90548  -3.66526  -9.47409  1.000 148.11580 ? 21  DT A O4    1 
ATOM   158 C  C5    . DT A 1 8  ? 14.99339  -2.56741  -11.54372 1.000 154.36151 ? 21  DT A C5    1 
ATOM   159 C  C7    . DT A 1 8  ? 14.54999  -3.77222  -12.31793 1.000 153.27225 ? 21  DT A C7    1 
ATOM   160 C  C6    . DT A 1 8  ? 15.26942  -1.40078  -12.14830 1.000 158.47234 ? 21  DT A C6    1 
ATOM   161 O  "O5'" . DG B 2 1  ? -6.60896  -3.96915  -4.87581  1.000 92.03318  ? 1   DG B "O5'" 1 
ATOM   162 C  "C5'" . DG B 2 1  ? -7.38509  -4.11433  -6.07617  1.000 89.80121  ? 1   DG B "C5'" 1 
ATOM   163 C  "C4'" . DG B 2 1  ? -8.56927  -3.17115  -6.05862  1.000 85.09905  ? 1   DG B "C4'" 1 
ATOM   164 O  "O4'" . DG B 2 1  ? -9.66166  -3.73552  -6.83343  1.000 85.46918  ? 1   DG B "O4'" 1 
ATOM   165 C  "C3'" . DG B 2 1  ? -9.12339  -2.90372  -4.66899  1.000 86.58873  ? 1   DG B "C3'" 1 
ATOM   166 O  "O3'" . DG B 2 1  ? -8.59881  -1.67832  -4.18537  1.000 83.23370  ? 1   DG B "O3'" 1 
ATOM   167 C  "C2'" . DG B 2 1  ? -10.62607 -2.82776  -4.91298  1.000 85.75384  ? 1   DG B "C2'" 1 
ATOM   168 C  "C1'" . DG B 2 1  ? -10.80166 -3.86341  -6.01758  1.000 87.27537  ? 1   DG B "C1'" 1 
ATOM   169 N  N9    . DG B 2 1  ? -10.85014 -5.24406  -5.53643  1.000 93.84308  ? 1   DG B N9    1 
ATOM   170 C  C8    . DG B 2 1  ? -10.11194 -6.30075  -6.00657  1.000 98.09476  ? 1   DG B C8    1 
ATOM   171 N  N7    . DG B 2 1  ? -10.35309 -7.41998  -5.38876  1.000 104.56897 ? 1   DG B N7    1 
ATOM   172 C  C5    . DG B 2 1  ? -11.30627 -7.08662  -4.44380  1.000 104.61127 ? 1   DG B C5    1 
ATOM   173 C  C6    . DG B 2 1  ? -11.95057 -7.89506  -3.48749  1.000 110.54879 ? 1   DG B C6    1 
ATOM   174 O  O6    . DG B 2 1  ? -11.79682 -9.10058  -3.27816  1.000 117.14540 ? 1   DG B O6    1 
ATOM   175 N  N1    . DG B 2 1  ? -12.85795 -7.17193  -2.72931  1.000 108.66132 ? 1   DG B N1    1 
ATOM   176 C  C2    . DG B 2 1  ? -13.11217 -5.83437  -2.87694  1.000 101.92024 ? 1   DG B C2    1 
ATOM   177 N  N2    . DG B 2 1  ? -14.02277 -5.31047  -2.04457  1.000 101.52332 ? 1   DG B N2    1 
ATOM   178 N  N3    . DG B 2 1  ? -12.51883 -5.06105  -3.77374  1.000 96.34269  ? 1   DG B N3    1 
ATOM   179 C  C4    . DG B 2 1  ? -11.63100 -5.75336  -4.52459  1.000 98.04197  ? 1   DG B C4    1 
ATOM   180 P  P     . DA B 2 2  ? -7.54840  -1.67291  -2.96881  1.000 87.36489  ? 2   DA B P     1 
ATOM   181 O  OP1   . DA B 2 2  ? -6.49264  -0.68229  -3.28385  1.000 83.46261  ? 2   DA B OP1   1 
ATOM   182 O  OP2   . DA B 2 2  ? -7.15356  -3.07169  -2.66473  1.000 93.87671  ? 2   DA B OP2   1 
ATOM   183 O  "O5'" . DA B 2 2  ? -8.42628  -1.13510  -1.75606  1.000 87.90420  ? 2   DA B "O5'" 1 
ATOM   184 C  "C5'" . DA B 2 2  ? -9.66564  -0.52672  -2.03012  1.000 85.25730  ? 2   DA B "C5'" 1 
ATOM   185 C  "C4'" . DA B 2 2  ? -10.75257 -1.12489  -1.18222  1.000 88.53926  ? 2   DA B "C4'" 1 
ATOM   186 O  "O4'" . DA B 2 2  ? -11.12312 -2.39133  -1.72341  1.000 91.88676  ? 2   DA B "O4'" 1 
ATOM   187 C  "C3'" . DA B 2 2  ? -10.31891 -1.41750  0.22789   1.000 93.84271  ? 2   DA B "C3'" 1 
ATOM   188 O  "O3'" . DA B 2 2  ? -10.57751 -0.31820  1.00477   1.000 91.99065  ? 2   DA B "O3'" 1 
ATOM   189 C  "C2'" . DA B 2 2  ? -11.18499 -2.59638  0.64545   1.000 99.53350  ? 2   DA B "C2'" 1 
ATOM   190 C  "C1'" . DA B 2 2  ? -11.57216 -3.23122  -0.68694  1.000 98.08284  ? 2   DA B "C1'" 1 
ATOM   191 N  N9    . DA B 2 2  ? -11.01582 -4.55665  -0.90288  1.000 103.25966 ? 2   DA B N9    1 
ATOM   192 C  C8    . DA B 2 2  ? -10.12827 -4.92512  -1.87220  1.000 102.52429 ? 2   DA B C8    1 
ATOM   193 N  N7    . DA B 2 2  ? -9.82087  -6.19688  -1.84700  1.000 108.43489 ? 2   DA B N7    1 
ATOM   194 C  C5    . DA B 2 2  ? -10.55693 -6.69132  -0.78852  1.000 113.35291 ? 2   DA B C5    1 
ATOM   195 C  C6    . DA B 2 2  ? -10.67526 -7.97245  -0.24122  1.000 120.98948 ? 2   DA B C6    1 
ATOM   196 N  N6    . DA B 2 2  ? -10.01179 -9.03057  -0.70808  1.000 125.09723 ? 2   DA B N6    1 
ATOM   197 N  N1    . DA B 2 2  ? -11.49476 -8.12731  0.81610   1.000 126.22020 ? 2   DA B N1    1 
ATOM   198 C  C2    . DA B 2 2  ? -12.15480 -7.06336  1.28244   1.000 122.38910 ? 2   DA B C2    1 
ATOM   199 N  N3    . DA B 2 2  ? -12.12781 -5.81118  0.84639   1.000 113.75520 ? 2   DA B N3    1 
ATOM   200 C  C4    . DA B 2 2  ? -11.30206 -5.69225  -0.19952  1.000 110.23898 ? 2   DA B C4    1 
ATOM   201 P  P     . DG B 2 3  ? -9.62279  -0.02032  2.24801   1.000 92.63434  ? 3   DG B P     1 
ATOM   202 O  OP1   . DG B 2 3  ? -9.94567  1.33062   2.77113   1.000 89.54887  ? 3   DG B OP1   1 
ATOM   203 O  OP2   . DG B 2 3  ? -8.24598  -0.35620  1.80589   1.000 92.75618  ? 3   DG B OP2   1 
ATOM   204 O  "O5'" . DG B 2 3  ? -10.09332 -1.09117  3.32833   1.000 100.07309 ? 3   DG B "O5'" 1 
ATOM   205 C  "C5'" . DG B 2 3  ? -11.38738 -0.98933  3.89779   1.000 101.54240 ? 3   DG B "C5'" 1 
ATOM   206 C  "C4'" . DG B 2 3  ? -11.65044 -2.16313  4.80998   1.000 109.32370 ? 3   DG B "C4'" 1 
ATOM   207 O  "O4'" . DG B 2 3  ? -11.51621 -3.37976  4.03094   1.000 111.43954 ? 3   DG B "O4'" 1 
ATOM   208 C  "C3'" . DG B 2 3  ? -10.65898 -2.29182  5.96863   1.000 114.09746 ? 3   DG B "C3'" 1 
ATOM   209 O  "O3'" . DG B 2 3  ? -11.28936 -2.80565  7.12968   1.000 120.66497 ? 3   DG B "O3'" 1 
ATOM   210 C  "C2'" . DG B 2 3  ? -9.65101  -3.27620  5.42208   1.000 116.01223 ? 3   DG B "C2'" 1 
ATOM   211 C  "C1'" . DG B 2 3  ? -10.54941 -4.19663  4.62438   1.000 116.98478 ? 3   DG B "C1'" 1 
ATOM   212 N  N9    . DG B 2 3  ? -9.81968  -4.90511  3.60047   1.000 116.52803 ? 3   DG B N9    1 
ATOM   213 C  C8    . DG B 2 3  ? -9.08665  -4.37332  2.56802   1.000 110.92895 ? 3   DG B C8    1 
ATOM   214 N  N7    . DG B 2 3  ? -8.50297  -5.28084  1.83323   1.000 112.68852 ? 3   DG B N7    1 
ATOM   215 C  C5    . DG B 2 3  ? -8.86606  -6.47861  2.43823   1.000 119.91199 ? 3   DG B C5    1 
ATOM   216 C  C6    . DG B 2 3  ? -8.54150  -7.80718  2.10170   1.000 128.29817 ? 3   DG B C6    1 
ATOM   217 O  O6    . DG B 2 3  ? -7.84229  -8.21783  1.16527   1.000 124.51129 ? 3   DG B O6    1 
ATOM   218 N  N1    . DG B 2 3  ? -9.12469  -8.71464  2.98980   1.000 148.45158 ? 3   DG B N1    1 
ATOM   219 C  C2    . DG B 2 3  ? -9.92240  -8.36882  4.05725   1.000 155.95372 ? 3   DG B C2    1 
ATOM   220 N  N2    . DG B 2 3  ? -10.39195 -9.36803  4.81196   1.000 176.77993 ? 3   DG B N2    1 
ATOM   221 N  N3    . DG B 2 3  ? -10.22237 -7.13341  4.37634   1.000 143.91004 ? 3   DG B N3    1 
ATOM   222 C  C4    . DG B 2 3  ? -9.66570  -6.24719  3.52949   1.000 124.84567 ? 3   DG B C4    1 
ATOM   223 P  P     . DA B 2 4  ? -10.54151 -2.70568  8.55022   1.000 123.53781 ? 4   DA B P     1 
ATOM   224 O  OP1   . DA B 2 4  ? -10.80183 -1.34923  9.07800   1.000 120.51867 ? 4   DA B OP1   1 
ATOM   225 O  OP2   . DA B 2 4  ? -9.14485  -3.17201  8.41128   1.000 124.61954 ? 4   DA B OP2   1 
ATOM   226 O  "O5'" . DA B 2 4  ? -11.29693 -3.78264  9.45531   1.000 131.86240 ? 4   DA B "O5'" 1 
ATOM   227 C  "C5'" . DA B 2 4  ? -12.01317 -4.84039  8.83444   1.000 133.89420 ? 4   DA B "C5'" 1 
ATOM   228 C  "C4'" . DA B 2 4  ? -11.78821 -6.15990  9.55226   1.000 144.39913 ? 4   DA B "C4'" 1 
ATOM   229 O  "O4'" . DA B 2 4  ? -11.18836 -7.10143  8.63148   1.000 146.62217 ? 4   DA B "O4'" 1 
ATOM   230 C  "C3'" . DA B 2 4  ? -10.83601 -6.10480  10.73660  1.000 153.27724 ? 4   DA B "C3'" 1 
ATOM   231 O  "O3'" . DA B 2 4  ? -11.10943 -7.17621  11.62088  1.000 171.89898 ? 4   DA B "O3'" 1 
ATOM   232 C  "C2'" . DA B 2 4  ? -9.49496  -6.29068  10.05830  1.000 148.70570 ? 4   DA B "C2'" 1 
ATOM   233 C  "C1'" . DA B 2 4  ? -9.83359  -7.30534  8.97304   1.000 151.46851 ? 4   DA B "C1'" 1 
ATOM   234 N  N9    . DA B 2 4  ? -9.02205  -7.12333  7.78392   1.000 139.34941 ? 4   DA B N9    1 
ATOM   235 C  C8    . DA B 2 4  ? -8.72216  -5.94008  7.17867   1.000 131.57630 ? 4   DA B C8    1 
ATOM   236 N  N7    . DA B 2 4  ? -7.94908  -6.06350  6.12970   1.000 128.20649 ? 4   DA B N7    1 
ATOM   237 C  C5    . DA B 2 4  ? -7.71628  -7.42394  6.04894   1.000 134.18940 ? 4   DA B C5    1 
ATOM   238 C  C6    . DA B 2 4  ? -6.97373  -8.20397  5.14454   1.000 134.76971 ? 4   DA B C6    1 
ATOM   239 N  N6    . DA B 2 4  ? -6.29537  -7.68326  4.12011   1.000 128.91667 ? 4   DA B N6    1 
ATOM   240 N  N1    . DA B 2 4  ? -6.94820  -9.54164  5.34082   1.000 142.82940 ? 4   DA B N1    1 
ATOM   241 C  C2    . DA B 2 4  ? -7.63200  -10.05328 6.36964   1.000 158.41406 ? 4   DA B C2    1 
ATOM   242 N  N3    . DA B 2 4  ? -8.36646  -9.41830  7.28539   1.000 160.17954 ? 4   DA B N3    1 
ATOM   243 C  C4    . DA B 2 4  ? -8.37390  -8.09535  7.05845   1.000 143.05033 ? 4   DA B C4    1 
ATOM   244 P  P     . DG B 2 5  ? -10.39561 -7.25105  13.05890  1.000 162.91402 ? 5   DG B P     1 
ATOM   245 O  OP1   . DG B 2 5  ? -11.40350 -6.85889  14.06880  1.000 166.40373 ? 5   DG B OP1   1 
ATOM   246 O  OP2   . DG B 2 5  ? -9.09831  -6.54311  13.00949  1.000 158.87906 ? 5   DG B OP2   1 
ATOM   247 O  "O5'" . DG B 2 5  ? -10.07713 -8.80422  13.23720  1.000 171.01882 ? 5   DG B "O5'" 1 
ATOM   248 C  "C5'" . DG B 2 5  ? -8.79925  -9.21444  13.67889  1.000 174.51531 ? 5   DG B "C5'" 1 
ATOM   249 C  "C4'" . DG B 2 5  ? -8.15353  -10.13117 12.66063  1.000 174.18541 ? 5   DG B "C4'" 1 
ATOM   250 O  "O4'" . DG B 2 5  ? -7.98856  -9.42935  11.41450  1.000 165.11247 ? 5   DG B "O4'" 1 
ATOM   251 C  "C3'" . DG B 2 5  ? -6.75435  -10.62448 13.03432  1.000 177.83350 ? 5   DG B "C3'" 1 
ATOM   252 O  "O3'" . DG B 2 5  ? -6.78976  -11.99209 13.41029  1.000 186.72558 ? 5   DG B "O3'" 1 
ATOM   253 C  "C2'" . DG B 2 5  ? -5.92203  -10.43089 11.76314  1.000 171.02273 ? 5   DG B "C2'" 1 
ATOM   254 C  "C1'" . DG B 2 5  ? -6.95522  -10.05864 10.71374  1.000 165.01448 ? 5   DG B "C1'" 1 
ATOM   255 N  N9    . DG B 2 5  ? -6.41836  -9.14019  9.72741   1.000 156.26149 ? 5   DG B N9    1 
ATOM   256 C  C8    . DG B 2 5  ? -6.59945  -7.78323  9.66822   1.000 149.48676 ? 5   DG B C8    1 
ATOM   257 N  N7    . DG B 2 5  ? -5.97088  -7.21818  8.67485   1.000 142.83410 ? 5   DG B N7    1 
ATOM   258 C  C5    . DG B 2 5  ? -5.31297  -8.27012  8.05088   1.000 145.39139 ? 5   DG B C5    1 
ATOM   259 C  C6    . DG B 2 5  ? -4.46532  -8.27366  6.91945   1.000 141.27962 ? 5   DG B C6    1 
ATOM   260 O  O6    . DG B 2 5  ? -4.12441  -7.31466  6.21686   1.000 134.29764 ? 5   DG B O6    1 
ATOM   261 N  N1    . DG B 2 5  ? -4.01213  -9.55633  6.61620   1.000 146.54020 ? 5   DG B N1    1 
ATOM   262 C  C2    . DG B 2 5  ? -4.33318  -10.69078 7.32051   1.000 154.80093 ? 5   DG B C2    1 
ATOM   263 N  N2    . DG B 2 5  ? -3.79864  -11.84117 6.88348   1.000 159.33825 ? 5   DG B N2    1 
ATOM   264 N  N3    . DG B 2 5  ? -5.12622  -10.70039 8.38480   1.000 158.78408 ? 5   DG B N3    1 
ATOM   265 C  C4    . DG B 2 5  ? -5.57448  -9.45805  8.69140   1.000 153.66149 ? 5   DG B C4    1 
ATOM   266 P  P     . DC B 2 6  ? -5.49394  -12.66795 14.08172  1.000 192.85781 ? 6   DC B P     1 
ATOM   267 O  OP1   . DC B 2 6  ? -5.91298  -13.92658 14.73416  1.000 203.01979 ? 6   DC B OP1   1 
ATOM   268 O  OP2   . DC B 2 6  ? -4.83793  -11.61325 14.88088  1.000 190.54800 ? 6   DC B OP2   1 
ATOM   269 O  "O5'" . DC B 2 6  ? -4.53088  -13.01880 12.84559  1.000 188.95992 ? 6   DC B "O5'" 1 
ATOM   270 C  "C5'" . DC B 2 6  ? -4.83703  -14.11848 11.99209  1.000 191.60829 ? 6   DC B "C5'" 1 
ATOM   271 C  "C4'" . DC B 2 6  ? -3.69126  -14.41713 11.03363  1.000 189.07394 ? 6   DC B "C4'" 1 
ATOM   272 O  "O4'" . DC B 2 6  ? -3.53920  -13.32757 10.08377  1.000 179.14509 ? 6   DC B "O4'" 1 
ATOM   273 C  "C3'" . DC B 2 6  ? -2.31603  -14.60952 11.68218  1.000 192.42747 ? 6   DC B "C3'" 1 
ATOM   274 O  "O3'" . DC B 2 6  ? -1.65683  -15.72931 11.08872  1.000 196.47630 ? 6   DC B "O3'" 1 
ATOM   275 C  "C2'" . DC B 2 6  ? -1.59697  -13.30036 11.35983  1.000 183.57701 ? 6   DC B "C2'" 1 
ATOM   276 C  "C1'" . DC B 2 6  ? -2.17692  -12.97674 9.99586   1.000 176.63122 ? 6   DC B "C1'" 1 
ATOM   277 N  N1    . DC B 2 6  ? -2.08735  -11.53666 9.62387   1.000 167.43787 ? 6   DC B N1    1 
ATOM   278 C  C2    . DC B 2 6  ? -1.30173  -11.14436 8.53067   1.000 161.32514 ? 6   DC B C2    1 
ATOM   279 O  O2    . DC B 2 6  ? -0.68508  -12.00221 7.89209   1.000 163.63355 ? 6   DC B O2    1 
ATOM   280 N  N3    . DC B 2 6  ? -1.24277  -9.82948  8.20349   1.000 153.41683 ? 6   DC B N3    1 
ATOM   281 C  C4    . DC B 2 6  ? -1.92701  -8.93566  8.91635   1.000 151.56157 ? 6   DC B C4    1 
ATOM   282 N  N4    . DC B 2 6  ? -1.84069  -7.65117  8.55909   1.000 144.10234 ? 6   DC B N4    1 
ATOM   283 C  C5    . DC B 2 6  ? -2.72901  -9.31690  10.03162  1.000 157.69944 ? 6   DC B C5    1 
ATOM   284 C  C6    . DC B 2 6  ? -2.78102  -10.61320 10.34355  1.000 165.45663 ? 6   DC B C6    1 
ATOM   285 P  P     . DT B 2 7  ? -0.33211  -16.35254 11.75600  1.000 202.49824 ? 7   DT B P     1 
ATOM   286 O  OP1   . DT B 2 7  ? -0.05867  -17.64649 11.09117  1.000 207.80203 ? 7   DT B OP1   1 
ATOM   287 O  OP2   . DT B 2 7  ? -0.49495  -16.31017 13.22680  1.000 208.17639 ? 7   DT B OP2   1 
ATOM   288 O  "O5'" . DT B 2 7  ? 0.81875   -15.31566 11.36432  1.000 194.60707 ? 7   DT B "O5'" 1 
ATOM   289 C  "C5'" . DT B 2 7  ? 2.12882   -15.77566 11.10387  1.000 196.12942 ? 7   DT B "C5'" 1 
ATOM   290 C  "C4'" . DT B 2 7  ? 2.31209   -16.06807 9.62713   1.000 192.56493 ? 7   DT B "C4'" 1 
ATOM   291 O  "O4'" . DT B 2 7  ? 1.47816   -15.17632 8.85075   1.000 184.66505 ? 7   DT B "O4'" 1 
ATOM   292 C  "C3'" . DT B 2 7  ? 3.73393   -15.88404 9.12476   1.000 189.71398 ? 7   DT B "C3'" 1 
ATOM   293 O  "O3'" . DT B 2 7  ? 4.34650   -17.14258 9.02249   1.000 196.96722 ? 7   DT B "O3'" 1 
ATOM   294 C  "C2'" . DT B 2 7  ? 3.56873   -15.24215 7.74998   1.000 181.47142 ? 7   DT B "C2'" 1 
ATOM   295 C  "C1'" . DT B 2 7  ? 2.24199   -14.50663 7.86991   1.000 177.52267 ? 7   DT B "C1'" 1 
ATOM   296 N  N1    . DT B 2 7  ? 2.35569   -13.06603 8.26729   1.000 170.72210 ? 7   DT B N1    1 
ATOM   297 C  C2    . DT B 2 7  ? 2.94966   -12.15537 7.41317   1.000 163.03878 ? 7   DT B C2    1 
ATOM   298 O  O2    . DT B 2 7  ? 3.42672   -12.45753 6.33097   1.000 161.40074 ? 7   DT B O2    1 
ATOM   299 N  N3    . DT B 2 7  ? 2.97332   -10.86610 7.89048   1.000 157.77309 ? 7   DT B N3    1 
ATOM   300 C  C4    . DT B 2 7  ? 2.46512   -10.40876 9.08565   1.000 159.39304 ? 7   DT B C4    1 
ATOM   301 O  O4    . DT B 2 7  ? 2.52975   -9.23482  9.41894   1.000 154.67876 ? 7   DT B O4    1 
ATOM   302 C  C5    . DT B 2 7  ? 1.85153   -11.41028 9.91836   1.000 167.50030 ? 7   DT B C5    1 
ATOM   303 C  C7    . DT B 2 7  ? 1.26813   -11.03061 11.24254  1.000 170.44931 ? 7   DT B C7    1 
ATOM   304 C  C6    . DT B 2 7  ? 1.82392   -12.66963 9.47400   1.000 172.66074 ? 7   DT B C6    1 
ATOM   305 P  P     . DG B 2 8  ? 5.75643   -17.40042 9.73538   1.000 200.89013 ? 8   DG B P     1 
ATOM   306 O  OP1   . DG B 2 8  ? 5.59859   -18.58238 10.61612  1.000 211.22755 ? 8   DG B OP1   1 
ATOM   307 O  OP2   . DG B 2 8  ? 6.19887   -16.10743 10.30385  1.000 194.95612 ? 8   DG B OP2   1 
ATOM   308 O  "O5'" . DG B 2 8  ? 6.72133   -17.78353 8.52090   1.000 199.42538 ? 8   DG B "O5'" 1 
ATOM   309 C  "C5'" . DG B 2 8  ? 6.54190   -17.16405 7.25786   1.000 191.79919 ? 8   DG B "C5'" 1 
ATOM   310 C  "C4'" . DG B 2 8  ? 7.43198   -15.94536 7.13188   1.000 184.22314 ? 8   DG B "C4'" 1 
ATOM   311 O  "O4'" . DG B 2 8  ? 6.69340   -14.75070 7.44534   1.000 178.03246 ? 8   DG B "O4'" 1 
ATOM   312 C  "C3'" . DG B 2 8  ? 8.64699   -15.93828 8.05844   1.000 187.06001 ? 8   DG B "C3'" 1 
ATOM   313 O  "O3'" . DG B 2 8  ? 9.81486   -15.98343 7.28401   1.000 185.34102 ? 8   DG B "O3'" 1 
ATOM   314 C  "C2'" . DG B 2 8  ? 8.53255   -14.61738 8.84297   1.000 181.70972 ? 8   DG B "C2'" 1 
ATOM   315 C  "C1'" . DG B 2 8  ? 7.59281   -13.81386 7.96794   1.000 174.40313 ? 8   DG B "C1'" 1 
ATOM   316 N  N9    . DG B 2 8  ? 6.82958   -12.79639 8.67780   1.000 170.86503 ? 8   DG B N9    1 
ATOM   317 C  C8    . DG B 2 8  ? 5.85140   -13.00283 9.62024   1.000 174.95929 ? 8   DG B C8    1 
ATOM   318 N  N7    . DG B 2 8  ? 5.32190   -11.89594 10.06617  1.000 170.48994 ? 8   DG B N7    1 
ATOM   319 C  C5    . DG B 2 8  ? 5.98712   -10.89332 9.36581   1.000 162.93746 ? 8   DG B C5    1 
ATOM   320 C  C6    . DG B 2 8  ? 5.84008   -9.48250  9.42245   1.000 156.01706 ? 8   DG B C6    1 
ATOM   321 O  O6    . DG B 2 8  ? 5.07503   -8.82153  10.12831  1.000 155.15386 ? 8   DG B O6    1 
ATOM   322 N  N1    . DG B 2 8  ? 6.70670   -8.83178  8.54914   1.000 150.11187 ? 8   DG B N1    1 
ATOM   323 C  C2    . DG B 2 8  ? 7.60259   -9.46234  7.72007   1.000 150.78467 ? 8   DG B C2    1 
ATOM   324 N  N2    . DG B 2 8  ? 8.35629   -8.66691  6.94577   1.000 144.82936 ? 8   DG B N2    1 
ATOM   325 N  N3    . DG B 2 8  ? 7.75165   -10.78360 7.65602   1.000 157.25887 ? 8   DG B N3    1 
ATOM   326 C  C4    . DG B 2 8  ? 6.91312   -11.43193 8.50446   1.000 163.05931 ? 8   DG B C4    1 
ATOM   327 P  P     . DT B 2 9  ? 11.24458  -16.04809 7.99951   1.000 188.00733 ? 9   DT B P     1 
ATOM   328 O  OP1   . DT B 2 9  ? 12.16634  -16.72681 7.06518   1.000 189.76783 ? 9   DT B OP1   1 
ATOM   329 O  OP2   . DT B 2 9  ? 11.03692  -16.58380 9.36272   1.000 195.08599 ? 9   DT B OP2   1 
ATOM   330 O  "O5'" . DT B 2 9  ? 11.66875  -14.51401 8.12035   1.000 179.54069 ? 9   DT B "O5'" 1 
ATOM   331 C  "C5'" . DT B 2 9  ? 11.64015  -13.69223 6.96836   1.000 171.79271 ? 9   DT B "C5'" 1 
ATOM   332 C  "C4'" . DT B 2 9  ? 12.07797  -12.27941 7.29814   1.000 165.10095 ? 9   DT B "C4'" 1 
ATOM   333 O  "O4'" . DT B 2 9  ? 10.96465  -11.53289 7.85274   1.000 162.39049 ? 9   DT B "O4'" 1 
ATOM   334 C  "C3'" . DT B 2 9  ? 13.21174  -12.16710 8.32632   1.000 167.60175 ? 9   DT B "C3'" 1 
ATOM   335 O  "O3'" . DT B 2 9  ? 14.21578  -11.29530 7.84059   1.000 163.48576 ? 9   DT B "O3'" 1 
ATOM   336 C  "C2'" . DT B 2 9  ? 12.51419  -11.56436 9.54160   1.000 167.75862 ? 9   DT B "C2'" 1 
ATOM   337 C  "C1'" . DT B 2 9  ? 11.47439  -10.70591 8.85780   1.000 161.13144 ? 9   DT B "C1'" 1 
ATOM   338 N  N1    . DT B 2 9  ? 10.37615  -10.27722 9.74657   1.000 161.46703 ? 9   DT B N1    1 
ATOM   339 C  C2    . DT B 2 9  ? 10.07124  -8.93810  9.83074   1.000 155.11665 ? 9   DT B C2    1 
ATOM   340 O  O2    . DT B 2 9  ? 10.65620  -8.08064  9.19369   1.000 149.17611 ? 9   DT B O2    1 
ATOM   341 N  N3    . DT B 2 9  ? 9.04645   -8.63723  10.68499  1.000 156.33764 ? 9   DT B N3    1 
ATOM   342 C  C4    . DT B 2 9  ? 8.31880   -9.52812  11.45256  1.000 163.21112 ? 9   DT B C4    1 
ATOM   343 O  O4    . DT B 2 9  ? 7.41343   -9.16569  12.19438  1.000 164.08569 ? 9   DT B O4    1 
ATOM   344 C  C5    . DT B 2 9  ? 8.69506   -10.91657 11.31752  1.000 169.69795 ? 9   DT B C5    1 
ATOM   345 C  C7    . DT B 2 9  ? 7.97543   -11.97239 12.09825  1.000 177.90631 ? 9   DT B C7    1 
ATOM   346 C  C6    . DT B 2 9  ? 9.69537   -11.22009 10.48200  1.000 168.52418 ? 9   DT B C6    1 
ATOM   347 P  P     . DG B 2 10 ? 15.72122  -11.81687 7.66183   1.000 168.46882 ? 10  DG B P     1 
ATOM   348 O  OP1   . DG B 2 10 ? 15.79845  -12.50136 6.35479   1.000 169.17981 ? 10  DG B OP1   1 
ATOM   349 O  OP2   . DG B 2 10 ? 16.09714  -12.53862 8.89506   1.000 174.56105 ? 10  DG B OP2   1 
ATOM   350 O  "O5'" . DG B 2 10 ? 16.58854  -10.48012 7.60269   1.000 165.03329 ? 10  DG B "O5'" 1 
ATOM   351 C  "C5'" . DG B 2 10 ? 16.11214  -9.35493  6.88615   1.000 158.53003 ? 10  DG B "C5'" 1 
ATOM   352 C  "C4'" . DG B 2 10 ? 16.31426  -8.10281  7.70589   1.000 155.87869 ? 10  DG B "C4'" 1 
ATOM   353 O  "O4'" . DG B 2 10 ? 15.06289  -7.72605  8.30704   1.000 152.97501 ? 10  DG B "O4'" 1 
ATOM   354 C  "C3'" . DG B 2 10 ? 17.27541  -8.27966  8.85743   1.000 160.72945 ? 10  DG B "C3'" 1 
ATOM   355 O  "O3'" . DG B 2 10 ? 18.58501  -7.94502  8.43422   1.000 161.62939 ? 10  DG B "O3'" 1 
ATOM   356 C  "C2'" . DG B 2 10 ? 16.76376  -7.29917  9.90862   1.000 158.33845 ? 10  DG B "C2'" 1 
ATOM   357 C  "C1'" . DG B 2 10 ? 15.28625  -7.11257  9.55680   1.000 153.88681 ? 10  DG B "C1'" 1 
ATOM   358 N  N9    . DG B 2 10 ? 14.38892  -7.72788  10.51992  1.000 156.36254 ? 10  DG B N9    1 
ATOM   359 C  C8    . DG B 2 10 ? 14.30446  -9.06170  10.80873  1.000 161.64109 ? 10  DG B C8    1 
ATOM   360 N  N7    . DG B 2 10 ? 13.41073  -9.34173  11.71068  1.000 163.46123 ? 10  DG B N7    1 
ATOM   361 C  C5    . DG B 2 10 ? 12.86288  -8.11623  12.04173  1.000 158.69194 ? 10  DG B C5    1 
ATOM   362 C  C6    . DG B 2 10 ? 11.84662  -7.80757  12.96517  1.000 160.36293 ? 10  DG B C6    1 
ATOM   363 O  O6    . DG B 2 10 ? 11.22059  -8.58592  13.69071  1.000 166.57377 ? 10  DG B O6    1 
ATOM   364 N  N1    . DG B 2 10 ? 11.58287  -6.44736  13.00468  1.000 154.39595 ? 10  DG B N1    1 
ATOM   365 C  C2    . DG B 2 10 ? 12.22103  -5.49871  12.24151  1.000 149.21957 ? 10  DG B C2    1 
ATOM   366 N  N2    . DG B 2 10 ? 11.82619  -4.22912  12.41791  1.000 145.04437 ? 10  DG B N2    1 
ATOM   367 N  N3    . DG B 2 10 ? 13.18322  -5.77592  11.36507  1.000 149.54505 ? 10  DG B N3    1 
ATOM   368 C  C4    . DG B 2 10 ? 13.45095  -7.10456  11.31921  1.000 154.35085 ? 10  DG B C4    1 
ATOM   369 O  "O5'" . DT C 3 1  ? -21.03390 10.25753  -6.98855  1.000 133.30523 ? 1   DT C "O5'" 1 
ATOM   370 C  "C5'" . DT C 3 1  ? -22.26557 10.55078  -7.63156  1.000 136.65190 ? 1   DT C "C5'" 1 
ATOM   371 C  "C4'" . DT C 3 1  ? -22.41924 12.04618  -7.81066  1.000 139.93791 ? 1   DT C "C4'" 1 
ATOM   372 O  "O4'" . DT C 3 1  ? -22.98436 12.61772  -6.60577  1.000 136.62509 ? 1   DT C "O4'" 1 
ATOM   373 C  "C3'" . DT C 3 1  ? -21.11289 12.78560  -8.04528  1.000 143.85506 ? 1   DT C "C3'" 1 
ATOM   374 O  "O3'" . DT C 3 1  ? -20.84775 12.86228  -9.44114  1.000 150.19378 ? 1   DT C "O3'" 1 
ATOM   375 C  "C2'" . DT C 3 1  ? -21.39856 14.16256  -7.45966  1.000 142.31072 ? 1   DT C "C2'" 1 
ATOM   376 C  "C1'" . DT C 3 1  ? -22.34255 13.84052  -6.29808  1.000 137.39458 ? 1   DT C "C1'" 1 
ATOM   377 N  N1    . DT C 3 1  ? -21.67263 13.69346  -4.95993  1.000 133.33321 ? 1   DT C N1    1 
ATOM   378 C  C2    . DT C 3 1  ? -20.94444 14.74167  -4.43336  1.000 133.20418 ? 1   DT C C2    1 
ATOM   379 O  O2    . DT C 3 1  ? -20.77112 15.80297  -5.01083  1.000 136.82038 ? 1   DT C O2    1 
ATOM   380 N  N3    . DT C 3 1  ? -20.39231 14.48926  -3.20340  1.000 128.01414 ? 1   DT C N3    1 
ATOM   381 C  C4    . DT C 3 1  ? -20.50567 13.33172  -2.45879  1.000 124.59370 ? 1   DT C C4    1 
ATOM   382 O  O4    . DT C 3 1  ? -19.97411 13.20404  -1.36284  1.000 122.01026 ? 1   DT C O4    1 
ATOM   383 C  C5    . DT C 3 1  ? -21.29105 12.28545  -3.06211  1.000 124.87869 ? 1   DT C C5    1 
ATOM   384 C  C7    . DT C 3 1  ? -21.48451 10.98635  -2.35014  1.000 123.29924 ? 1   DT C C7    1 
ATOM   385 C  C6    . DT C 3 1  ? -21.82726 12.51431  -4.26642  1.000 127.73517 ? 1   DT C C6    1 
ATOM   386 P  P     . DC C 3 2  ? -19.51992 12.19925  -10.05682 1.000 137.88875 ? 2   DC C P     1 
ATOM   387 O  OP1   . DC C 3 2  ? -19.89061 11.57775  -11.34793 1.000 137.81332 ? 2   DC C OP1   1 
ATOM   388 O  OP2   . DC C 3 2  ? -18.89030 11.37685  -9.00188  1.000 128.96395 ? 2   DC C OP2   1 
ATOM   389 O  "O5'" . DC C 3 2  ? -18.55592 13.44519  -10.32615 1.000 142.77271 ? 2   DC C "O5'" 1 
ATOM   390 C  "C5'" . DC C 3 2  ? -19.08480 14.76342  -10.35054 1.000 140.63075 ? 2   DC C "C5'" 1 
ATOM   391 C  "C4'" . DC C 3 2  ? -18.25738 15.67541  -9.47001  1.000 141.08086 ? 2   DC C "C4'" 1 
ATOM   392 O  "O4'" . DC C 3 2  ? -18.59376 15.44582  -8.09670  1.000 134.91356 ? 2   DC C "O4'" 1 
ATOM   393 C  "C3'" . DC C 3 2  ? -16.76757 15.41817  -9.53663  1.000 143.84636 ? 2   DC C "C3'" 1 
ATOM   394 O  "O3'" . DC C 3 2  ? -16.18771 16.23368  -10.51322 1.000 152.33598 ? 2   DC C "O3'" 1 
ATOM   395 C  "C2'" . DC C 3 2  ? -16.26233 15.78843  -8.13723  1.000 135.46904 ? 2   DC C "C2'" 1 
ATOM   396 C  "C1'" . DC C 3 2  ? -17.53172 15.89919  -7.29705  1.000 130.91992 ? 2   DC C "C1'" 1 
ATOM   397 N  N1    . DC C 3 2  ? -17.49484 15.09201  -6.03747  1.000 123.06743 ? 2   DC C N1    1 
ATOM   398 C  C2    . DC C 3 2  ? -16.71220 15.52343  -4.95847  1.000 118.38262 ? 2   DC C C2    1 
ATOM   399 O  O2    . DC C 3 2  ? -16.05186 16.56238  -5.06700  1.000 120.35647 ? 2   DC C O2    1 
ATOM   400 N  N3    . DC C 3 2  ? -16.69386 14.78335  -3.82336  1.000 114.62159 ? 2   DC C N3    1 
ATOM   401 C  C4    . DC C 3 2  ? -17.41547 13.67040  -3.74275  1.000 112.87080 ? 2   DC C C4    1 
ATOM   402 N  N4    . DC C 3 2  ? -17.36594 12.97959  -2.60153  1.000 109.70303 ? 2   DC C N4    1 
ATOM   403 C  C5    . DC C 3 2  ? -18.21368 13.21071  -4.82983  1.000 114.66621 ? 2   DC C C5    1 
ATOM   404 C  C6    . DC C 3 2  ? -18.23197 13.95072  -5.94395  1.000 120.95907 ? 2   DC C C6    1 
ATOM   405 P  P     . DT C 3 3  ? -14.70878 15.90672  -11.02949 1.000 146.31970 ? 3   DT C P     1 
ATOM   406 O  OP1   . DT C 3 3  ? -14.47610 16.68738  -12.26071 1.000 152.61116 ? 3   DT C OP1   1 
ATOM   407 O  OP2   . DT C 3 3  ? -14.56773 14.43540  -11.02072 1.000 139.86930 ? 3   DT C OP2   1 
ATOM   408 O  "O5'" . DT C 3 3  ? -13.76711 16.47480  -9.88151  1.000 135.38136 ? 3   DT C "O5'" 1 
ATOM   409 C  "C5'" . DT C 3 3  ? -13.80854 17.84433  -9.54960  1.000 134.02309 ? 3   DT C "C5'" 1 
ATOM   410 C  "C4'" . DT C 3 3  ? -12.73550 18.16110  -8.53442  1.000 125.85320 ? 3   DT C "C4'" 1 
ATOM   411 O  "O4'" . DT C 3 3  ? -13.09033 17.58285  -7.25095  1.000 118.94485 ? 3   DT C "O4'" 1 
ATOM   412 C  "C3'" . DT C 3 3  ? -11.36022 17.60199  -8.87563  1.000 124.97644 ? 3   DT C "C3'" 1 
ATOM   413 O  "O3'" . DT C 3 3  ? -10.37658 18.54237  -8.53886  1.000 125.57951 ? 3   DT C "O3'" 1 
ATOM   414 C  "C2'" . DT C 3 3  ? -11.26359 16.35798  -7.99530  1.000 119.30754 ? 3   DT C "C2'" 1 
ATOM   415 C  "C1'" . DT C 3 3  ? -12.00392 16.82888  -6.76125  1.000 115.94819 ? 3   DT C "C1'" 1 
ATOM   416 N  N1    . DT C 3 3  ? -12.53968 15.72544  -5.92033  1.000 111.54814 ? 3   DT C N1    1 
ATOM   417 C  C2    . DT C 3 3  ? -12.10257 15.58848  -4.62382  1.000 107.38700 ? 3   DT C C2    1 
ATOM   418 O  O2    . DT C 3 3  ? -11.27721 16.32284  -4.11548  1.000 107.03787 ? 3   DT C O2    1 
ATOM   419 N  N3    . DT C 3 3  ? -12.66697 14.54829  -3.93850  1.000 103.90280 ? 3   DT C N3    1 
ATOM   420 C  C4    . DT C 3 3  ? -13.60999 13.65759  -4.40161  1.000 104.05210 ? 3   DT C C4    1 
ATOM   421 O  O4    . DT C 3 3  ? -14.05986 12.75731  -3.70251  1.000 100.94779 ? 3   DT C O4    1 
ATOM   422 C  C5    . DT C 3 3  ? -14.02611 13.85782  -5.76637  1.000 108.36501 ? 3   DT C C5    1 
ATOM   423 C  C7    . DT C 3 3  ? -15.03936 12.94511  -6.38437  1.000 111.99915 ? 3   DT C C7    1 
ATOM   424 C  C6    . DT C 3 3  ? -13.47721 14.87010  -6.45131  1.000 111.95021 ? 3   DT C C6    1 
ATOM   425 P  P     . DG C 3 4  ? -8.97702  18.54714  -9.31975  1.000 127.74413 ? 4   DG C P     1 
ATOM   426 O  OP1   . DG C 3 4  ? -8.99436  19.70380  -10.24040 1.000 135.90959 ? 4   DG C OP1   1 
ATOM   427 O  OP2   . DG C 3 4  ? -8.73500  17.18109  -9.83918  1.000 127.47901 ? 4   DG C OP2   1 
ATOM   428 O  "O5'" . DG C 3 4  ? -7.91344  18.82258  -8.16776  1.000 119.44679 ? 4   DG C "O5'" 1 
ATOM   429 C  "C5'" . DG C 3 4  ? -8.14800  19.85921  -7.24566  1.000 119.00496 ? 4   DG C "C5'" 1 
ATOM   430 C  "C4'" . DG C 3 4  ? -7.34426  19.64697  -5.98061  1.000 115.63718 ? 4   DG C "C4'" 1 
ATOM   431 O  "O4'" . DG C 3 4  ? -7.99977  18.66935  -5.13277  1.000 111.67911 ? 4   DG C "O4'" 1 
ATOM   432 C  "C3'" . DG C 3 4  ? -5.92515  19.14721  -6.19333  1.000 116.23061 ? 4   DG C "C3'" 1 
ATOM   433 O  "O3'" . DG C 3 4  ? -5.06907  19.80368  -5.27563  1.000 118.95801 ? 4   DG C "O3'" 1 
ATOM   434 C  "C2'" . DG C 3 4  ? -6.04273  17.64666  -5.92325  1.000 111.74006 ? 4   DG C "C2'" 1 
ATOM   435 C  "C1'" . DG C 3 4  ? -7.13520  17.58736  -4.86727  1.000 109.66399 ? 4   DG C "C1'" 1 
ATOM   436 N  N9    . DG C 3 4  ? -7.93671  16.38175  -4.94173  1.000 105.75111 ? 4   DG C N9    1 
ATOM   437 C  C8    . DG C 3 4  ? -8.56402  15.89773  -6.05704  1.000 105.72273 ? 4   DG C C8    1 
ATOM   438 N  N7    . DG C 3 4  ? -9.23975  14.81189  -5.84209  1.000 103.15863 ? 4   DG C N7    1 
ATOM   439 C  C5    . DG C 3 4  ? -9.05270  14.55610  -4.49590  1.000 100.39309 ? 4   DG C C5    1 
ATOM   440 C  C6    . DG C 3 4  ? -9.55957  13.51406  -3.70340  1.000 97.64032  ? 4   DG C C6    1 
ATOM   441 O  O6    . DG C 3 4  ? -10.28055 12.57673  -4.05290  1.000 95.52858  ? 4   DG C O6    1 
ATOM   442 N  N1    . DG C 3 4  ? -9.14474  13.61998  -2.38954  1.000 97.95472  ? 4   DG C N1    1 
ATOM   443 C  C2    . DG C 3 4  ? -8.35141  14.61753  -1.89272  1.000 100.69545 ? 4   DG C C2    1 
ATOM   444 N  N2    . DG C 3 4  ? -8.05580  14.53689  -0.59273  1.000 100.96877 ? 4   DG C N2    1 
ATOM   445 N  N3    . DG C 3 4  ? -7.86223  15.61299  -2.62550  1.000 103.42427 ? 4   DG C N3    1 
ATOM   446 C  C4    . DG C 3 4  ? -8.26513  15.52162  -3.91673  1.000 103.03651 ? 4   DG C C4    1 
ATOM   447 P  P     . DA C 3 5  ? -3.68651  19.14184  -4.80819  1.000 118.97684 ? 5   DA C P     1 
ATOM   448 O  OP1   . DA C 3 5  ? -2.87725  20.21633  -4.19662  1.000 123.50437 ? 5   DA C OP1   1 
ATOM   449 O  OP2   . DA C 3 5  ? -3.12577  18.35973  -5.92755  1.000 118.22681 ? 5   DA C OP2   1 
ATOM   450 O  "O5'" . DA C 3 5  ? -4.12120  18.14763  -3.64512  1.000 114.95950 ? 5   DA C "O5'" 1 
ATOM   451 C  "C5'" . DA C 3 5  ? -4.74404  18.66205  -2.48825  1.000 115.34489 ? 5   DA C "C5'" 1 
ATOM   452 C  "C4'" . DA C 3 5  ? -4.36582  17.85810  -1.26165  1.000 113.63607 ? 5   DA C "C4'" 1 
ATOM   453 O  "O4'" . DA C 3 5  ? -5.11295  16.62396  -1.23743  1.000 109.18510 ? 5   DA C "O4'" 1 
ATOM   454 C  "C3'" . DA C 3 5  ? -2.90751  17.45044  -1.17124  1.000 114.74285 ? 5   DA C "C3'" 1 
ATOM   455 O  "O3'" . DA C 3 5  ? -2.53967  17.34214  0.19092   1.000 115.34711 ? 5   DA C "O3'" 1 
ATOM   456 C  "C2'" . DA C 3 5  ? -2.89283  16.09267  -1.87171  1.000 110.98700 ? 5   DA C "C2'" 1 
ATOM   457 C  "C1'" . DA C 3 5  ? -4.26486  15.53079  -1.51630  1.000 107.48907 ? 5   DA C "C1'" 1 
ATOM   458 N  N9    . DA C 3 5  ? -4.89150  14.77255  -2.58066  1.000 104.84014 ? 5   DA C N9    1 
ATOM   459 C  C8    . DA C 3 5  ? -5.00194  15.11726  -3.89594  1.000 105.82011 ? 5   DA C C8    1 
ATOM   460 N  N7    . DA C 3 5  ? -5.65056  14.23704  -4.61608  1.000 103.26749 ? 5   DA C N7    1 
ATOM   461 C  C5    . DA C 3 5  ? -6.01094  13.26974  -3.69851  1.000 100.41772 ? 5   DA C C5    1 
ATOM   462 C  C6    . DA C 3 5  ? -6.72504  12.07019  -3.81808  1.000 97.35714  ? 5   DA C C6    1 
ATOM   463 N  N6    . DA C 3 5  ? -7.22773  11.63099  -4.96987  1.000 96.61137  ? 5   DA C N6    1 
ATOM   464 N  N1    . DA C 3 5  ? -6.90774  11.33745  -2.69999  1.000 95.55327  ? 5   DA C N1    1 
ATOM   465 C  C2    . DA C 3 5  ? -6.40391  11.78956  -1.55182  1.000 96.74264  ? 5   DA C C2    1 
ATOM   466 N  N3    . DA C 3 5  ? -5.71641  12.89607  -1.31903  1.000 99.64352  ? 5   DA C N3    1 
ATOM   467 C  C4    . DA C 3 5  ? -5.54961  13.59210  -2.44390  1.000 101.34440 ? 5   DA C C4    1 
ATOM   468 P  P     . DT C 3 6  ? -1.08668  16.79985  0.60095   1.000 122.48928 ? 6   DT C P     1 
ATOM   469 O  OP1   . DT C 3 6  ? -0.72398  17.46885  1.87003   1.000 124.81965 ? 6   DT C OP1   1 
ATOM   470 O  OP2   . DT C 3 6  ? -0.19167  16.92038  -0.56996  1.000 123.06088 ? 6   DT C OP2   1 
ATOM   471 O  "O5'" . DT C 3 6  ? -1.33268  15.24597  0.89068   1.000 117.20713 ? 6   DT C "O5'" 1 
ATOM   472 C  "C5'" . DT C 3 6  ? -2.32891  14.86411  1.82784   1.000 113.39554 ? 6   DT C "C5'" 1 
ATOM   473 C  "C4'" . DT C 3 6  ? -2.40565  13.35501  1.96983   1.000 110.23238 ? 6   DT C "C4'" 1 
ATOM   474 O  "O4'" . DT C 3 6  ? -3.12895  12.78685  0.84808   1.000 107.57808 ? 6   DT C "O4'" 1 
ATOM   475 C  "C3'" . DT C 3 6  ? -1.06357  12.62493  2.00949   1.000 111.52202 ? 6   DT C "C3'" 1 
ATOM   476 O  "O3'" . DT C 3 6  ? -1.16819  11.54833  2.90508   1.000 110.34809 ? 6   DT C "O3'" 1 
ATOM   477 C  "C2'" . DT C 3 6  ? -0.93048  12.12210  0.57951   1.000 108.87664 ? 6   DT C "C2'" 1 
ATOM   478 C  "C1'" . DT C 3 6  ? -2.36779  11.73543  0.31075   1.000 106.98861 ? 6   DT C "C1'" 1 
ATOM   479 N  N1    . DT C 3 6  ? -2.70472  11.60817  -1.11114  1.000 106.49121 ? 6   DT C N1    1 
ATOM   480 C  C2    . DT C 3 6  ? -3.40702  10.50883  -1.52602  1.000 104.49948 ? 6   DT C C2    1 
ATOM   481 O  O2    . DT C 3 6  ? -3.75023  9.61756   -0.77488  1.000 103.13609 ? 6   DT C O2    1 
ATOM   482 N  N3    . DT C 3 6  ? -3.68658  10.47931  -2.85586  1.000 105.20057 ? 6   DT C N3    1 
ATOM   483 C  C4    . DT C 3 6  ? -3.34898  11.42544  -3.79191  1.000 108.41445 ? 6   DT C C4    1 
ATOM   484 O  O4    . DT C 3 6  ? -3.65025  11.31142  -4.96671  1.000 111.84947 ? 6   DT C O4    1 
ATOM   485 C  C5    . DT C 3 6  ? -2.61700  12.56018  -3.28962  1.000 109.40234 ? 6   DT C C5    1 
ATOM   486 C  C7    . DT C 3 6  ? -2.18812  13.64608  -4.22231  1.000 116.44845 ? 6   DT C C7    1 
ATOM   487 C  C6    . DT C 3 6  ? -2.33418  12.59876  -1.98686  1.000 108.39612 ? 6   DT C C6    1 
ATOM   488 P  P     . DC C 3 7  ? 0.11976   11.00478  3.68625   1.000 119.85128 ? 7   DC C P     1 
ATOM   489 O  OP1   . DC C 3 7  ? 0.07731   11.57643  5.04787   1.000 122.11809 ? 7   DC C OP1   1 
ATOM   490 O  OP2   . DC C 3 7  ? 1.30166   11.22531  2.82713   1.000 117.19148 ? 7   DC C OP2   1 
ATOM   491 O  "O5'" . DC C 3 7  ? -0.16275  9.44108   3.79505   1.000 116.64132 ? 7   DC C "O5'" 1 
ATOM   492 C  "C5'" . DC C 3 7  ? -1.47259  8.99875   4.11389   1.000 113.04547 ? 7   DC C "C5'" 1 
ATOM   493 C  "C4'" . DC C 3 7  ? -1.80004  7.70818   3.39218   1.000 112.85816 ? 7   DC C "C4'" 1 
ATOM   494 O  "O4'" . DC C 3 7  ? -2.09088  7.97382   1.99547   1.000 109.45919 ? 7   DC C "O4'" 1 
ATOM   495 C  "C3'" . DC C 3 7  ? -0.68499  6.66606   3.41014   1.000 115.03379 ? 7   DC C "C3'" 1 
ATOM   496 O  "O3'" . DC C 3 7  ? -1.19047  5.45807   3.91957   1.000 114.87126 ? 7   DC C "O3'" 1 
ATOM   497 C  "C2'" . DC C 3 7  ? -0.26893  6.53637   1.93766   1.000 112.93034 ? 7   DC C "C2'" 1 
ATOM   498 C  "C1'" . DC C 3 7  ? -1.53652  6.94775   1.20894   1.000 109.54396 ? 7   DC C "C1'" 1 
ATOM   499 N  N1    . DC C 3 7  ? -1.30151  7.49316   -0.16365  1.000 109.61479 ? 7   DC C N1    1 
ATOM   500 C  C2    . DC C 3 7  ? -1.75028  6.79156   -1.29093  1.000 108.65574 ? 7   DC C C2    1 
ATOM   501 O  O2    . DC C 3 7  ? -2.33587  5.71065   -1.14301  1.000 108.75703 ? 7   DC C O2    1 
ATOM   502 N  N3    . DC C 3 7  ? -1.52947  7.32175   -2.52072  1.000 108.77671 ? 7   DC C N3    1 
ATOM   503 C  C4    . DC C 3 7  ? -0.90676  8.48486   -2.64063  1.000 110.61200 ? 7   DC C C4    1 
ATOM   504 N  N4    . DC C 3 7  ? -0.71454  8.96869   -3.86701  1.000 111.29916 ? 7   DC C N4    1 
ATOM   505 C  C5    . DC C 3 7  ? -0.44309  9.20750   -1.50990  1.000 112.03351 ? 7   DC C C5    1 
ATOM   506 C  C6    . DC C 3 7  ? -0.66324  8.68304   -0.30419  1.000 110.89554 ? 7   DC C C6    1 
ATOM   507 P  P     . DG C 3 8  ? -0.26943  4.52488   4.83880   1.000 113.55289 ? 8   DG C P     1 
ATOM   508 O  OP1   . DG C 3 8  ? -1.00027  4.29679   6.10495   1.000 114.69438 ? 8   DG C OP1   1 
ATOM   509 O  OP2   . DG C 3 8  ? 1.08881   5.11201   4.85188   1.000 111.25314 ? 8   DG C OP2   1 
ATOM   510 O  "O5'" . DG C 3 8  ? -0.22091  3.16104   4.02293   1.000 109.11354 ? 8   DG C "O5'" 1 
ATOM   511 C  "C5'" . DG C 3 8  ? -1.36344  2.74974   3.30613   1.000 104.82120 ? 8   DG C "C5'" 1 
ATOM   512 C  "C4'" . DG C 3 8  ? -0.97897  1.80694   2.19305   1.000 108.33191 ? 8   DG C "C4'" 1 
ATOM   513 O  "O4'" . DG C 3 8  ? -0.76912  2.54829   0.95711   1.000 110.54599 ? 8   DG C "O4'" 1 
ATOM   514 C  "C3'" . DG C 3 8  ? 0.31215   1.04235   2.42904   1.000 107.56819 ? 8   DG C "C3'" 1 
ATOM   515 O  "O3'" . DG C 3 8  ? 0.18593   -0.22272  1.86425   1.000 110.02778 ? 8   DG C "O3'" 1 
ATOM   516 C  "C2'" . DG C 3 8  ? 1.32136   1.87479   1.65665   1.000 106.65230 ? 8   DG C "C2'" 1 
ATOM   517 C  "C1'" . DG C 3 8  ? 0.49941   2.21267   0.43284   1.000 108.95545 ? 8   DG C "C1'" 1 
ATOM   518 N  N9    . DG C 3 8  ? 0.99945   3.35098   -0.33826  1.000 107.62360 ? 8   DG C N9    1 
ATOM   519 C  C8    . DG C 3 8  ? 1.61497   4.46771   0.15847   1.000 107.04393 ? 8   DG C C8    1 
ATOM   520 N  N7    . DG C 3 8  ? 1.93738   5.33766   -0.75672  1.000 106.26967 ? 8   DG C N7    1 
ATOM   521 C  C5    . DG C 3 8  ? 1.50749   4.76361   -1.94344  1.000 105.85793 ? 8   DG C C5    1 
ATOM   522 C  C6    . DG C 3 8  ? 1.59051   5.25233   -3.26961  1.000 106.85710 ? 8   DG C C6    1 
ATOM   523 O  O6    . DG C 3 8  ? 2.07738   6.32002   -3.66055  1.000 107.80470 ? 8   DG C O6    1 
ATOM   524 N  N1    . DG C 3 8  ? 1.03663   4.36228   -4.18736  1.000 108.92306 ? 8   DG C N1    1 
ATOM   525 C  C2    . DG C 3 8  ? 0.47144   3.15240   -3.86326  1.000 110.08790 ? 8   DG C C2    1 
ATOM   526 N  N2    . DG C 3 8  ? -0.01344  2.42778   -4.88756  1.000 113.04731 ? 8   DG C N2    1 
ATOM   527 N  N3    . DG C 3 8  ? 0.38740   2.68069   -2.61708  1.000 108.33504 ? 8   DG C N3    1 
ATOM   528 C  C4    . DG C 3 8  ? 0.92489   3.53999   -1.70990  1.000 107.18272 ? 8   DG C C4    1 
ATOM   529 P  P     . DT C 3 9  ? 0.95934   -1.47168  2.49655   1.000 105.13923 ? 9   DT C P     1 
ATOM   530 O  OP1   . DT C 3 9  ? 0.11679   -1.98781  3.60310   1.000 104.36711 ? 9   DT C OP1   1 
ATOM   531 O  OP2   . DT C 3 9  ? 2.35485   -1.04195  2.74588   1.000 107.23618 ? 9   DT C OP2   1 
ATOM   532 O  "O5'" . DT C 3 9  ? 0.97910   -2.52809  1.29895   1.000 104.85062 ? 9   DT C "O5'" 1 
ATOM   533 C  "C5'" . DT C 3 9  ? -0.03864  -2.49562  0.32632   1.000 103.70110 ? 9   DT C "C5'" 1 
ATOM   534 C  "C4'" . DT C 3 9  ? 0.54915   -2.73132  -1.03759  1.000 104.76160 ? 9   DT C "C4'" 1 
ATOM   535 O  "O4'" . DT C 3 9  ? 0.94124   -1.46922  -1.61257  1.000 105.60556 ? 9   DT C "O4'" 1 
ATOM   536 C  "C3'" . DT C 3 9  ? 1.79912   -3.59947  -1.03014  1.000 106.43245 ? 9   DT C "C3'" 1 
ATOM   537 O  "O3'" . DT C 3 9  ? 1.71387   -4.54899  -2.05191  1.000 107.02951 ? 9   DT C "O3'" 1 
ATOM   538 C  "C2'" . DT C 3 9  ? 2.91972   -2.60209  -1.28609  1.000 108.16241 ? 9   DT C "C2'" 1 
ATOM   539 C  "C1'" . DT C 3 9  ? 2.21585   -1.59771  -2.16467  1.000 107.69079 ? 9   DT C "C1'" 1 
ATOM   540 N  N1    . DT C 3 9  ? 2.84701   -0.27388  -2.16794  1.000 109.08795 ? 9   DT C N1    1 
ATOM   541 C  C2    . DT C 3 9  ? 2.97026   0.39820   -3.35653  1.000 110.37759 ? 9   DT C C2    1 
ATOM   542 O  O2    . DT C 3 9  ? 2.58382   -0.05371  -4.41510  1.000 110.41220 ? 9   DT C O2    1 
ATOM   543 N  N3    . DT C 3 9  ? 3.57065   1.62326   -3.26164  1.000 112.10356 ? 9   DT C N3    1 
ATOM   544 C  C4    . DT C 3 9  ? 4.04013   2.22717   -2.11617  1.000 112.73470 ? 9   DT C C4    1 
ATOM   545 O  O4    . DT C 3 9  ? 4.56859   3.33048   -2.12278  1.000 114.79479 ? 9   DT C O4    1 
ATOM   546 C  C5    . DT C 3 9  ? 3.87598   1.46893   -0.90725  1.000 111.31248 ? 9   DT C C5    1 
ATOM   547 C  C7    . DT C 3 9  ? 4.36652   2.03085   0.38989   1.000 112.38110 ? 9   DT C C7    1 
ATOM   548 C  C6    . DT C 3 9  ? 3.29062   0.26764   -0.98655  1.000 109.53992 ? 9   DT C C6    1 
ATOM   549 P  P     . DG C 3 10 ? 0.68119   -5.76656  -1.91794  1.000 131.10517 ? 10  DG C P     1 
ATOM   550 O  OP1   . DG C 3 10 ? -0.11527  -5.81816  -3.16273  1.000 133.66697 ? 10  DG C OP1   1 
ATOM   551 O  OP2   . DG C 3 10 ? 0.02996   -5.67763  -0.59696  1.000 123.81224 ? 10  DG C OP2   1 
ATOM   552 O  "O5'" . DG C 3 10 ? 1.61457   -7.04904  -1.88221  1.000 128.77461 ? 10  DG C "O5'" 1 
ATOM   553 C  "C5'" . DG C 3 10 ? 2.94261   -6.92581  -1.42213  1.000 127.69443 ? 10  DG C "C5'" 1 
ATOM   554 C  "C4'" . DG C 3 10 ? 3.31823   -8.10157  -0.54662  1.000 128.56215 ? 10  DG C "C4'" 1 
ATOM   555 O  "O4'" . DG C 3 10 ? 3.59394   -7.63288  0.78843   1.000 125.36459 ? 10  DG C "O4'" 1 
ATOM   556 C  "C3'" . DG C 3 10 ? 2.23566   -9.14790  -0.38420  1.000 126.05703 ? 10  DG C "C3'" 1 
ATOM   557 O  "O3'" . DG C 3 10 ? 2.34408   -10.09859 -1.42054  1.000 130.10672 ? 10  DG C "O3'" 1 
ATOM   558 C  "C2'" . DG C 3 10 ? 2.58761   -9.76795  0.95763   1.000 126.08957 ? 10  DG C "C2'" 1 
ATOM   559 C  "C1'" . DG C 3 10 ? 3.14630   -8.58318  1.72795   1.000 123.23821 ? 10  DG C "C1'" 1 
ATOM   560 N  N9    . DG C 3 10 ? 2.17848   -7.94062  2.60477   1.000 120.28506 ? 10  DG C N9    1 
ATOM   561 C  C8    . DG C 3 10 ? 1.77916   -6.62997  2.57182   1.000 119.78822 ? 10  DG C C8    1 
ATOM   562 N  N7    . DG C 3 10 ? 0.89743   -6.33398  3.48334   1.000 118.75659 ? 10  DG C N7    1 
ATOM   563 C  C5    . DG C 3 10 ? 0.70429   -7.52365  4.16654   1.000 118.54977 ? 10  DG C C5    1 
ATOM   564 C  C6    . DG C 3 10 ? -0.14304  -7.82002  5.25589   1.000 118.29344 ? 10  DG C C6    1 
ATOM   565 O  O6    . DG C 3 10 ? -0.91353  -7.06234  5.85572   1.000 118.33415 ? 10  DG C O6    1 
ATOM   566 N  N1    . DG C 3 10 ? -0.03991  -9.15170  5.64165   1.000 118.95606 ? 10  DG C N1    1 
ATOM   567 C  C2    . DG C 3 10 ? 0.78347   -10.07900 5.04985   1.000 119.32903 ? 10  DG C C2    1 
ATOM   568 N  N2    . DG C 3 10 ? 0.74708   -11.31824 5.55620   1.000 120.14884 ? 10  DG C N2    1 
ATOM   569 N  N3    . DG C 3 10 ? 1.57319   -9.81625  4.02188   1.000 119.74499 ? 10  DG C N3    1 
ATOM   570 C  C4    . DG C 3 10 ? 1.48470   -8.52349  3.63649   1.000 119.34267 ? 10  DG C C4    1 
ATOM   571 P  P     . DC C 3 11 ? 1.02450   -10.66718 -2.12695  1.000 138.91510 ? 11  DC C P     1 
ATOM   572 O  OP1   . DC C 3 11 ? 1.43903   -11.36355 -3.36224  1.000 141.69603 ? 11  DC C OP1   1 
ATOM   573 O  OP2   . DC C 3 11 ? 0.04369   -9.56035  -2.17384  1.000 137.24397 ? 11  DC C OP2   1 
ATOM   574 O  "O5'" . DC C 3 11 ? 0.49702   -11.75978 -1.10255  1.000 132.72895 ? 11  DC C "O5'" 1 
ATOM   575 C  "C5'" . DC C 3 11 ? 1.40994   -12.63385 -0.49179  1.000 133.69518 ? 11  DC C "C5'" 1 
ATOM   576 C  "C4'" . DC C 3 11 ? 0.82257   -13.16023 0.78787   1.000 131.99917 ? 11  DC C "C4'" 1 
ATOM   577 O  "O4'" . DC C 3 11 ? 0.72640   -12.09519 1.74227   1.000 128.65004 ? 11  DC C "O4'" 1 
ATOM   578 C  "C3'" . DC C 3 11 ? -0.59092  -13.64744 0.63789   1.000 132.31794 ? 11  DC C "C3'" 1 
ATOM   579 O  "O3'" . DC C 3 11 ? -0.57058  -14.97890 0.22596   1.000 136.34766 ? 11  DC C "O3'" 1 
ATOM   580 C  "C2'" . DC C 3 11 ? -1.15039  -13.51165 2.04715   1.000 129.27291 ? 11  DC C "C2'" 1 
ATOM   581 C  "C1'" . DC C 3 11 ? -0.33501  -12.36696 2.63230   1.000 127.27399 ? 11  DC C "C1'" 1 
ATOM   582 N  N1    . DC C 3 11 ? -1.09811  -11.11444 2.84580   1.000 125.69119 ? 11  DC C N1    1 
ATOM   583 C  C2    . DC C 3 11 ? -2.04141  -11.03764 3.88146   1.000 125.62192 ? 11  DC C C2    1 
ATOM   584 O  O2    . DC C 3 11 ? -2.25253  -12.02962 4.58438   1.000 126.75177 ? 11  DC C O2    1 
ATOM   585 N  N3    . DC C 3 11 ? -2.70246  -9.87667  4.07680   1.000 124.71277 ? 11  DC C N3    1 
ATOM   586 C  C4    . DC C 3 11 ? -2.44903  -8.82661  3.29742   1.000 124.85936 ? 11  DC C C4    1 
ATOM   587 N  N4    . DC C 3 11 ? -3.12810  -7.70073  3.53099   1.000 124.63172 ? 11  DC C N4    1 
ATOM   588 C  C5    . DC C 3 11 ? -1.48742  -8.88198  2.24559   1.000 125.08485 ? 11  DC C C5    1 
ATOM   589 C  C6    . DC C 3 11 ? -0.83820  -10.03241 2.06169   1.000 124.24969 ? 11  DC C C6    1 
ATOM   590 P  P     . DT C 3 12 ? -1.79291  -15.55983 -0.62561  1.000 146.85466 ? 12  DT C P     1 
ATOM   591 O  OP1   . DT C 3 12 ? -1.32630  -16.78745 -1.30317  1.000 149.22842 ? 12  DT C OP1   1 
ATOM   592 O  OP2   . DT C 3 12 ? -2.37585  -14.43697 -1.39163  1.000 141.64965 ? 12  DT C OP2   1 
ATOM   593 O  "O5'" . DT C 3 12 ? -2.85347  -15.96917 0.48102   1.000 139.76400 ? 12  DT C "O5'" 1 
ATOM   594 C  "C5'" . DT C 3 12 ? -2.42800  -16.68529 1.61261   1.000 140.44018 ? 12  DT C "C5'" 1 
ATOM   595 C  "C4'" . DT C 3 12 ? -3.52306  -16.69494 2.64265   1.000 140.90369 ? 12  DT C "C4'" 1 
ATOM   596 O  "O4'" . DT C 3 12 ? -3.67328  -15.35958 3.19589   1.000 140.64806 ? 12  DT C "O4'" 1 
ATOM   597 C  "C3'" . DT C 3 12 ? -4.88045  -17.09414 2.08026   1.000 141.28921 ? 12  DT C "C3'" 1 
ATOM   598 O  "O3'" . DT C 3 12 ? -5.45732  -18.12167 2.88594   1.000 143.35651 ? 12  DT C "O3'" 1 
ATOM   599 C  "C2'" . DT C 3 12 ? -5.68191  -15.79025 2.09039   1.000 138.64928 ? 12  DT C "C2'" 1 
ATOM   600 C  "C1'" . DT C 3 12 ? -5.02976  -14.99008 3.20677   1.000 139.28151 ? 12  DT C "C1'" 1 
ATOM   601 N  N1    . DT C 3 12 ? -5.11040  -13.52858 2.97048   1.000 138.11180 ? 12  DT C N1    1 
ATOM   602 C  C2    . DT C 3 12 ? -5.89129  -12.73249 3.78226   1.000 136.35031 ? 12  DT C C2    1 
ATOM   603 O  O2    . DT C 3 12 ? -6.55214  -13.16066 4.70702   1.000 136.65012 ? 12  DT C O2    1 
ATOM   604 N  N3    . DT C 3 12 ? -5.88887  -11.40627 3.44444   1.000 134.89130 ? 12  DT C N3    1 
ATOM   605 C  C4    . DT C 3 12 ? -5.18552  -10.81156 2.41425   1.000 135.83059 ? 12  DT C C4    1 
ATOM   606 O  O4    . DT C 3 12 ? -5.24002  -9.60747  2.18480   1.000 134.32684 ? 12  DT C O4    1 
ATOM   607 C  C5    . DT C 3 12 ? -4.38948  -11.70664 1.61533   1.000 137.38825 ? 12  DT C C5    1 
ATOM   608 C  C7    . DT C 3 12 ? -3.58673  -11.18334 0.46705   1.000 138.14079 ? 12  DT C C7    1 
ATOM   609 C  C6    . DT C 3 12 ? -4.39942  -13.00073 1.92540   1.000 137.92110 ? 12  DT C C6    1 
ATOM   610 P  P     . DC C 3 13 ? -7.04703  -18.25486 3.06338   1.000 145.00396 ? 13  DC C P     1 
ATOM   611 O  OP1   . DC C 3 13 ? -7.29195  -19.57582 3.67503   1.000 144.37394 ? 13  DC C OP1   1 
ATOM   612 O  OP2   . DC C 3 13 ? -7.73164  -17.93373 1.79454   1.000 141.24803 ? 13  DC C OP2   1 
ATOM   613 O  "O5'" . DC C 3 13 ? -7.38427  -17.12326 4.13703   1.000 142.55021 ? 13  DC C "O5'" 1 
ATOM   614 C  "C5'" . DC C 3 13 ? -8.30215  -17.37696 5.17041   1.000 143.48290 ? 13  DC C "C5'" 1 
ATOM   615 C  "C4'" . DC C 3 13 ? -9.54704  -16.54528 4.97055   1.000 145.14051 ? 13  DC C "C4'" 1 
ATOM   616 O  "O4'" . DC C 3 13 ? -9.18772  -15.14909 4.93201   1.000 143.08629 ? 13  DC C "O4'" 1 
ATOM   617 C  "C3'" . DC C 3 13 ? -10.25187 -16.77540 3.65552   1.000 145.29787 ? 13  DC C "C3'" 1 
ATOM   618 O  "O3'" . DC C 3 13 ? -11.09135 -17.91024 3.75104   1.000 147.51684 ? 13  DC C "O3'" 1 
ATOM   619 C  "C2'" . DC C 3 13 ? -11.05882 -15.48993 3.50818   1.000 144.47841 ? 13  DC C "C2'" 1 
ATOM   620 C  "C1'" . DC C 3 13 ? -10.15004 -14.44562 4.17188   1.000 143.25333 ? 13  DC C "C1'" 1 
ATOM   621 N  N1    . DC C 3 13 ? -9.44364  -13.56728 3.20661   1.000 140.43223 ? 13  DC C N1    1 
ATOM   622 C  C2    . DC C 3 13 ? -9.73724  -12.20967 3.18515   1.000 138.36221 ? 13  DC C C2    1 
ATOM   623 O  O2    . DC C 3 13 ? -10.58371 -11.76893 3.96062   1.000 139.61044 ? 13  DC C O2    1 
ATOM   624 N  N3    . DC C 3 13 ? -9.09595  -11.41341 2.30771   1.000 136.90615 ? 13  DC C N3    1 
ATOM   625 C  C4    . DC C 3 13 ? -8.19043  -11.92532 1.48030   1.000 137.32086 ? 13  DC C C4    1 
ATOM   626 N  N4    . DC C 3 13 ? -7.58194  -11.09332 0.63016   1.000 136.78568 ? 13  DC C N4    1 
ATOM   627 C  C5    . DC C 3 13 ? -7.87305  -13.31287 1.48210   1.000 138.54676 ? 13  DC C C5    1 
ATOM   628 C  C6    . DC C 3 13 ? -8.51195  -14.08847 2.36263   1.000 139.54306 ? 13  DC C C6    1 
ATOM   629 P  P     . DA D 4 1  ? 19.29020  -2.93913  1.40503   1.000 202.12550 ? 11  DA D P     1 
ATOM   630 O  OP1   . DA D 4 1  ? 20.30627  -4.00204  1.57572   1.000 208.48664 ? 11  DA D OP1   1 
ATOM   631 O  OP2   . DA D 4 1  ? 17.92954  -3.10053  1.95098   1.000 193.05050 ? 11  DA D OP2   1 
ATOM   632 O  "O5'" . DA D 4 1  ? 19.10612  -2.62989  -0.14520  1.000 204.19410 ? 11  DA D "O5'" 1 
ATOM   633 C  "C5'" . DA D 4 1  ? 20.13884  -1.99558  -0.86090  1.000 211.59025 ? 11  DA D "C5'" 1 
ATOM   634 C  "C4'" . DA D 4 1  ? 19.82370  -0.53041  -1.11047  1.000 209.51181 ? 11  DA D "C4'" 1 
ATOM   635 O  "O4'" . DA D 4 1  ? 19.25264  -0.37170  -2.42047  1.000 209.02276 ? 11  DA D "O4'" 1 
ATOM   636 C  "C3'" . DA D 4 1  ? 18.80882  0.10824   -0.18897  1.000 201.04830 ? 11  DA D "C3'" 1 
ATOM   637 O  "O3'" . DA D 4 1  ? 18.99625  1.51223   -0.23961  1.000 201.69301 ? 11  DA D "O3'" 1 
ATOM   638 C  "C2'" . DA D 4 1  ? 17.48732  -0.30474  -0.83955  1.000 194.84637 ? 11  DA D "C2'" 1 
ATOM   639 C  "C1'" . DA D 4 1  ? 17.84390  -0.26470  -2.32166  1.000 200.34998 ? 11  DA D "C1'" 1 
ATOM   640 N  N9    . DA D 4 1  ? 17.28669  -1.35257  -3.09970  1.000 199.53130 ? 11  DA D N9    1 
ATOM   641 C  C8    . DA D 4 1  ? 16.85901  -2.56826  -2.65311  1.000 196.74659 ? 11  DA D C8    1 
ATOM   642 N  N7    . DA D 4 1  ? 16.43159  -3.35814  -3.61304  1.000 197.15180 ? 11  DA D N7    1 
ATOM   643 C  C5    . DA D 4 1  ? 16.61111  -2.60540  -4.76264  1.000 200.50126 ? 11  DA D C5    1 
ATOM   644 C  C6    . DA D 4 1  ? 16.35566  -2.86097  -6.12849  1.000 202.70042 ? 11  DA D C6    1 
ATOM   645 N  N6    . DA D 4 1  ? 15.83721  -4.00766  -6.58300  1.000 201.78151 ? 11  DA D N6    1 
ATOM   646 N  N1    . DA D 4 1  ? 16.65563  -1.88312  -7.01393  1.000 206.08971 ? 11  DA D N1    1 
ATOM   647 C  C2    . DA D 4 1  ? 17.17554  -0.74246  -6.55587  1.000 207.20700 ? 11  DA D C2    1 
ATOM   648 N  N3    . DA D 4 1  ? 17.45047  -0.38993  -5.30807  1.000 205.40183 ? 11  DA D N3    1 
ATOM   649 C  C4    . DA D 4 1  ? 17.14380  -1.37365  -4.45606  1.000 202.02914 ? 11  DA D C4    1 
ATOM   650 P  P     . DC D 4 2  ? 17.91514  2.51746   0.38852   1.000 193.41988 ? 12  DC D P     1 
ATOM   651 O  OP1   . DC D 4 2  ? 18.63737  3.76455   0.72940   1.000 196.67996 ? 12  DC D OP1   1 
ATOM   652 O  OP2   . DC D 4 2  ? 17.16336  1.78508   1.42905   1.000 186.96532 ? 12  DC D OP2   1 
ATOM   653 O  "O5'" . DC D 4 2  ? 16.93177  2.84692   -0.82932  1.000 190.10526 ? 12  DC D "O5'" 1 
ATOM   654 C  "C5'" . DC D 4 2  ? 17.34118  3.77066   -1.82282  1.000 194.51601 ? 12  DC D "C5'" 1 
ATOM   655 C  "C4'" . DC D 4 2  ? 16.32947  3.84674   -2.94672  1.000 191.08997 ? 12  DC D "C4'" 1 
ATOM   656 O  "O4'" . DC D 4 2  ? 16.10217  2.52621   -3.49340  1.000 191.56149 ? 12  DC D "O4'" 1 
ATOM   657 C  "C3'" . DC D 4 2  ? 14.94263  4.37866   -2.54385  1.000 181.74679 ? 12  DC D "C3'" 1 
ATOM   658 O  "O3'" . DC D 4 2  ? 14.62674  5.55041   -3.30267  1.000 181.33800 ? 12  DC D "O3'" 1 
ATOM   659 C  "C2'" . DC D 4 2  ? 13.99060  3.21644   -2.87536  1.000 177.44033 ? 12  DC D "C2'" 1 
ATOM   660 C  "C1'" . DC D 4 2  ? 14.77987  2.48887   -3.94472  1.000 184.95067 ? 12  DC D "C1'" 1 
ATOM   661 N  N1    . DC D 4 2  ? 14.36153  1.07679   -4.17160  1.000 183.81347 ? 12  DC D N1    1 
ATOM   662 C  C2    . DC D 4 2  ? 14.22167  0.62040   -5.47954  1.000 186.57508 ? 12  DC D C2    1 
ATOM   663 O  O2    . DC D 4 2  ? 14.45432  1.39375   -6.40964  1.000 189.88802 ? 12  DC D O2    1 
ATOM   664 N  N3    . DC D 4 2  ? 13.83123  -0.65245  -5.69589  1.000 185.70645 ? 12  DC D N3    1 
ATOM   665 C  C4    . DC D 4 2  ? 13.58624  -1.45796  -4.66829  1.000 182.25896 ? 12  DC D C4    1 
ATOM   666 N  N4    . DC D 4 2  ? 13.20476  -2.70893  -4.93850  1.000 181.74875 ? 12  DC D N4    1 
ATOM   667 C  C5    . DC D 4 2  ? 13.72236  -1.01476  -3.31728  1.000 179.36843 ? 12  DC D C5    1 
ATOM   668 C  C6    . DC D 4 2  ? 14.10826  0.25160   -3.11712  1.000 180.25505 ? 12  DC D C6    1 
ATOM   669 P  P     . DG D 4 3  ? 14.99227  7.01034   -2.73413  1.000 181.79651 ? 13  DG D P     1 
ATOM   670 O  OP1   . DG D 4 3  ? 16.46727  7.14323   -2.75370  1.000 190.68435 ? 13  DG D OP1   1 
ATOM   671 O  OP2   . DG D 4 3  ? 14.24753  7.19429   -1.46977  1.000 174.36593 ? 13  DG D OP2   1 
ATOM   672 O  "O5'" . DG D 4 3  ? 14.34566  8.02135   -3.79161  1.000 180.33285 ? 13  DG D "O5'" 1 
ATOM   673 C  "C5'" . DG D 4 3  ? 14.84948  8.09114   -5.11911  1.000 186.62758 ? 13  DG D "C5'" 1 
ATOM   674 C  "C4'" . DG D 4 3  ? 13.72193  8.06644   -6.13719  1.000 182.54950 ? 13  DG D "C4'" 1 
ATOM   675 O  "O4'" . DG D 4 3  ? 13.09314  6.75955   -6.13797  1.000 179.14841 ? 13  DG D "O4'" 1 
ATOM   676 C  "C3'" . DG D 4 3  ? 12.58683  9.04605   -5.88405  1.000 175.06966 ? 13  DG D "C3'" 1 
ATOM   677 O  "O3'" . DG D 4 3  ? 11.96804  9.33181   -7.10993  1.000 174.63201 ? 13  DG D "O3'" 1 
ATOM   678 C  "C2'" . DG D 4 3  ? 11.67040  8.22157   -4.99883  1.000 167.60275 ? 13  DG D "C2'" 1 
ATOM   679 C  "C1'" . DG D 4 3  ? 11.75302  6.88724   -5.71599  1.000 170.26003 ? 13  DG D "C1'" 1 
ATOM   680 N  N9    . DG D 4 3  ? 11.42292  5.74390   -4.88335  1.000 166.61745 ? 13  DG D N9    1 
ATOM   681 C  C8    . DG D 4 3  ? 11.41813  5.68130   -3.51294  1.000 163.18914 ? 13  DG D C8    1 
ATOM   682 N  N7    . DG D 4 3  ? 11.07763  4.51087   -3.04992  1.000 160.61069 ? 13  DG D N7    1 
ATOM   683 C  C5    . DG D 4 3  ? 10.86095  3.75040   -4.18960  1.000 162.56919 ? 13  DG D C5    1 
ATOM   684 C  C6    . DG D 4 3  ? 10.46896  2.40151   -4.32198  1.000 161.46058 ? 13  DG D C6    1 
ATOM   685 O  O6    . DG D 4 3  ? 10.23456  1.58040   -3.42969  1.000 158.46012 ? 13  DG D O6    1 
ATOM   686 N  N1    . DG D 4 3  ? 10.35739  2.02835   -5.65851  1.000 164.48184 ? 13  DG D N1    1 
ATOM   687 C  C2    . DG D 4 3  ? 10.59237  2.85817   -6.72979  1.000 168.10312 ? 13  DG D C2    1 
ATOM   688 N  N2    . DG D 4 3  ? 10.43460  2.32780   -7.95371  1.000 170.83630 ? 13  DG D N2    1 
ATOM   689 N  N3    . DG D 4 3  ? 10.95592  4.12377   -6.61505  1.000 169.16431 ? 13  DG D N3    1 
ATOM   690 C  C4    . DG D 4 3  ? 11.06835  4.49697   -5.32076  1.000 166.24373 ? 13  DG D C4    1 
ATOM   691 P  P     . DG D 4 4  ? 10.87561  10.49715  -7.22492  1.000 168.44822 ? 14  DG D P     1 
ATOM   692 O  OP1   . DG D 4 4  ? 11.61015  11.78243  -7.24510  1.000 172.73299 ? 14  DG D OP1   1 
ATOM   693 O  OP2   . DG D 4 4  ? 9.81491   10.25728  -6.22160  1.000 159.69782 ? 14  DG D OP2   1 
ATOM   694 O  "O5'" . DG D 4 4  ? 10.24596  10.24791  -8.66787  1.000 168.76989 ? 14  DG D "O5'" 1 
ATOM   695 C  "C5'" . DG D 4 4  ? 10.54721  9.04686   -9.35792  1.000 172.62854 ? 14  DG D "C5'" 1 
ATOM   696 C  "C4'" . DG D 4 4  ? 9.39632   8.06486   -9.25337  1.000 166.04502 ? 14  DG D "C4'" 1 
ATOM   697 O  "O4'" . DG D 4 4  ? 9.52592   7.25195   -8.05543  1.000 163.70982 ? 14  DG D "O4'" 1 
ATOM   698 C  "C3'" . DG D 4 4  ? 8.00169   8.70310   -9.16408  1.000 157.78728 ? 14  DG D "C3'" 1 
ATOM   699 O  "O3'" . DG D 4 4  ? 7.13028   8.03650   -10.03639 1.000 155.66307 ? 14  DG D "O3'" 1 
ATOM   700 C  "C2'" . DG D 4 4  ? 7.60899   8.44213   -7.72076  1.000 151.68640 ? 14  DG D "C2'" 1 
ATOM   701 C  "C1'" . DG D 4 4  ? 8.23677   7.08487   -7.55255  1.000 155.20015 ? 14  DG D "C1'" 1 
ATOM   702 N  N9    . DG D 4 4  ? 8.27837   6.61399   -6.18384  1.000 151.96018 ? 14  DG D N9    1 
ATOM   703 C  C8    . DG D 4 4  ? 8.60687   7.32345   -5.06060  1.000 150.58886 ? 14  DG D C8    1 
ATOM   704 N  N7    . DG D 4 4  ? 8.52712   6.62245   -3.96645  1.000 147.99065 ? 14  DG D N7    1 
ATOM   705 C  C5    . DG D 4 4  ? 8.08597   5.38091   -4.39629  1.000 146.85230 ? 14  DG D C5    1 
ATOM   706 C  C6    . DG D 4 4  ? 7.80407   4.20928   -3.66429  1.000 144.10883 ? 14  DG D C6    1 
ATOM   707 O  O6    . DG D 4 4  ? 7.89431   4.02418   -2.44678  1.000 141.72996 ? 14  DG D O6    1 
ATOM   708 N  N1    . DG D 4 4  ? 7.38839   3.17478   -4.49654  1.000 144.58214 ? 14  DG D N1    1 
ATOM   709 C  C2    . DG D 4 4  ? 7.25694   3.26751   -5.85908  1.000 147.32220 ? 14  DG D C2    1 
ATOM   710 N  N2    . DG D 4 4  ? 6.84172   2.17029   -6.49966  1.000 147.53983 ? 14  DG D N2    1 
ATOM   711 N  N3    . DG D 4 4  ? 7.51805   4.36079   -6.55050  1.000 149.88619 ? 14  DG D N3    1 
ATOM   712 C  C4    . DG D 4 4  ? 7.92508   5.37031   -5.75768  1.000 149.47126 ? 14  DG D C4    1 
ATOM   713 P  P     . DA D 4 5  ? 6.65395   8.75955   -11.38278 1.000 156.70659 ? 15  DA D P     1 
ATOM   714 O  OP1   . DA D 4 5  ? 7.73056   9.69269   -11.77881 1.000 163.56101 ? 15  DA D OP1   1 
ATOM   715 O  OP2   . DA D 4 5  ? 5.27892   9.24991   -11.15612 1.000 148.36397 ? 15  DA D OP2   1 
ATOM   716 O  "O5'" . DA D 4 5  ? 6.59178   7.57799   -12.45116 1.000 159.99601 ? 15  DA D "O5'" 1 
ATOM   717 C  "C5'" . DA D 4 5  ? 6.96429   6.26947   -12.06984 1.000 161.46125 ? 15  DA D "C5'" 1 
ATOM   718 C  "C4'" . DA D 4 5  ? 5.79628   5.32040   -12.21878 1.000 156.11145 ? 15  DA D "C4'" 1 
ATOM   719 O  "O4'" . DA D 4 5  ? 5.53200   4.68510   -10.94399 1.000 151.30232 ? 15  DA D "O4'" 1 
ATOM   720 C  "C3'" . DA D 4 5  ? 4.47843   5.97181   -12.59736 1.000 149.88303 ? 15  DA D "C3'" 1 
ATOM   721 O  "O3'" . DA D 4 5  ? 3.64084   4.99215   -13.11982 1.000 147.67248 ? 15  DA D "O3'" 1 
ATOM   722 C  "C2'" . DA D 4 5  ? 3.97700   6.40731   -11.23947 1.000 142.93802 ? 15  DA D "C2'" 1 
ATOM   723 C  "C1'" . DA D 4 5  ? 4.30317   5.16106   -10.43270 1.000 143.03320 ? 15  DA D "C1'" 1 
ATOM   724 N  N9    . DA D 4 5  ? 4.47445   5.41482   -9.01415  1.000 139.73040 ? 15  DA D N9    1 
ATOM   725 C  C8    . DA D 4 5  ? 5.00607   6.52947   -8.44278  1.000 140.32274 ? 15  DA D C8    1 
ATOM   726 N  N7    . DA D 4 5  ? 5.04539   6.48463   -7.13320  1.000 136.96794 ? 15  DA D N7    1 
ATOM   727 C  C5    . DA D 4 5  ? 4.50266   5.24983   -6.82732  1.000 133.97354 ? 15  DA D C5    1 
ATOM   728 C  C6    . DA D 4 5  ? 4.26566   4.59758   -5.60371  1.000 129.91203 ? 15  DA D C6    1 
ATOM   729 N  N6    . DA D 4 5  ? 4.56461   5.13569   -4.42118  1.000 128.09180 ? 15  DA D N6    1 
ATOM   730 N  N1    . DA D 4 5  ? 3.70962   3.36615   -5.64302  1.000 127.99854 ? 15  DA D N1    1 
ATOM   731 C  C2    . DA D 4 5  ? 3.41540   2.83282   -6.83712  1.000 130.04942 ? 15  DA D C2    1 
ATOM   732 N  N3    . DA D 4 5  ? 3.59206   3.35384   -8.05458  1.000 133.85960 ? 15  DA D N3    1 
ATOM   733 C  C4    . DA D 4 5  ? 4.14567   4.57474   -7.97610  1.000 135.65268 ? 15  DA D C4    1 
ATOM   734 P  P     . DC D 4 6  ? 2.77269   5.25876   -14.43644 1.000 147.07095 ? 16  DC D P     1 
ATOM   735 O  OP1   . DC D 4 6  ? 3.64166   4.99359   -15.60398 1.000 155.44912 ? 16  DC D OP1   1 
ATOM   736 O  OP2   . DC D 4 6  ? 2.08780   6.56297   -14.29023 1.000 142.25769 ? 16  DC D OP2   1 
ATOM   737 O  "O5'" . DC D 4 6  ? 1.68301   4.10380   -14.34337 1.000 142.01123 ? 16  DC D "O5'" 1 
ATOM   738 C  "C5'" . DC D 4 6  ? 1.91120   3.01450   -13.45193 1.000 141.25000 ? 16  DC D "C5'" 1 
ATOM   739 C  "C4'" . DC D 4 6  ? 0.82005   2.94449   -12.39975 1.000 132.63623 ? 16  DC D "C4'" 1 
ATOM   740 O  "O4'" . DC D 4 6  ? 1.29626   3.45393   -11.13963 1.000 130.86157 ? 16  DC D "O4'" 1 
ATOM   741 C  "C3'" . DC D 4 6  ? -0.41990  3.76961   -12.71474 1.000 126.74245 ? 16  DC D "C3'" 1 
ATOM   742 O  "O3'" . DC D 4 6  ? -1.43947  2.92005   -13.29482 1.000 124.24734 ? 16  DC D "O3'" 1 
ATOM   743 C  "C2'" . DC D 4 6  ? -0.83098  4.40145   -11.35827 1.000 120.14799 ? 16  DC D "C2'" 1 
ATOM   744 C  "C1'" . DC D 4 6  ? 0.16841   3.80775   -10.36725 1.000 122.69257 ? 16  DC D "C1'" 1 
ATOM   745 N  N1    . DC D 4 6  ? 0.60887   4.75975   -9.28511  1.000 121.05048 ? 16  DC D N1    1 
ATOM   746 C  C2    . DC D 4 6  ? 0.53286   4.38764   -7.92981  1.000 117.18558 ? 16  DC D C2    1 
ATOM   747 O  O2    . DC D 4 6  ? 0.08145   3.27768   -7.62818  1.000 115.03605 ? 16  DC D O2    1 
ATOM   748 N  N3    . DC D 4 6  ? 0.95760   5.26688   -6.98361  1.000 116.08309 ? 16  DC D N3    1 
ATOM   749 C  C4    . DC D 4 6  ? 1.43783   6.45540   -7.34760  1.000 118.69390 ? 16  DC D C4    1 
ATOM   750 N  N4    . DC D 4 6  ? 1.84326   7.29187   -6.39090  1.000 117.69384 ? 16  DC D N4    1 
ATOM   751 C  C5    . DC D 4 6  ? 1.52426   6.84443   -8.71198  1.000 122.65520 ? 16  DC D C5    1 
ATOM   752 C  C6    . DC D 4 6  ? 1.09828   5.97800   -9.63395  1.000 123.63930 ? 16  DC D C6    1 
ATOM   753 P  P     . DG D 4 7  ? -2.49971  2.11210   -12.39047 1.000 126.77800 ? 17  DG D P     1 
ATOM   754 O  OP1   . DG D 4 7  ? -1.80273  1.47619   -11.25187 1.000 127.37298 ? 17  DG D OP1   1 
ATOM   755 O  OP2   . DG D 4 7  ? -3.26093  1.24521   -13.31808 1.000 126.84135 ? 17  DG D OP2   1 
ATOM   756 O  "O5'" . DG D 4 7  ? -3.47776  3.25783   -11.85300 1.000 120.35123 ? 17  DG D "O5'" 1 
ATOM   757 C  "C5'" . DG D 4 7  ? -4.79967  2.95656   -11.48138 1.000 112.41495 ? 17  DG D "C5'" 1 
ATOM   758 C  "C4'" . DG D 4 7  ? -4.84460  1.87640   -10.41958 1.000 110.26251 ? 17  DG D "C4'" 1 
ATOM   759 O  "O4'" . DG D 4 7  ? -3.78978  2.08123   -9.45511  1.000 112.21685 ? 17  DG D "O4'" 1 
ATOM   760 C  "C3'" . DG D 4 7  ? -6.11708  1.85903   -9.60996  1.000 102.17937 ? 17  DG D "C3'" 1 
ATOM   761 O  "O3'" . DG D 4 7  ? -6.35644  0.57755   -9.13358  1.000 101.25201 ? 17  DG D "O3'" 1 
ATOM   762 C  "C2'" . DG D 4 7  ? -5.81163  2.82088   -8.47544  1.000 99.38460  ? 17  DG D "C2'" 1 
ATOM   763 C  "C1'" . DG D 4 7  ? -4.31675  2.62798   -8.26363  1.000 105.89793 ? 17  DG D "C1'" 1 
ATOM   764 N  N9    . DG D 4 7  ? -3.61679  3.87138   -8.01937  1.000 107.28582 ? 17  DG D N9    1 
ATOM   765 C  C8    . DG D 4 7  ? -3.25887  4.80608   -8.95746  1.000 110.72513 ? 17  DG D C8    1 
ATOM   766 N  N7    . DG D 4 7  ? -2.62570  5.82464   -8.45878  1.000 111.53227 ? 17  DG D N7    1 
ATOM   767 C  C5    . DG D 4 7  ? -2.55196  5.54446   -7.10350  1.000 108.41929 ? 17  DG D C5    1 
ATOM   768 C  C6    . DG D 4 7  ? -1.96929  6.29010   -6.06654  1.000 109.65616 ? 17  DG D C6    1 
ATOM   769 O  O6    . DG D 4 7  ? -1.39220  7.37541   -6.13790  1.000 111.77873 ? 17  DG D O6    1 
ATOM   770 N  N1    . DG D 4 7  ? -2.10946  5.65523   -4.83718  1.000 106.36947 ? 17  DG D N1    1 
ATOM   771 C  C2    . DG D 4 7  ? -2.73121  4.44012   -4.64732  1.000 102.09807 ? 17  DG D C2    1 
ATOM   772 N  N2    . DG D 4 7  ? -2.77745  3.98468   -3.38305  1.000 99.14327  ? 17  DG D N2    1 
ATOM   773 N  N3    . DG D 4 7  ? -3.28858  3.73266   -5.62362  1.000 102.60510 ? 17  DG D N3    1 
ATOM   774 C  C4    . DG D 4 7  ? -3.15714  4.34413   -6.82265  1.000 105.80373 ? 17  DG D C4    1 
ATOM   775 P  P     . DA D 4 8  ? -7.76796  0.26221   -8.45743  1.000 110.69588 ? 18  DA D P     1 
ATOM   776 O  OP1   . DA D 4 8  ? -8.04196  -1.17944  -8.62244  1.000 109.34979 ? 18  DA D OP1   1 
ATOM   777 O  OP2   . DA D 4 8  ? -8.72603  1.28268   -8.93820  1.000 103.74249 ? 18  DA D OP2   1 
ATOM   778 O  "O5'" . DA D 4 8  ? -7.51255  0.56572   -6.92400  1.000 104.30574 ? 18  DA D "O5'" 1 
ATOM   779 C  "C5'" . DA D 4 8  ? -8.52037  1.15984   -6.17618  1.000 95.60108  ? 18  DA D "C5'" 1 
ATOM   780 C  "C4'" . DA D 4 8  ? -7.95308  1.73391   -4.90663  1.000 94.74929  ? 18  DA D "C4'" 1 
ATOM   781 O  "O4'" . DA D 4 8  ? -6.75243  2.46053   -5.20068  1.000 100.58667 ? 18  DA D "O4'" 1 
ATOM   782 C  "C3'" . DA D 4 8  ? -8.85113  2.73392   -4.23475  1.000 87.04321  ? 18  DA D "C3'" 1 
ATOM   783 O  "O3'" . DA D 4 8  ? -9.71162  2.04740   -3.39204  1.000 81.44867  ? 18  DA D "O3'" 1 
ATOM   784 C  "C2'" . DA D 4 8  ? -7.87389  3.59940   -3.44361  1.000 89.87469  ? 18  DA D "C2'" 1 
ATOM   785 C  "C1'" . DA D 4 8  ? -6.57354  3.46737   -4.22746  1.000 98.84853  ? 18  DA D "C1'" 1 
ATOM   786 N  N9    . DA D 4 8  ? -6.15502  4.67813   -4.91275  1.000 102.66804 ? 18  DA D N9    1 
ATOM   787 C  C8    . DA D 4 8  ? -6.31790  4.97169   -6.23175  1.000 103.64408 ? 18  DA D C8    1 
ATOM   788 N  N7    . DA D 4 8  ? -5.80252  6.11907   -6.58696  1.000 107.52899 ? 18  DA D N7    1 
ATOM   789 C  C5    . DA D 4 8  ? -5.26696  6.61072   -5.41505  1.000 108.99822 ? 18  DA D C5    1 
ATOM   790 C  C6    . DA D 4 8  ? -4.58396  7.79412   -5.11639  1.000 114.06680 ? 18  DA D C6    1 
ATOM   791 N  N6    . DA D 4 8  ? -4.31577  8.72810   -6.02445  1.000 118.62066 ? 18  DA D N6    1 
ATOM   792 N  N1    . DA D 4 8  ? -4.17626  7.97626   -3.85082  1.000 114.75188 ? 18  DA D N1    1 
ATOM   793 C  C2    . DA D 4 8  ? -4.45622  7.03633   -2.94666  1.000 111.17613 ? 18  DA D C2    1 
ATOM   794 N  N3    . DA D 4 8  ? -5.08438  5.87934   -3.10795  1.000 105.84084 ? 18  DA D N3    1 
ATOM   795 C  C4    . DA D 4 8  ? -5.47602  5.73332   -4.37427  1.000 105.98488 ? 18  DA D C4    1 
ATOM   796 P  P     . DT D 4 9  ? -11.03823 2.74869   -2.84573  1.000 84.48173  ? 19  DT D P     1 
ATOM   797 O  OP1   . DT D 4 9  ? -11.97018 1.67202   -2.45065  1.000 82.46693  ? 19  DT D OP1   1 
ATOM   798 O  OP2   . DT D 4 9  ? -11.43395 3.75875   -3.84158  1.000 87.31899  ? 19  DT D OP2   1 
ATOM   799 O  "O5'" . DT D 4 9  ? -10.54710 3.52597   -1.54700  1.000 80.91779  ? 19  DT D "O5'" 1 
ATOM   800 C  "C5'" . DT D 4 9  ? -9.72581  2.86297   -0.61048  1.000 83.51121  ? 19  DT D "C5'" 1 
ATOM   801 C  "C4'" . DT D 4 9  ? -9.12886  3.84863   0.36744   1.000 83.57452  ? 19  DT D "C4'" 1 
ATOM   802 O  "O4'" . DT D 4 9  ? -8.29686  4.80905   -0.33063  1.000 90.35485  ? 19  DT D "O4'" 1 
ATOM   803 C  "C3'" . DT D 4 9  ? -10.13704 4.66735   1.14336   1.000 76.49332  ? 19  DT D "C3'" 1 
ATOM   804 O  "O3'" . DT D 4 9  ? -9.64138  4.85258   2.42504   1.000 75.72764  ? 19  DT D "O3'" 1 
ATOM   805 C  "C2'" . DT D 4 9  ? -10.19482 5.98416   0.36315   1.000 78.19432  ? 19  DT D "C2'" 1 
ATOM   806 C  "C1'" . DT D 4 9  ? -8.75237  6.12863   -0.07730  1.000 89.12465  ? 19  DT D "C1'" 1 
ATOM   807 N  N1    . DT D 4 9  ? -8.56886  6.90969   -1.33597  1.000 93.38890  ? 19  DT D N1    1 
ATOM   808 C  C2    . DT D 4 9  ? -7.67615  7.95756   -1.36898  1.000 102.20357 ? 19  DT D C2    1 
ATOM   809 O  O2    . DT D 4 9  ? -7.03536  8.31955   -0.39810  1.000 107.31027 ? 19  DT D O2    1 
ATOM   810 N  N3    . DT D 4 9  ? -7.55891  8.56942   -2.59197  1.000 104.34453 ? 19  DT D N3    1 
ATOM   811 C  C4    . DT D 4 9  ? -8.22881  8.25211   -3.74359  1.000 103.42058 ? 19  DT D C4    1 
ATOM   812 O  O4    . DT D 4 9  ? -8.06245  8.86160   -4.78923  1.000 105.87349 ? 19  DT D O4    1 
ATOM   813 C  C5    . DT D 4 9  ? -9.13406  7.14207   -3.63772  1.000 98.26450  ? 19  DT D C5    1 
ATOM   814 C  C7    . DT D 4 9  ? -9.91512  6.70059   -4.82766  1.000 101.61280 ? 19  DT D C7    1 
ATOM   815 C  C6    . DT D 4 9  ? -9.25487  6.53002   -2.45811  1.000 92.43742  ? 19  DT D C6    1 
ATOM   816 P  P     . DC D 4 10 ? -10.44245 5.76413   3.46017   1.000 87.62926  ? 20  DC D P     1 
ATOM   817 O  OP1   . DC D 4 10 ? -10.21291 5.19282   4.80566   1.000 84.61556  ? 20  DC D OP1   1 
ATOM   818 O  OP2   . DC D 4 10 ? -11.82210 5.89533   2.94169   1.000 79.28196  ? 20  DC D OP2   1 
ATOM   819 O  "O5'" . DC D 4 10 ? -9.69660  7.17541   3.36723   1.000 92.14501  ? 20  DC D "O5'" 1 
ATOM   820 C  "C5'" . DC D 4 10 ? -8.42045  7.34085   3.97929   1.000 100.67068 ? 20  DC D "C5'" 1 
ATOM   821 C  "C4'" . DC D 4 10 ? -7.99902  8.79990   3.98801   1.000 108.04302 ? 20  DC D "C4'" 1 
ATOM   822 O  "O4'" . DC D 4 10 ? -8.04713  9.31747   2.63670   1.000 111.17136 ? 20  DC D "O4'" 1 
ATOM   823 C  "C3'" . DC D 4 10 ? -8.89405  9.74324   4.79348   1.000 100.09931 ? 20  DC D "C3'" 1 
ATOM   824 O  "O3'" . DC D 4 10 ? -8.14364  10.88969  5.16275   1.000 108.20701 ? 20  DC D "O3'" 1 
ATOM   825 C  "C2'" . DC D 4 10 ? -9.91230  10.12533  3.74707   1.000 93.07969  ? 20  DC D "C2'" 1 
ATOM   826 C  "C1'" . DC D 4 10 ? -8.95547  10.39181  2.60877   1.000 103.91609 ? 20  DC D "C1'" 1 
ATOM   827 N  N1    . DC D 4 10 ? -9.57622  10.41409  1.32440   1.000 101.54105 ? 20  DC D N1    1 
ATOM   828 C  C2    . DC D 4 10 ? -9.16630  11.36335  0.40388   1.000 108.91224 ? 20  DC D C2    1 
ATOM   829 O  O2    . DC D 4 10 ? -8.28643  12.16398  0.72442   1.000 116.06411 ? 20  DC D O2    1 
ATOM   830 N  N3    . DC D 4 10 ? -9.74341  11.38672  -0.80517  1.000 105.72817 ? 20  DC D N3    1 
ATOM   831 C  C4    . DC D 4 10 ? -10.68876 10.50657  -1.10238  1.000 100.12544 ? 20  DC D C4    1 
ATOM   832 N  N4    . DC D 4 10 ? -11.23125 10.56795  -2.31289  1.000 99.88001  ? 20  DC D N4    1 
ATOM   833 C  C5    . DC D 4 10 ? -11.12060 9.52102   -0.17139  1.000 94.43569  ? 20  DC D C5    1 
ATOM   834 C  C6    . DC D 4 10 ? -10.53971 9.51235   1.02331   1.000 93.67280  ? 20  DC D C6    1 
ATOM   835 P  P     . DA D 4 11 ? -8.16069  11.43829  6.67095   1.000 123.44558 ? 21  DA D P     1 
ATOM   836 O  OP1   . DA D 4 11 ? -6.97608  12.30929  6.84032   1.000 133.59831 ? 21  DA D OP1   1 
ATOM   837 O  OP2   . DA D 4 11 ? -8.36001  10.27236  7.55442   1.000 115.86767 ? 21  DA D OP2   1 
ATOM   838 O  "O5'" . DA D 4 11 ? -9.48600  12.32878  6.76485   1.000 109.39794 ? 21  DA D "O5'" 1 
ATOM   839 C  "C5'" . DA D 4 11 ? -10.00592 12.96934  5.61371   1.000 106.25144 ? 21  DA D "C5'" 1 
ATOM   840 C  "C4'" . DA D 4 11 ? -9.03317  13.99151  5.06327   1.000 120.52158 ? 21  DA D "C4'" 1 
ATOM   841 O  "O4'" . DA D 4 11 ? -9.10379  13.97738  3.62554   1.000 122.57902 ? 21  DA D "O4'" 1 
ATOM   842 C  "C3'" . DA D 4 11 ? -9.36375  15.42082  5.41888   1.000 114.01704 ? 21  DA D "C3'" 1 
ATOM   843 O  "O3'" . DA D 4 11 ? -8.23978  16.24581  5.15970   1.000 125.76442 ? 21  DA D "O3'" 1 
ATOM   844 C  "C2'" . DA D 4 11 ? -10.49624 15.71173  4.44436   1.000 99.62697  ? 21  DA D "C2'" 1 
ATOM   845 C  "C1'" . DA D 4 11 ? -10.01687 14.97155  3.19672   1.000 109.45307 ? 21  DA D "C1'" 1 
ATOM   846 N  N9    . DA D 4 11 ? -11.07970 14.31328  2.46203   1.000 101.25249 ? 21  DA D N9    1 
ATOM   847 C  C8    . DA D 4 11 ? -11.89688 13.30991  2.90088   1.000 93.62426  ? 21  DA D C8    1 
ATOM   848 N  N7    . DA D 4 11 ? -12.75743 12.90377  2.00336   1.000 86.70641  ? 21  DA D N7    1 
ATOM   849 C  C5    . DA D 4 11 ? -12.47097 13.68517  0.90495   1.000 92.13224  ? 21  DA D C5    1 
ATOM   850 C  C6    . DA D 4 11 ? -13.02712 13.74840  -0.37346  1.000 89.94771  ? 21  DA D C6    1 
ATOM   851 N  N6    . DA D 4 11 ? -14.03373 12.97187  -0.77064  1.000 84.41157  ? 21  DA D N6    1 
ATOM   852 N  N1    . DA D 4 11 ? -12.51515 14.65054  -1.23053  1.000 93.44095  ? 21  DA D N1    1 
ATOM   853 C  C2    . DA D 4 11 ? -11.51180 15.42610  -0.82125  1.000 100.61404 ? 21  DA D C2    1 
ATOM   854 N  N3    . DA D 4 11 ? -10.90689 15.45514  0.35441   1.000 103.51952 ? 21  DA D N3    1 
ATOM   855 C  C4    . DA D 4 11 ? -11.44162 14.55546  1.17735   1.000 99.21347  ? 21  DA D C4    1 
HETATM 856 CA CA    . CA E 5 .  ? -5.29507  -6.05661  -1.00904  0.200 66.03379  ? 101 CA B CA    1 
HETATM 857 CA CA    . CA F 5 .  ? -5.28666  2.10017   -0.12106  0.990 93.17923  ? 101 CA D CA    1 
# 
loop_
_atom_site_anisotrop.id 
_atom_site_anisotrop.type_symbol 
_atom_site_anisotrop.pdbx_label_atom_id 
_atom_site_anisotrop.pdbx_label_alt_id 
_atom_site_anisotrop.pdbx_label_comp_id 
_atom_site_anisotrop.pdbx_label_asym_id 
_atom_site_anisotrop.pdbx_label_seq_id 
_atom_site_anisotrop.pdbx_PDB_ins_code 
_atom_site_anisotrop.U[1][1] 
_atom_site_anisotrop.U[2][2] 
_atom_site_anisotrop.U[3][3] 
_atom_site_anisotrop.U[1][2] 
_atom_site_anisotrop.U[1][3] 
_atom_site_anisotrop.U[2][3] 
_atom_site_anisotrop.pdbx_auth_seq_id 
_atom_site_anisotrop.pdbx_auth_comp_id 
_atom_site_anisotrop.pdbx_auth_asym_id 
_atom_site_anisotrop.pdbx_auth_atom_id 
1   P P     . DC A 1  ? 1.84964 3.12580 1.48220 -0.30861 -0.41179 -0.40459 14 DC A P     
2   O OP1   . DC A 1  ? 1.81095 3.07831 1.38903 -0.35118 -0.44360 -0.39590 14 DC A OP1   
3   O OP2   . DC A 1  ? 1.85528 3.08214 1.46880 -0.28481 -0.41216 -0.39296 14 DC A OP2   
4   O "O5'" . DC A 1  ? 1.74541 3.06254 1.45995 -0.24690 -0.43173 -0.38129 14 DC A "O5'" 
5   C "C5'" . DC A 1  ? 1.68740 3.06240 1.43619 -0.25877 -0.43887 -0.38559 14 DC A "C5'" 
6   C "C4'" . DC A 1  ? 1.64200 3.06769 1.47135 -0.20730 -0.42637 -0.38306 14 DC A "C4'" 
7   O "O4'" . DC A 1  ? 1.56030 2.97982 1.41931 -0.15602 -0.46903 -0.34205 14 DC A "O4'" 
8   C "C3'" . DC A 1  ? 1.65564 3.06715 1.50726 -0.17122 -0.39267 -0.39624 14 DC A "C3'" 
9   O "O3'" . DC A 1  ? 1.65322 3.12370 1.55997 -0.15818 -0.36456 -0.41793 14 DC A "O3'" 
10  C "C2'" . DC A 1  ? 1.58279 2.95119 1.44673 -0.10873 -0.42542 -0.35399 14 DC A "C2'" 
11  C "C1'" . DC A 1  ? 1.49661 2.89992 1.39062 -0.09601 -0.45792 -0.33030 14 DC A "C1'" 
12  N N1    . DC A 1  ? 1.42784 2.77946 1.31984 -0.05643 -0.50179 -0.28935 14 DC A N1    
13  C C2    . DC A 1  ? 1.38480 2.76276 1.33266 -0.00890 -0.51479 -0.27010 14 DC A C2    
14  O O2    . DC A 1  ? 1.34362 2.79322 1.33914 0.00062  -0.48902 -0.28647 14 DC A O2    
15  N N3    . DC A 1  ? 1.40739 2.73168 1.35413 0.02222  -0.55431 -0.23604 14 DC A N3    
16  C C4    . DC A 1  ? 1.45901 2.70594 1.35001 0.00665  -0.58392 -0.21896 14 DC A C4    
17  N N4    . DC A 1  ? 1.48568 2.67835 1.37793 0.03315  -0.62514 -0.18555 14 DC A N4    
18  C C5    . DC A 1  ? 1.49191 2.71541 1.32170 -0.03999 -0.57122 -0.23739 14 DC A C5    
19  C C6    . DC A 1  ? 1.47677 2.75494 1.31065 -0.07008 -0.52818 -0.27324 14 DC A C6    
20  P P     . DA A 2  ? 1.50277 2.96861 1.42971 -0.14022 -0.32433 -0.45147 15 DA A P     
21  O OP1   . DA A 2  ? 1.53864 2.98961 1.42800 -0.20575 -0.29158 -0.49662 15 DA A OP1   
22  O OP2   . DA A 2  ? 1.44456 2.86440 1.38026 -0.07665 -0.33767 -0.42595 15 DA A OP2   
23  O "O5'" . DA A 2  ? 1.44990 2.98412 1.43432 -0.12195 -0.31013 -0.46247 15 DA A "O5'" 
24  C "C5'" . DA A 2  ? 1.41690 2.95288 1.43869 -0.05534 -0.30595 -0.45446 15 DA A "C5'" 
25  C "C4'" . DA A 2  ? 1.32500 2.91970 1.38961 -0.02380 -0.31649 -0.43121 15 DA A "C4'" 
26  O "O4'" . DA A 2  ? 1.22379 2.80364 1.28245 -0.00925 -0.35050 -0.39228 15 DA A "O4'" 
27  C "C3'" . DA A 2  ? 1.30969 2.90278 1.40391 0.04792  -0.31092 -0.42011 15 DA A "C3'" 
28  O "O3'" . DA A 2  ? 1.27936 2.95328 1.41440 0.05292  -0.30351 -0.41937 15 DA A "O3'" 
29  C "C2'" . DA A 2  ? 1.22603 2.75465 1.30754 0.09719  -0.33702 -0.37936 15 DA A "C2'" 
30  C "C1'" . DA A 2  ? 1.16409 2.70973 1.23767 0.06131  -0.36188 -0.36237 15 DA A "C1'" 
31  N N9    . DA A 2  ? 1.14981 2.61942 1.18964 0.06844  -0.39010 -0.33620 15 DA A N9    
32  C C8    . DA A 2  ? 1.19996 2.62202 1.19509 0.03277  -0.39362 -0.34373 15 DA A C8    
33  N N7    . DA A 2  ? 1.20452 2.56340 1.17459 0.04525  -0.42381 -0.31411 15 DA A N7    
34  C C5    . DA A 2  ? 1.19103 2.55087 1.19383 0.09215  -0.44052 -0.28738 15 DA A C5    
35  C C6    . DA A 2  ? 1.21106 2.51527 1.21074 0.12083  -0.47396 -0.25295 15 DA A C6    
36  N N6    . DA A 2  ? 1.25019 2.48535 1.20876 0.10536  -0.50100 -0.23534 15 DA A N6    
37  N N1    . DA A 2  ? 1.19565 2.51946 1.23449 0.16259  -0.47818 -0.23955 15 DA A N1    
38  C C2    . DA A 2  ? 1.16315 2.56152 1.23851 0.17577  -0.45103 -0.25754 15 DA A C2    
39  N N3    . DA A 2  ? 1.14236 2.59869 1.22392 0.15047  -0.42149 -0.28684 15 DA A N3    
40  C C4    . DA A 2  ? 1.15741 2.58782 1.20241 0.10829  -0.41802 -0.30133 15 DA A C4    
41  P P     . DC A 3  ? 1.33527 3.01932 1.49655 0.12920  -0.30557 -0.39123 16 DC A P     
42  O OP1   . DC A 3  ? 1.19314 2.86187 1.35516 0.14608  -0.33065 -0.35910 16 DC A OP1   
43  O OP2   . DC A 3  ? 1.33460 3.11228 1.53597 0.11840  -0.28483 -0.40751 16 DC A OP2   
44  O "O5'" . DC A 3  ? 1.32307 2.92639 1.46351 0.18278  -0.30099 -0.39183 16 DC A "O5'" 
45  C "C5'" . DC A 3  ? 1.24398 2.76605 1.36762 0.23958  -0.31491 -0.36183 16 DC A "C5'" 
46  C "C4'" . DC A 3  ? 1.13316 2.67824 1.27241 0.27467  -0.32042 -0.33584 16 DC A "C4'" 
47  O "O4'" . DC A 3  ? 1.10185 2.61780 1.23429 0.26211  -0.34538 -0.31517 16 DC A "O4'" 
48  C "C3'" . DC A 3  ? 1.08996 2.57669 1.21721 0.34256  -0.31605 -0.32048 16 DC A "C3'" 
49  O "O3'" . DC A 3  ? 1.07604 2.62525 1.22319 0.36678  -0.30749 -0.31282 16 DC A "O3'" 
50  C "C2'" . DC A 3  ? 1.08493 2.47834 1.19076 0.35474  -0.33692 -0.29951 16 DC A "C2'" 
51  C "C1'" . DC A 3  ? 1.10489 2.53315 1.22001 0.30810  -0.35663 -0.29303 16 DC A "C1'" 
52  N N1    . DC A 3  ? 1.12017 2.47840 1.20915 0.28286  -0.37707 -0.28452 16 DC A N1    
53  C C2    . DC A 3  ? 1.14052 2.43199 1.21914 0.29907  -0.40179 -0.25787 16 DC A C2    
54  O O2    . DC A 3  ? 1.14556 2.43373 1.23743 0.33418  -0.40546 -0.24515 16 DC A O2    
55  N N3    . DC A 3  ? 1.15938 2.39528 1.21260 0.27265  -0.42147 -0.24857 16 DC A N3    
56  C C4    . DC A 3  ? 1.15942 2.40581 1.19551 0.23370  -0.41423 -0.26764 16 DC A C4    
57  N N4    . DC A 3  ? 1.18515 2.38163 1.19116 0.20756  -0.43304 -0.25892 16 DC A N4    
58  C C5    . DC A 3  ? 1.13886 2.45001 1.18637 0.21625  -0.38717 -0.29912 16 DC A C5    
59  C C6    . DC A 3  ? 1.11944 2.48346 1.19424 0.24091  -0.37121 -0.30499 16 DC A C6    
60  P P     . DA A 4  ? 1.32610 2.86546 1.46083 0.42451  -0.28958 -0.31005 17 DA A P     
61  O OP1   . DA A 4  ? 1.30739 2.95455 1.47392 0.43121  -0.27577 -0.30774 17 DA A OP1   
62  O OP2   . DA A 4  ? 1.39004 2.90625 1.51519 0.42298  -0.28294 -0.32652 17 DA A OP2   
63  O "O5'" . DA A 4  ? 1.24322 2.66602 1.34262 0.46901  -0.30068 -0.29217 17 DA A "O5'" 
64  C "C5'" . DA A 4  ? 1.22528 2.64121 1.33175 0.47156  -0.31484 -0.27863 17 DA A "C5'" 
65  C "C4'" . DA A 4  ? 1.21127 2.50890 1.28933 0.48974  -0.32973 -0.26644 17 DA A "C4'" 
66  O "O4'" . DA A 4  ? 1.19299 2.45358 1.27180 0.45026  -0.34723 -0.26325 17 DA A "O4'" 
67  C "C3'" . DA A 4  ? 1.19535 2.41062 1.23882 0.52561  -0.32018 -0.26897 17 DA A "C3'" 
68  O "O3'" . DA A 4  ? 1.20472 2.35956 1.22847 0.55667  -0.32574 -0.25968 17 DA A "O3'" 
69  C "C2'" . DA A 4  ? 1.19605 2.35225 1.23614 0.49896  -0.32993 -0.27241 17 DA A "C2'" 
70  C "C1'" . DA A 4  ? 1.17423 2.33783 1.22884 0.46572  -0.35011 -0.26018 17 DA A "C1'" 
71  N N9    . DA A 4  ? 1.16858 2.31004 1.22270 0.42796  -0.36141 -0.26230 17 DA A N9    
72  C C8    . DA A 4  ? 1.18491 2.36084 1.24375 0.40073  -0.35339 -0.28195 17 DA A C8    
73  N N7    . DA A 4  ? 1.20604 2.35612 1.25834 0.36872  -0.36600 -0.28233 17 DA A N7    
74  C C5    . DA A 4  ? 1.16834 2.26097 1.21195 0.37609  -0.38565 -0.25721 17 DA A C5    
75  C C6    . DA A 4  ? 1.18503 2.23095 1.21634 0.35261  -0.40805 -0.24248 17 DA A C6    
76  N N6    . DA A 4  ? 1.19387 2.24575 1.21486 0.31622  -0.41194 -0.25354 17 DA A N6    
77  N N1    . DA A 4  ? 1.20453 2.20153 1.23259 0.36598  -0.42678 -0.21778 17 DA A N1    
78  C C2    . DA A 4  ? 1.20674 2.20443 1.24310 0.40049  -0.42078 -0.21303 17 DA A C2    
79  N N3    . DA A 4  ? 1.19470 2.23564 1.23834 0.42571  -0.39883 -0.22704 17 DA A N3    
80  C C4    . DA A 4  ? 1.17534 2.26156 1.22225 0.41170  -0.38289 -0.24665 17 DA A C4    
81  P P     . DC A 5  ? 1.14581 2.33885 1.15570 0.60072  -0.31162 -0.26153 18 DC A P     
82  O OP1   . DC A 5  ? 1.16571 2.35250 1.18393 0.60935  -0.32524 -0.25534 18 DC A OP1   
83  O OP2   . DC A 5  ? 1.13697 2.43935 1.16649 0.59775  -0.29424 -0.26813 18 DC A OP2   
84  O "O5'" . DC A 5  ? 1.16445 2.26581 1.12696 0.63517  -0.30568 -0.26383 18 DC A "O5'" 
85  C "C5'" . DC A 5  ? 1.19349 2.31686 1.12556 0.67659  -0.29007 -0.26651 18 DC A "C5'" 
86  C "C4'" . DC A 5  ? 1.20233 2.26655 1.10239 0.69135  -0.28571 -0.26860 18 DC A "C4'" 
87  O "O4'" . DC A 5  ? 1.17134 2.27601 1.10096 0.66333  -0.28378 -0.27259 18 DC A "O4'" 
88  C "C3'" . DC A 5  ? 1.24516 2.32639 1.10269 0.73861  -0.27110 -0.26624 18 DC A "C3'" 
89  O "O3'" . DC A 5  ? 1.27724 2.25061 1.08772 0.76100  -0.27844 -0.26712 18 DC A "O3'" 
90  C "C2'" . DC A 5  ? 1.23285 2.38960 1.10912 0.73430  -0.25933 -0.26417 18 DC A "C2'" 
91  C "C1'" . DC A 5  ? 1.18925 2.32556 1.10285 0.68896  -0.27136 -0.27203 18 DC A "C1'" 
92  N N1    . DC A 5  ? 1.15708 2.40768 1.11908 0.65778  -0.26370 -0.27744 18 DC A N1    
93  C C2    . DC A 5  ? 1.16718 2.49083 1.13462 0.67540  -0.24865 -0.27478 18 DC A C2    
94  O O2    . DC A 5  ? 1.21172 2.49495 1.13403 0.72346  -0.24234 -0.26375 18 DC A O2    
95  N N3    . DC A 5  ? 1.13268 2.57149 1.15695 0.63644  -0.24094 -0.28408 18 DC A N3    
96  C C4    . DC A 5  ? 1.09874 2.56949 1.15881 0.58246  -0.25028 -0.29602 18 DC A C4    
97  N N4    . DC A 5  ? 1.09399 2.65474 1.19958 0.52737  -0.23515 -0.30796 18 DC A N4    
98  C C5    . DC A 5  ? 1.09641 2.48462 1.14128 0.57171  -0.26672 -0.29380 18 DC A C5    
99  C C6    . DC A 5  ? 1.12205 2.40727 1.12401 0.60966  -0.27191 -0.28430 18 DC A C6    
100 P P     . DC A 6  ? 1.47225 2.40040 1.24011 0.79273  -0.28138 -0.27032 19 DC A P     
101 O OP1   . DC A 6  ? 1.51803 2.33225 1.24929 0.80026  -0.29365 -0.27357 19 DC A OP1   
102 O OP2   . DC A 6  ? 1.36605 2.32138 1.16996 0.77185  -0.28864 -0.27264 19 DC A OP2   
103 O "O5'" . DC A 6  ? 1.58894 2.59714 1.32167 0.84061  -0.26118 -0.26590 19 DC A "O5'" 
104 C "C5'" . DC A 6  ? 1.65437 2.65614 1.34873 0.86957  -0.25187 -0.25628 19 DC A "C5'" 
105 C "C4'" . DC A 6  ? 1.71362 2.83373 1.39597 0.90706  -0.22699 -0.24551 19 DC A "C4'" 
106 O "O4'" . DC A 6  ? 1.60586 2.83776 1.35450 0.87704  -0.21582 -0.24020 19 DC A "O4'" 
107 C "C3'" . DC A 6  ? 1.72333 2.91289 1.40530 0.92756  -0.21837 -0.25265 19 DC A "C3'" 
108 O "O3'" . DC A 6  ? 1.82244 3.08725 1.46548 0.97994  -0.19327 -0.24025 19 DC A "O3'" 
109 C "C2'" . DC A 6  ? 1.56297 2.85436 1.33101 0.88132  -0.21703 -0.25623 19 DC A "C2'" 
110 C "C1'" . DC A 6  ? 1.54196 2.89746 1.33578 0.87099  -0.20237 -0.24393 19 DC A "C1'" 
111 N N1    . DC A 6  ? 1.40839 2.83710 1.28214 0.81410  -0.20541 -0.24923 19 DC A N1    
112 C C2    . DC A 6  ? 1.39556 2.93572 1.31878 0.79974  -0.18375 -0.24335 19 DC A C2    
113 O O2    . DC A 6  ? 1.48616 3.03942 1.38140 0.82911  -0.15118 -0.22983 19 DC A O2    
114 N N3    . DC A 6  ? 1.30985 2.91820 1.30400 0.74173  -0.18817 -0.25278 19 DC A N3    
115 C C4    . DC A 6  ? 1.23918 2.79912 1.24491 0.70678  -0.21359 -0.26226 19 DC A C4    
116 N N4    . DC A 6  ? 1.18082 2.80437 1.24487 0.65129  -0.21894 -0.27047 19 DC A N4    
117 C C5    . DC A 6  ? 1.23191 2.67857 1.19407 0.72564  -0.23151 -0.26345 19 DC A C5    
118 C C6    . DC A 6  ? 1.32586 2.71452 1.22741 0.77586  -0.22640 -0.25929 19 DC A C6    
119 P P     . DG A 7  ? 1.80774 3.02633 1.36075 1.04180  -0.19003 -0.24363 20 DG A P     
120 O OP1   . DG A 7  ? 1.91208 2.97340 1.40513 1.04709  -0.21011 -0.24640 20 DG A OP1   
121 O OP2   . DG A 7  ? 1.74002 3.00661 1.31932 1.03973  -0.19471 -0.26183 20 DG A OP2   
122 O "O5'" . DG A 7  ? 1.89350 3.21430 1.41749 1.09600  -0.15130 -0.21933 20 DG A "O5'" 
123 C "C5'" . DG A 7  ? 1.95639 3.23424 1.44312 1.11722  -0.14102 -0.19570 20 DG A "C5'" 
124 C "C4'" . DG A 7  ? 1.95442 3.28303 1.44740 1.05811  -0.06016 -0.17886 20 DG A "C4'" 
125 O "O4'" . DG A 7  ? 1.75388 3.18186 1.36301 0.99172  -0.05082 -0.18780 20 DG A "O4'" 
126 C "C3'" . DG A 7  ? 2.02253 3.43008 1.49272 1.07295  -0.00111 -0.17996 20 DG A "C3'" 
127 O "O3'" . DG A 7  ? 2.08071 3.46450 1.51042 1.01415  0.07235  -0.15536 20 DG A "O3'" 
128 C "C2'" . DG A 7  ? 1.81623 3.38624 1.42168 1.05801  -0.00744 -0.20489 20 DG A "C2'" 
129 C "C1'" . DG A 7  ? 1.67890 3.25239 1.35658 0.98589  -0.01844 -0.20104 20 DG A "C1'" 
130 N N9    . DG A 7  ? 1.50812 3.16776 1.29031 0.98462  -0.07198 -0.22283 20 DG A N9    
131 C C8    . DG A 7  ? 1.50867 3.09380 1.26251 0.99179  -0.12817 -0.23520 20 DG A C8    
132 N N7    . DG A 7  ? 1.37599 2.97002 1.19249 0.93838  -0.15303 -0.24744 20 DG A N7    
133 C C5    . DG A 7  ? 1.32815 3.02571 1.22185 0.89991  -0.12891 -0.24200 20 DG A C5    
134 C C6    . DG A 7  ? 1.26445 3.01326 1.23753 0.83732  -0.14226 -0.25028 20 DG A C6    
135 O O6    . DG A 7  ? 1.24114 2.94531 1.22951 0.80722  -0.17525 -0.26059 20 DG A O6    
136 N N1    . DG A 7  ? 1.23475 3.09257 1.27373 0.80713  -0.10161 -0.24673 20 DG A N1    
137 C C2    . DG A 7  ? 1.31736 3.11970 1.29552 0.78859  -0.03847 -0.22894 20 DG A C2    
138 N N2    . DG A 7  ? 1.33196 3.14546 1.33740 0.70894  0.00544  -0.22302 20 DG A N2    
139 N N3    . DG A 7  ? 1.39214 3.12316 1.28074 0.84120  -0.02108 -0.21703 20 DG A N3    
140 C C4    . DG A 7  ? 1.36994 3.09671 1.24266 0.91771  -0.07277 -0.22819 20 DG A C4    
141 P P     . DT A 8  ? 2.07304 3.53664 1.48007 1.00150  0.15854  -0.15073 21 DT A P     
142 O OP1   . DT A 8  ? 2.28169 3.61356 1.52962 1.03307  0.18120  -0.12682 21 DT A OP1   
143 O OP2   . DT A 8  ? 1.89476 3.51149 1.39324 1.03291  0.15683  -0.18210 21 DT A OP2   
144 O "O5'" . DT A 8  ? 1.94922 3.45248 1.41622 0.90236  0.21740  -0.13566 21 DT A "O5'" 
145 C "C5'" . DT A 8  ? 1.77537 3.33139 1.35672 0.85447  0.18584  -0.14769 21 DT A "C5'" 
146 C "C4'" . DT A 8  ? 1.63600 3.36098 1.33797 0.80497  0.22889  -0.16308 21 DT A "C4'" 
147 O "O4'" . DT A 8  ? 1.51048 3.30870 1.32681 0.78475  0.17512  -0.18421 21 DT A "O4'" 
148 C "C3'" . DT A 8  ? 1.64298 3.48339 1.37132 0.85474  0.24914  -0.18246 21 DT A "C3'" 
149 O "O3'" . DT A 8  ? 1.76911 3.59018 1.41551 0.84663  0.32871  -0.16522 21 DT A "O3'" 
150 C "C2'" . DT A 8  ? 1.54740 3.55707 1.43349 0.81057  0.25171  -0.20526 21 DT A "C2'" 
151 C "C1'" . DT A 8  ? 1.45866 3.42667 1.38686 0.77826  0.18892  -0.20655 21 DT A "C1'" 
152 N N1    . DT A 8  ? 1.35649 3.37426 1.34789 0.82689  0.10804  -0.23035 21 DT A N1    
153 C C2    . DT A 8  ? 1.26675 3.35266 1.35745 0.78198  0.07165  -0.24271 21 DT A C2    
154 O O2    . DT A 8  ? 1.26290 3.37462 1.39670 0.70473  0.10165  -0.23849 21 DT A O2    
155 N N3    . DT A 8  ? 1.20064 3.29666 1.32267 0.82099  -0.00508 -0.25780 21 DT A N3    
156 C C4    . DT A 8  ? 1.23445 3.23719 1.28390 0.87691  -0.04891 -0.25920 21 DT A C4    
157 O O4    . DT A 8  ? 1.21520 3.15409 1.25845 0.87126  -0.10602 -0.26826 21 DT A O4    
158 C C5    . DT A 8  ? 1.31099 3.27648 1.27757 0.93325  -0.01077 -0.25096 21 DT A C5    
159 C C7    . DT A 8  ? 1.35752 3.22582 1.24030 0.99195  -0.05448 -0.25513 21 DT A C7    
160 C C6    . DT A 8  ? 1.36391 3.35116 1.30617 0.91389  0.06973  -0.23902 21 DT A C6    
161 O "O5'" . DG B 1  ? 1.18077 1.09095 1.22513 0.20227  -0.54191 -0.50166 1  DG B "O5'" 
162 C "C5'" . DG B 1  ? 1.12888 1.03039 1.25277 0.21645  -0.53235 -0.50654 1  DG B "C5'" 
163 C "C4'" . DG B 1  ? 1.04033 0.97158 1.22149 0.13333  -0.46451 -0.49103 1  DG B "C4'" 
164 O "O4'" . DG B 1  ? 1.04753 0.92624 1.27367 0.13053  -0.46216 -0.49417 1  DG B "O4'" 
165 C "C3'" . DG B 1  ? 1.08850 0.98275 1.21872 0.04920  -0.43568 -0.48763 1  DG B "C3'" 
166 O "O3'" . DG B 1  ? 1.01241 1.00137 1.14872 0.02445  -0.40472 -0.47307 1  DG B "O3'" 
167 C "C2'" . DG B 1  ? 1.07763 0.92908 1.25155 -0.00250 -0.39450 -0.48334 1  DG B "C2'" 
168 C "C1'" . DG B 1  ? 1.10390 0.90793 1.30423 0.05325  -0.42975 -0.49037 1  DG B "C1'" 
169 N N9    . DG B 1  ? 1.25063 0.92733 1.38765 0.06437  -0.47533 -0.50349 1  DG B N9    
170 C C8    . DG B 1  ? 1.32673 0.95586 1.44457 0.14758  -0.55041 -0.51758 1  DG B C8    
171 N N7    . DG B 1  ? 1.47405 0.96657 1.53252 0.14489  -0.58828 -0.52212 1  DG B N7    
172 C C5    . DG B 1  ? 1.49202 0.94645 1.53629 0.05233  -0.53040 -0.51315 1  DG B C5    
173 C C6    . DG B 1  ? 1.62993 0.94648 1.62394 0.00754  -0.53590 -0.50834 1  DG B C6    
174 O O6    . DG B 1  ? 1.77301 0.95745 1.72055 0.04092  -0.59797 -0.50485 1  DG B O6    
175 N N1    . DG B 1  ? 1.59731 0.93441 1.59692 -0.08423 -0.46170 -0.50220 1  DG B N1    
176 C C2    . DG B 1  ? 1.45879 0.92090 1.49283 -0.12485 -0.39495 -0.49754 1  DG B C2    
177 N N2    . DG B 1  ? 1.46212 0.91868 1.47662 -0.20922 -0.33408 -0.49047 1  DG B N2    
178 N N3    . DG B 1  ? 1.33552 0.91116 1.41390 -0.08330 -0.39367 -0.49353 1  DG B N3    
179 C C4    . DG B 1  ? 1.35564 0.92604 1.44345 0.00316  -0.46044 -0.50385 1  DG B C4    
180 P P     . DA B 2  ? 1.08436 1.09469 1.14042 0.02241  -0.42864 -0.47506 2  DA B P     
181 O OP1   . DA B 2  ? 0.98907 1.10859 1.07354 0.05123  -0.41481 -0.45393 2  DA B OP1   
182 O OP2   . DA B 2  ? 1.22337 1.14137 1.20215 0.06863  -0.49357 -0.49406 2  DA B OP2   
183 O "O5'" . DA B 2  ? 1.10596 1.09695 1.13706 -0.07087 -0.38828 -0.47340 2  DA B "O5'" 
184 C "C5'" . DA B 2  ? 1.05619 1.03703 1.14615 -0.11470 -0.34236 -0.46590 2  DA B "C5'" 
185 C "C4'" . DA B 2  ? 1.15357 1.02932 1.18120 -0.18491 -0.32472 -0.46839 2  DA B "C4'" 
186 O "O4'" . DA B 2  ? 1.22655 1.01216 1.25257 -0.15939 -0.34837 -0.48517 2  DA B "O4'" 
187 C "C3'" . DA B 2  ? 1.25109 1.11091 1.20359 -0.21501 -0.34704 -0.48816 2  DA B "C3'" 
188 O "O3'" . DA B 2  ? 1.21334 1.11488 1.16700 -0.25968 -0.32014 -0.46978 2  DA B "O3'" 
189 C "C2'" . DA B 2  ? 1.37684 1.11211 1.29287 -0.24798 -0.35416 -0.50828 2  DA B "C2'" 
190 C "C1'" . DA B 2  ? 1.35748 1.04436 1.32485 -0.20125 -0.35898 -0.50310 2  DA B "C1'" 
191 N N9    . DA B 2  ? 1.46296 1.05980 1.40065 -0.13595 -0.43056 -0.51726 2  DA B N9    
192 C C8    . DA B 2  ? 1.44353 1.05824 1.39367 -0.04711 -0.48027 -0.51721 2  DA B C8    
193 N N7    . DA B 2  ? 1.57750 1.07092 1.47162 0.00358  -0.55028 -0.52204 2  DA B N7    
194 C C5    . DA B 2  ? 1.69352 1.07417 1.53920 -0.05986 -0.54769 -0.51980 2  DA B C5    
195 C C6    . DA B 2  ? 1.87552 1.07737 1.64415 -0.05294 -0.60898 -0.50890 2  DA B C6    
196 N N6    . DA B 2  ? 1.97512 1.08022 1.69779 0.02979  -0.68693 -0.50481 2  DA B N6    
197 N N1    . DA B 2  ? 1.97912 1.09955 1.71713 -0.13553 -0.58906 -0.49634 2  DA B N1    
198 C C2    . DA B 2  ? 1.87793 1.10718 1.66511 -0.21304 -0.51000 -0.50684 2  DA B C2    
199 N N3    . DA B 2  ? 1.69069 1.08582 1.54567 -0.22382 -0.44607 -0.52154 2  DA B N3    
200 C C4    . DA B 2  ? 1.61808 1.07340 1.49709 -0.14643 -0.47112 -0.52166 2  DA B C4    
201 P P     . DG B 3  ? 1.21900 1.17930 1.12139 -0.26462 -0.34312 -0.48066 3  DG B P     
202 O OP1   . DG B 3  ? 1.14084 1.16110 1.10050 -0.28168 -0.31258 -0.46307 3  DG B OP1   
203 O OP2   . DG B 3  ? 1.20809 1.22523 1.09099 -0.19869 -0.37807 -0.48381 3  DG B OP2   
204 O "O5'" . DG B 3  ? 1.36981 1.24299 1.18952 -0.31099 -0.36466 -0.51000 3  DG B "O5'" 
205 C "C5'" . DG B 3  ? 1.40060 1.21299 1.24456 -0.36185 -0.34545 -0.50727 3  DG B "C5'" 
206 C "C4'" . DG B 3  ? 1.54664 1.28004 1.32713 -0.39784 -0.37500 -0.53893 3  DG B "C4'" 
207 O "O4'" . DG B 3  ? 1.60300 1.26395 1.36723 -0.37731 -0.38495 -0.55507 3  DG B "O4'" 
208 C "C3'" . DG B 3  ? 1.60487 1.43081 1.29951 -0.40487 -0.39023 -0.56271 3  DG B "C3'" 
209 O "O3'" . DG B 3  ? 1.72313 1.51933 1.34227 -0.48894 -0.35960 -0.54827 3  DG B "O3'" 
210 C "C2'" . DG B 3  ? 1.67939 1.44026 1.28828 -0.33540 -0.45360 -0.54632 3  DG B "C2'" 
211 C "C1'" . DG B 3  ? 1.73410 1.33262 1.37817 -0.33436 -0.46716 -0.54119 3  DG B "C1'" 
212 N N9    . DG B 3  ? 1.75344 1.29058 1.38352 -0.24135 -0.52443 -0.53149 3  DG B N9    
213 C C8    . DG B 3  ? 1.62454 1.27098 1.31927 -0.17628 -0.51253 -0.53295 3  DG B C8    
214 N N7    . DG B 3  ? 1.68297 1.25257 1.34611 -0.09468 -0.57276 -0.52272 3  DG B N7    
215 C C5    . DG B 3  ? 1.86337 1.25746 1.43528 -0.10656 -0.61971 -0.50316 3  DG B C5    
216 C C6    . DG B 3  ? 2.03110 1.29261 1.55103 -0.04008 -0.67341 -0.46835 3  DG B C6    
217 O O6    . DG B 3  ? 1.98750 1.23525 1.50812 0.04708  -0.72658 -0.48337 3  DG B O6    
218 N N1    . DG B 3  ? 2.34340 1.48533 1.81175 -0.08333 -0.66387 -0.41044 3  DG B N1    
219 C C2    . DG B 3  ? 2.43412 1.59519 1.89623 -0.17825 -0.60645 -0.38919 3  DG B C2    
220 N N2    . DG B 3  ? 2.75227 1.79965 2.16492 -0.20976 -0.60699 -0.32405 3  DG B N2    
221 N N3    . DG B 3  ? 2.22412 1.51406 1.72975 -0.23713 -0.55496 -0.42828 3  DG B N3    
222 C C4    . DG B 3  ? 1.92886 1.32414 1.49058 -0.19703 -0.56621 -0.48450 3  DG B C4    
223 P P     . DA B 4  ? 1.76111 1.65966 1.27309 -0.49759 -0.34504 -0.50973 4  DA B P     
224 O OP1   . DA B 4  ? 1.64706 1.69745 1.23465 -0.54029 -0.29884 -0.55974 4  DA B OP1   
225 O OP2   . DA B 4  ? 1.80246 1.70255 1.22997 -0.41029 -0.39542 -0.47094 4  DA B OP2   
226 O "O5'" . DA B 4  ? 1.92388 1.72451 1.36178 -0.54581 -0.32422 -0.44109 4  DA B "O5'" 
227 C "C5'" . DA B 4  ? 2.00198 1.63144 1.45395 -0.54293 -0.34243 -0.41036 4  DA B "C5'" 
228 C "C4'" . DA B 4  ? 2.20292 1.73798 1.54561 -0.53088 -0.36338 -0.31546 4  DA B "C4'" 
229 O "O4'" . DA B 4  ? 2.27884 1.68782 1.60432 -0.44777 -0.42635 -0.29107 4  DA B "O4'" 
230 C "C3'" . DA B 4  ? 2.31517 1.95774 1.55091 -0.52244 -0.35946 -0.27102 4  DA B "C3'" 
231 O "O3'" . DA B 4  ? 2.59996 2.17297 1.75845 -0.54983 -0.35889 -0.18210 4  DA B "O3'" 
232 C "C2'" . DA B 4  ? 2.27188 1.90576 1.47249 -0.42356 -0.41646 -0.26929 4  DA B "C2'" 
233 C "C1'" . DA B 4  ? 2.35455 1.81152 1.58905 -0.38303 -0.46005 -0.25638 4  DA B "C1'" 
234 N N9    . DA B 4  ? 2.19030 1.64769 1.45666 -0.29909 -0.50526 -0.29898 4  DA B N9    
235 C C8    . DA B 4  ? 2.03002 1.60494 1.36433 -0.28644 -0.49699 -0.37025 4  DA B C8    
236 N N7    . DA B 4  ? 1.98684 1.54903 1.33539 -0.20396 -0.54580 -0.38928 4  DA B N7    
237 C C5    . DA B 4  ? 2.13021 1.55324 1.41514 -0.15649 -0.58992 -0.33318 4  DA B C5    
238 C C6    . DA B 4  ? 2.16747 1.51730 1.43586 -0.06230 -0.65362 -0.32755 4  DA B C6    
239 N N6    . DA B 4  ? 2.05577 1.47697 1.36551 0.00169  -0.68121 -0.37689 4  DA B N6    
240 N N1    . DA B 4  ? 2.33531 1.54338 1.54818 -0.03581 -0.69054 -0.26844 4  DA B N1    
241 C C2    . DA B 4  ? 2.56478 1.71217 1.74207 -0.10305 -0.66422 -0.21085 4  DA B C2    
242 N N3    . DA B 4  ? 2.56262 1.77833 1.74515 -0.19457 -0.60217 -0.20636 4  DA B N3    
243 C C4    . DA B 4  ? 2.28174 1.63402 1.51950 -0.21543 -0.56727 -0.27437 4  DA B C4    
244 P P     . DG B 5  ? 2.48701 2.17169 1.53129 -0.56160 -0.34563 -0.12115 5  DG B P     
245 O OP1   . DG B 5  ? 2.49960 2.27057 1.55241 -0.65652 -0.28392 -0.11981 5  DG B OP1   
246 O OP2   . DG B 5  ? 2.40893 2.20665 1.42110 -0.50195 -0.36323 -0.15438 5  DG B OP2   
247 O "O5'" . DG B 5  ? 2.66326 2.20370 1.63098 -0.52688 -0.39403 -0.01568 5  DG B "O5'" 
248 C "C5'" . DG B 5  ? 2.73105 2.29814 1.60160 -0.46799 -0.42974 0.03621  5  DG B "C5'" 
249 C "C4'" . DG B 5  ? 2.77660 2.19606 1.64559 -0.37931 -0.50032 0.05408  5  DG B "C4'" 
250 O "O4'" . DG B 5  ? 2.63419 2.05969 1.57965 -0.33442 -0.51263 -0.03625 5  DG B "O4'" 
251 C "C3'" . DG B 5  ? 2.85017 2.28692 1.61977 -0.30923 -0.54429 0.10786  5  DG B "C3'" 
252 O "O3'" . DG B 5  ? 3.01999 2.32995 1.74478 -0.30335 -0.58123 0.20502  5  DG B "O3'" 
253 C "C2'" . DG B 5  ? 2.76201 2.17340 1.56268 -0.21687 -0.59073 0.04785  5  DG B "C2'" 
254 C "C1'" . DG B 5  ? 2.66588 2.02258 1.58135 -0.23900 -0.57686 -0.02364 5  DG B "C1'" 
255 N N9    . DG B 5  ? 2.51323 1.94326 1.48073 -0.18917 -0.58608 -0.10636 5  DG B N9    
256 C C8    . DG B 5  ? 2.36255 1.93005 1.38722 -0.22432 -0.54311 -0.17728 5  DG B C8    
257 N N7    . DG B 5  ? 2.24829 1.86132 1.31744 -0.16502 -0.56825 -0.23289 5  DG B N7    
258 C C5    . DG B 5  ? 2.32922 1.83393 1.36107 -0.08254 -0.62996 -0.20105 5  DG B C5    
259 C C6    . DG B 5  ? 2.26942 1.77787 1.32069 0.00774  -0.67973 -0.23428 5  DG B C6    
260 O O6    . DG B 5  ? 2.12726 1.73942 1.23602 0.03026  -0.67884 -0.29319 5  DG B O6    
261 N N1    . DG B 5  ? 2.39441 1.77566 1.39779 0.07556  -0.73762 -0.19084 5  DG B N1    
262 C C2    . DG B 5  ? 2.55714 1.81673 1.50786 0.05608  -0.74894 -0.11877 5  DG B C2    
263 N N2    . DG B 5  ? 2.66269 1.80696 1.58447 0.13163  -0.81345 -0.08804 5  DG B N2    
264 N N3    . DG B 5  ? 2.61404 1.87183 1.54720 -0.03145 -0.70262 -0.07836 5  DG B N3    
265 C C4    . DG B 5  ? 2.49318 1.87996 1.46529 -0.09570 -0.64321 -0.12535 5  DG B C4    
266 P P     . DC B 6  ? 3.12961 2.45249 1.74561 -0.24828 -0.62308 0.28339  6  DC B P     
267 O OP1   . DC B 6  ? 3.30301 2.51849 1.89233 -0.27874 -0.64397 0.39100  6  DC B OP1   
268 O OP2   . DC B 6  ? 3.05540 2.57023 1.61432 -0.26173 -0.58309 0.26056  6  DC B OP2   
269 O "O5'" . DC B 6  ? 3.10418 2.34289 1.73254 -0.13730 -0.69153 0.24773  6  DC B "O5'" 
270 C "C5'" . DC B 6  ? 3.18281 2.23839 1.85904 -0.09775 -0.74715 0.26334  6  DC B "C5'" 
271 C "C4'" . DC B 6  ? 3.16703 2.18326 1.83366 0.01442  -0.81234 0.23283  6  DC B "C4'" 
272 O "O4'" . DC B 6  ? 2.99549 2.09684 1.71437 0.04214  -0.79685 0.13162  6  DC B "O4'" 
273 C "C3'" . DC B 6  ? 3.22206 2.30335 1.78596 0.06705  -0.83942 0.28209  6  DC B "C3'" 
274 O "O3'" . DC B 6  ? 3.31839 2.27161 1.87520 0.15384  -0.91755 0.30731  6  DC B "O3'" 
275 C "C2'" . DC B 6  ? 3.05850 2.30039 1.61620 0.09509  -0.81472 0.20398  6  DC B "C2'" 
276 C "C1'" . DC B 6  ? 2.95161 2.14673 1.61283 0.11482  -0.82099 0.11830  6  DC B "C1'" 
277 N N1    . DC B 6  ? 2.77167 2.11689 1.47331 0.10421  -0.78058 0.03609  6  DC B N1    
278 C C2    . DC B 6  ? 2.67093 2.05848 1.40020 0.18474  -0.81426 -0.02339 6  DC B C2    
279 O O2    . DC B 6  ? 2.73324 2.03666 1.44744 0.26667  -0.87563 -0.01292 6  DC B O2    
280 N N3    . DC B 6  ? 2.50827 2.03457 1.28630 0.17052  -0.78093 -0.09031 6  DC B N3    
281 C C4    . DC B 6  ? 2.44787 2.06203 1.24875 0.08357  -0.71854 -0.10606 6  DC B C4    
282 N N4    . DC B 6  ? 2.28898 2.03574 1.15051 0.07267  -0.69311 -0.17262 6  DC B N4    
283 C C5    . DC B 6  ? 2.54865 2.12630 1.31691 0.00410  -0.68188 -0.05343 6  DC B C5    
284 C C6    . DC B 6  ? 2.70730 2.15339 1.42591 0.01625  -0.71381 0.01982  6  DC B C6    
285 P P     . DT B 7  ? 3.42332 2.39094 1.87975 0.21135  -0.96156 0.37915  7  DT B P     
286 O OP1   . DT B 7  ? 3.53783 2.33906 2.01864 0.28545  -1.04320 0.40219  7  DT B OP1   
287 O OP2   . DT B 7  ? 3.49338 2.53335 1.88303 0.13335  -0.91892 0.46077  7  DT B OP2   
288 O "O5'" . DT B 7  ? 3.28553 2.40196 1.70669 0.27301  -0.95659 0.31202  7  DT B "O5'" 
289 C "C5'" . DT B 7  ? 3.32443 2.43525 1.69233 0.36934  -1.01573 0.32416  7  DT B "C5'" 
290 C "C4'" . DT B 7  ? 3.28255 2.31814 1.71591 0.45548  -1.06948 0.25488  7  DT B "C4'" 
291 O "O4'" . DT B 7  ? 3.14114 2.21635 1.65894 0.42281  -1.02989 0.17272  7  DT B "O4'" 
292 C "C3'" . DT B 7  ? 3.20644 2.34923 1.65260 0.53629  -1.07071 0.21779  7  DT B "C3'" 
293 O "O3'" . DT B 7  ? 3.32740 2.37584 1.78062 0.59271  -1.11742 0.25373  7  DT B "O3'" 
294 C "C2'" . DT B 7  ? 3.05383 2.23968 1.60158 0.56533  -1.05586 0.11793  7  DT B "C2'" 
295 C "C1'" . DT B 7  ? 3.01468 2.18027 1.55011 0.49496  -1.04640 0.09955  7  DT B "C1'" 
296 N N1    . DT B 7  ? 2.86604 2.21448 1.40614 0.44330  -0.97556 0.06716  7  DT B N1    
297 C C2    . DT B 7  ? 2.68498 2.17691 1.33284 0.46461  -0.92639 -0.00039 7  DT B C2    
298 O O2    . DT B 7  ? 2.64253 2.12514 1.36482 0.52431  -0.93563 -0.03627 7  DT B O2    
299 N N3    . DT B 7  ? 2.55920 2.20693 1.22853 0.40727  -0.86385 -0.01975 7  DT B N3    
300 C C4    . DT B 7  ? 2.59390 2.27746 1.18485 0.33709  -0.84349 0.00655  7  DT B C4    
301 O O4    . DT B 7  ? 2.47211 2.30199 1.10300 0.29059  -0.78813 -0.02193 7  DT B O4    
302 C C5    . DT B 7  ? 2.77305 2.32050 1.27069 0.30743  -0.87209 0.07513  7  DT B C5    
303 C C7    . DT B 7  ? 2.80050 2.41008 1.26572 0.21120  -0.81210 0.11146  7  DT B C7    
304 C C6    . DT B 7  ? 2.89016 2.28264 1.38752 0.35448  -0.92622 0.10635  7  DT B C6    
305 P P     . DG B 8  ? 3.35277 2.50153 1.77860 0.61456  -1.09641 0.29817  8  DG B P     
306 O OP1   . DG B 8  ? 3.54515 2.56743 1.91310 0.60515  -1.14434 0.39596  8  DG B OP1   
307 O OP2   . DG B 8  ? 3.21821 2.55885 1.63039 0.57064  -1.02425 0.28563  8  DG B OP2   
308 O "O5'" . DG B 8  ? 3.30136 2.46455 1.81134 0.69477  -1.10643 0.23213  8  DG B "O5'" 
309 C "C5'" . DG B 8  ? 3.16579 2.36723 1.75448 0.71683  -1.08801 0.14068  8  DG B "C5'" 
310 C "C4'" . DG B 8  ? 2.99216 2.38822 1.61925 0.70300  -1.01521 0.10549  8  DG B "C4'" 
311 O "O4'" . DG B 8  ? 2.88744 2.36202 1.51497 0.63953  -0.97290 0.09286  8  DG B "O4'" 
312 C "C3'" . DG B 8  ? 3.00790 2.49999 1.59953 0.69517  -0.99074 0.15750  8  DG B "C3'" 
313 O "O3'" . DG B 8  ? 2.94751 2.49913 1.59548 0.74081  -0.97652 0.11994  8  DG B "O3'" 
314 C "C2'" . DG B 8  ? 2.89720 2.52909 1.47784 0.62331  -0.93111 0.16670  8  DG B "C2'" 
315 C "C1'" . DG B 8  ? 2.78260 2.42159 1.42234 0.60827  -0.91419 0.10089  8  DG B "C1'" 
316 N N9    . DG B 8  ? 2.72231 2.42971 1.34007 0.53650  -0.87954 0.10425  8  DG B N9    
317 C C8    . DG B 8  ? 2.82576 2.46768 1.35421 0.49245  -0.89766 0.14702  8  DG B C8    
318 N N7    . DG B 8  ? 2.73783 2.47413 1.26587 0.42945  -0.85495 0.12773  8  DG B N7    
319 C C5    . DG B 8  ? 2.56437 2.42802 1.19849 0.43178  -0.80952 0.07445  8  DG B C5    
320 C C6    . DG B 8  ? 2.41400 2.40543 1.10850 0.37621  -0.75648 0.03594  8  DG B C6    
321 O O6    . DG B 8  ? 2.39916 2.43229 1.06370 0.31519  -0.73568 0.02986  8  DG B O6    
322 N N1    . DG B 8  ? 2.27908 2.34543 1.07906 0.39425  -0.72746 0.00332  8  DG B N1    
323 C C2    . DG B 8  ? 2.28559 2.32269 1.12085 0.45734  -0.74203 0.00112  8  DG B C2    
324 N N2    . DG B 8  ? 2.15257 2.26786 1.08243 0.46134  -0.70706 -0.02683 8  DG B N2    
325 N N3    . DG B 8  ? 2.42112 2.35239 1.20161 0.51122  -0.78905 0.02539  8  DG B N3    
326 C C4    . DG B 8  ? 2.55544 2.39958 1.24050 0.49528  -0.82292 0.06363  8  DG B C4    
327 P P     . DT B 9  ? 2.95824 2.59857 1.58661 0.74063  -0.95722 0.16239  9  DT B P     
328 O OP1   . DT B 9  ? 2.97551 2.59291 1.64189 0.80656  -0.97547 0.12658  9  DT B OP1   
329 O OP2   . DT B 9  ? 3.08885 2.69071 1.63281 0.71158  -0.97959 0.24591  9  DT B OP2   
330 O "O5'" . DT B 9  ? 2.78196 2.58444 1.45534 0.68654  -0.88702 0.14207  9  DT B "O5'" 
331 C "C5'" . DT B 9  ? 2.63781 2.49336 1.39617 0.69158  -0.85421 0.07599  9  DT B "C5'" 
332 C "C4'" . DT B 9  ? 2.49416 2.48424 1.29468 0.63263  -0.79568 0.07336  9  DT B "C4'" 
333 O "O4'" . DT B 9  ? 2.45780 2.46749 1.24481 0.57508  -0.78067 0.07594  9  DT B "O4'" 
334 C "C3'" . DT B 9  ? 2.51618 2.56786 1.28407 0.60829  -0.78263 0.11998  9  DT B "C3'" 
335 O "O3'" . DT B 9  ? 2.42058 2.54825 1.24289 0.62019  -0.74719 0.08592  9  DT B "O3'" 
336 C "C2'" . DT B 9  ? 2.52317 2.60886 1.24203 0.53992  -0.76918 0.15233  9  DT B "C2'" 
337 C "C1'" . DT B 9  ? 2.41589 2.51622 1.19015 0.51858  -0.74822 0.10326  9  DT B "C1'" 
338 N N1    . DT B 9  ? 2.43391 2.54210 1.15901 0.46165  -0.74258 0.11725  9  DT B N1    
339 C C2    . DT B 9  ? 2.31149 2.49804 1.08419 0.40679  -0.70239 0.08763  9  DT B C2    
340 O O2    . DT B 9  ? 2.18999 2.43123 1.04679 0.40438  -0.67339 0.05717  9  DT B O2    
341 N N3    . DT B 9  ? 2.34366 2.53582 1.06064 0.35493  -0.69831 0.09594  9  DT B N3    
342 C C4    . DT B 9  ? 2.48526 2.61527 1.10076 0.35101  -0.72779 0.13771  9  DT B C4    
343 O O4    . DT B 9  ? 2.50805 2.65403 1.07243 0.29943  -0.71731 0.14168  9  DT B O4    
344 C C5    . DT B 9  ? 2.61270 2.64937 1.18569 0.41146  -0.77241 0.17742  9  DT B C5    
345 C C7    . DT B 9  ? 2.78485 2.72386 1.25090 0.41261  -0.81138 0.23727  9  DT B C7    
346 C C6    . DT B 9  ? 2.58023 2.61131 1.21161 0.46385  -0.77839 0.16141  9  DT B C6    
347 P P     . DG B 10 ? 2.48978 2.61925 1.29201 0.68952  -0.75648 0.08079  10 DG B P     
348 O OP1   . DG B 10 ? 2.50646 2.58456 1.33703 0.75748  -0.77531 0.03565  10 DG B OP1   
349 O OP2   . DG B 10 ? 2.59684 2.70702 1.32868 0.66760  -0.77970 0.14646  10 DG B OP2   
350 O "O5'" . DG B 10 ? 2.40065 2.62992 1.23994 0.69599  -0.71112 0.04941  10 DG B "O5'" 
351 C "C5'" . DG B 10 ? 2.27730 2.55793 1.18819 0.68553  -0.67842 0.00586  10 DG B "C5'" 
352 C "C4'" . DG B 10 ? 2.21161 2.57393 1.13715 0.64058  -0.64514 0.01331  10 DG B "C4'" 
353 O "O4'" . DG B 10 ? 2.18007 2.53231 1.09998 0.56743  -0.64361 0.02863  10 DG B "O4'" 
354 C "C3'" . DG B 10 ? 2.28673 2.66734 1.15291 0.63600  -0.64866 0.05158  10 DG B "C3'" 
355 O "O3'" . DG B 10 ? 2.27055 2.70757 1.16306 0.69286  -0.63019 0.02833  10 DG B "O3'" 
356 C "C2'" . DG B 10 ? 2.24326 2.66815 1.10472 0.56540  -0.62878 0.06576  10 DG B "C2'" 
357 C "C1'" . DG B 10 ? 2.18819 2.58370 1.07511 0.52099  -0.63016 0.05365  10 DG B "C1'" 
358 N N9    . DG B 10 ? 2.26047 2.60495 1.07565 0.46020  -0.65182 0.09782  10 DG B N9    
359 C C8    . DG B 10 ? 2.36980 2.64813 1.12369 0.46476  -0.68768 0.14245  10 DG B C8    
360 N N7    . DG B 10 ? 2.41902 2.67556 1.11619 0.40290  -0.69873 0.18205  10 DG B N7    
361 C C5    . DG B 10 ? 2.33712 2.63843 1.05401 0.34907  -0.66806 0.15585  10 DG B C5    
362 C C6    . DG B 10 ? 2.37809 2.68222 1.03274 0.29823  -0.66322 0.16300  10 DG B C6    
363 O O6    . DG B 10 ? 2.49750 2.76850 1.06304 0.28710  -0.68448 0.20258  10 DG B O6    
364 N N1    . DG B 10 ? 2.27102 2.61964 0.97569 0.26076  -0.62954 0.12020  10 DG B N1    
365 C C2    . DG B 10 ? 2.15596 2.55661 0.95709 0.29174  -0.60553 0.07805  10 DG B C2    
366 N N2    . DG B 10 ? 2.07126 2.52148 0.91827 0.26410  -0.57692 0.04089  10 DG B N2    
367 N N3    . DG B 10 ? 2.14059 2.55467 0.98676 0.36139  -0.60885 0.06836  10 DG B N3    
368 C C4    . DG B 10 ? 2.23771 2.59409 1.03283 0.38686  -0.64037 0.10468  10 DG B C4    
369 O "O5'" . DT C 1  ? 1.52849 2.08986 1.44664 0.37229  -0.05460 0.31378  1  DT C "O5'" 
370 C "C5'" . DT C 1  ? 1.58261 2.13250 1.47704 0.38286  -0.07357 0.36475  1  DT C "C5'" 
371 C "C4'" . DT C 1  ? 1.63123 2.15278 1.53299 0.40583  -0.02384 0.35812  1  DT C "C4'" 
372 O "O4'" . DT C 1  ? 1.53956 2.14893 1.50264 0.42358  -0.01498 0.35701  1  DT C "O4'" 
373 C "C3'" . DT C 1  ? 1.70267 2.15990 1.60325 0.40532  0.03226  0.30651  1  DT C "C3'" 
374 O "O3'" . DT C 1  ? 1.83674 2.19792 1.67203 0.40335  0.04321  0.31882  1  DT C "O3'" 
375 C "C2'" . DT C 1  ? 1.66097 2.13790 1.60829 0.42838  0.07143  0.29409  1  DT C "C2'" 
376 C "C1'" . DT C 1  ? 1.54817 2.13442 1.53777 0.43817  0.03962  0.31256  1  DT C "C1'" 
377 N N1    . DT C 1  ? 1.45589 2.11320 1.49697 0.43718  0.04702  0.26619  1  DT C N1    
378 C C2    . DT C 1  ? 1.44561 2.09224 1.52331 0.44859  0.09154  0.21297  1  DT C C2    
379 O O2    . DT C 1  ? 1.51498 2.09280 1.59077 0.45744  0.12830  0.20270  1  DT C O2    
380 N N3    . DT C 1  ? 1.34233 2.06043 1.46118 0.44890  0.08949  0.17195  1  DT C N3    
381 C C4    . DT C 1  ? 1.26937 2.06866 1.39597 0.44042  0.05164  0.18362  1  DT C C4    
382 O O4    . DT C 1  ? 1.20436 2.06649 1.36499 0.44435  0.05295  0.14588  1  DT C O4    
383 C C5    . DT C 1  ? 1.28237 2.08641 1.37604 0.42695  0.00810  0.24389  1  DT C C5    
384 C C7    . DT C 1  ? 1.23077 2.11602 1.33802 0.41507  -0.03575 0.26643  1  DT C C7    
385 C C6    . DT C 1  ? 1.35569 2.08876 1.40891 0.42563  0.00622  0.27924  1  DT C C6    
386 P P     . DC C 2  ? 1.71316 2.01462 1.51136 0.38648  0.05487  0.28687  2  DC C P     
387 O OP1   . DC C 2  ? 1.76050 1.99967 1.47611 0.38625  0.02510  0.32090  2  DC C OP1   
388 O OP2   . DC C 2  ? 1.56494 1.92867 1.40642 0.37128  0.03870  0.25369  2  DC C OP2   
389 O "O5'" . DC C 2  ? 1.78734 2.03351 1.60387 0.39311  0.12477  0.25509  2  DC C "O5'" 
390 C "C5'" . DC C 2  ? 1.75712 1.98969 1.59653 0.41139  0.15644  0.26764  2  DC C "C5'" 
391 C "C4'" . DC C 2  ? 1.73246 1.98053 1.64745 0.41133  0.20134  0.21796  2  DC C "C4'" 
392 O "O4'" . DC C 2  ? 1.60588 1.94647 1.57375 0.41320  0.17699  0.19871  2  DC C "O4'" 
393 C "C3'" . DC C 2  ? 1.77153 1.99352 1.70045 0.39323  0.22926  0.17477  2  DC C "C3'" 
394 O "O3'" . DC C 2  ? 1.91048 2.05151 1.82608 0.39578  0.27860  0.17935  2  DC C "O3'" 
395 C "C2'" . DC C 2  ? 1.61645 1.90154 1.62923 0.39026  0.23924  0.12303  2  DC C "C2'" 
396 C "C1'" . DC C 2  ? 1.53015 1.88537 1.55885 0.40738  0.20779  0.14154  2  DC C "C1'" 
397 N N1    . DC C 2  ? 1.38856 1.83777 1.44968 0.40272  0.17449  0.11866  2  DC C N1    
398 C C2    . DC C 2  ? 1.29498 1.78356 1.41946 0.40297  0.19258  0.06181  2  DC C C2    
399 O O2    . DC C 2  ? 1.32390 1.76582 1.48329 0.40400  0.23404  0.02969  2  DC C O2    
400 N N3    . DC C 2  ? 1.21005 1.78726 1.35777 0.40218  0.16228  0.04465  2  DC C N3    
401 C C4    . DC C 2  ? 1.18221 1.80656 1.29981 0.39896  0.11793  0.08513  2  DC C C4    
402 N N4    . DC C 2  ? 1.10357 1.81694 1.24771 0.39928  0.09158  0.07215  2  DC C N4    
403 C C5    . DC C 2  ? 1.23785 1.82022 1.29873 0.39532  0.09649  0.14166  2  DC C C5    
404 C C6    . DC C 2  ? 1.35612 1.85259 1.38718 0.39870  0.12492  0.15475  2  DC C C6    
405 P P     . DT C 3  ? 1.84903 1.94932 1.76113 0.37986  0.31146  0.15214  3  DT C P     
406 O OP1   . DT C 3  ? 1.96730 1.98470 1.84653 0.38831  0.35762  0.17984  3  DT C OP1   
407 O OP2   . DT C 3  ? 1.77245 1.89965 1.64229 0.36994  0.26778  0.14923  3  DT C OP2   
408 O "O5'" . DT C 3  ? 1.66450 1.80287 1.67651 0.36862  0.33764  0.09433  3  DT C "O5'" 
409 C "C5'" . DT C 3  ? 1.63176 1.75484 1.70566 0.37577  0.37200  0.08172  3  DT C "C5'" 
410 C "C4'" . DT C 3  ? 1.48719 1.64384 1.65084 0.36189  0.38899  0.02005  3  DT C "C4'" 
411 O "O4'" . DT C 3  ? 1.36321 1.60780 1.54836 0.36410  0.34575  -0.00723 3  DT C "O4'" 
412 C "C3'" . DT C 3  ? 1.47715 1.61987 1.65152 0.34177  0.40961  -0.00224 3  DT C "C3'" 
413 O "O3'" . DT C 3  ? 1.45983 1.58866 1.72296 0.33058  0.44965  -0.04123 3  DT C "O3'" 
414 C "C2'" . DT C 3  ? 1.38128 1.60050 1.55136 0.33496  0.36258  -0.02671 3  DT C "C2'" 
415 C "C1'" . DT C 3  ? 1.30409 1.58424 1.51717 0.34628  0.33959  -0.04685 3  DT C "C1'" 
416 N N1    . DT C 3  ? 1.22814 1.58882 1.42135 0.34890  0.28680  -0.04661 3  DT C N1    
417 C C2    . DT C 3  ? 1.13232 1.56612 1.38178 0.34686  0.27188  -0.09417 3  DT C C2    
418 O O2    . DT C 3  ? 1.10532 1.54027 1.42134 0.34213  0.29623  -0.14201 3  DT C O2    
419 N N3    . DT C 3  ? 1.07129 1.57819 1.29834 0.35066  0.22523  -0.08237 3  DT C N3    
420 C C4    . DT C 3  ? 1.09246 1.60459 1.25645 0.35313  0.19051  -0.02978 3  DT C C4    
421 O O4    . DT C 3  ? 1.03203 1.61348 1.19004 0.35440  0.14969  -0.01857 3  DT C O4    
422 C C5    . DT C 3  ? 1.19272 1.62398 1.30068 0.35430  0.20397  0.01278  3  DT C C5    
423 C C7    . DT C 3  ? 1.26271 1.69007 1.30268 0.35611  0.16269  0.06750  3  DT C C7    
424 C C6    . DT C 3  ? 1.25697 1.61850 1.37814 0.35377  0.25207  0.00304  3  DT C C6    
425 P P     . DG C 4  ? 1.49364 1.57958 1.78048 0.31305  0.49640  -0.04647 4  DG C P     
426 O OP1   . DG C 4  ? 1.61914 1.62895 1.91586 0.31742  0.54594  -0.01333 4  DG C OP1   
427 O OP2   . DG C 4  ? 1.51125 1.60706 1.72532 0.31139  0.47680  -0.03223 4  DG C OP2   
428 O "O5'" . DG C 4  ? 1.33639 1.46947 1.73257 0.29512  0.50048  -0.11291 4  DG C "O5'" 
429 C "C5'" . DG C 4  ? 1.30210 1.44854 1.77100 0.29816  0.49868  -0.14710 4  DG C "C5'" 
430 C "C4'" . DG C 4  ? 1.21162 1.42630 1.75576 0.28606  0.47823  -0.21344 4  DG C "C4'" 
431 O "O4'" . DG C 4  ? 1.15134 1.44123 1.65072 0.29755  0.42553  -0.22178 4  DG C "O4'" 
432 C "C3'" . DG C 4  ? 1.20321 1.42472 1.78832 0.26341  0.49795  -0.23377 4  DG C "C3'" 
433 O "O3'" . DG C 4  ? 1.19285 1.44021 1.88681 0.24950  0.50180  -0.29388 4  DG C "O3'" 
434 C "C2'" . DG C 4  ? 1.14846 1.42804 1.66912 0.26695  0.45582  -0.23136 4  DG C "C2'" 
435 C "C1'" . DG C 4  ? 1.10957 1.44457 1.61259 0.28415  0.41000  -0.24278 4  DG C "C1'" 
436 N N9    . DG C 4  ? 1.07829 1.44462 1.49516 0.29415  0.37016  -0.20880 4  DG C N9    
437 C C8    . DG C 4  ? 1.12156 1.44215 1.45326 0.30012  0.36983  -0.15304 4  DG C C8    
438 N N7    . DG C 4  ? 1.09457 1.45533 1.36965 0.30626  0.32488  -0.13314 4  DG C N7    
439 C C5    . DG C 4  ? 1.01663 1.45791 1.33993 0.30569  0.29716  -0.17416 4  DG C C5    
440 C C6    . DG C 4  ? 0.96524 1.47919 1.26547 0.31081  0.24795  -0.16928 4  DG C C6    
441 O O6    . DG C 4  ? 0.95789 1.47606 1.19570 0.31370  0.21632  -0.12792 4  DG C O6    
442 N N1    . DG C 4  ? 0.92489 1.51167 1.28529 0.31247  0.23476  -0.21747 4  DG C N1    
443 C C2    . DG C 4  ? 0.93471 1.52141 1.36985 0.30881  0.26087  -0.26946 4  DG C C2    
444 N N2    . DG C 4  ? 0.89756 1.56211 1.37668 0.31410  0.23775  -0.31458 4  DG C N2    
445 N N3    . DG C 4  ? 0.98251 1.49784 1.44930 0.30051  0.30515  -0.27569 4  DG C N3    
446 C C4    . DG C 4  ? 1.02063 1.46709 1.42720 0.29995  0.32307  -0.22354 4  DG C C4    
447 P P     . DA C 5  ? 1.15572 1.45413 1.91073 0.22898  0.49807  -0.33739 5  DA C P     
448 O OP1   . DA C 5  ? 1.17316 1.46979 2.04965 0.21299  0.51254  -0.38910 5  DA C OP1   
449 O OP2   . DA C 5  ? 1.16949 1.44252 1.88007 0.22248  0.52428  -0.29833 5  DA C OP2   
450 O "O5'" . DA C 5  ? 1.08752 1.47336 1.80706 0.24118  0.43895  -0.36497 5  DA C "O5'" 
451 C "C5'" . DA C 5  ? 1.07141 1.49812 1.81305 0.25544  0.40829  -0.40140 5  DA C "C5'" 
452 C "C4'" . DA C 5  ? 1.01348 1.53268 1.77150 0.25740  0.36510  -0.44690 5  DA C "C4'" 
453 O "O4'" . DA C 5  ? 0.97368 1.53257 1.64229 0.27012  0.33213  -0.41023 5  DA C "O4'" 
454 C "C3'" . DA C 5  ? 0.99798 1.54019 1.82153 0.23486  0.37292  -0.47996 5  DA C "C3'" 
455 O "O3'" . DA C 5  ? 0.96376 1.58448 1.83442 0.23876  0.33594  -0.53949 5  DA C "O3'" 
456 C "C2'" . DA C 5  ? 0.97452 1.52093 1.72155 0.23433  0.36768  -0.43556 5  DA C "C2'" 
457 C "C1'" . DA C 5  ? 0.94890 1.52547 1.60973 0.25672  0.32866  -0.40637 5  DA C "C1'" 
458 N N9    . DA C 5  ? 0.95896 1.49550 1.52899 0.26096  0.33014  -0.34519 5  DA C N9    
459 C C8    . DA C 5  ? 1.00960 1.46520 1.54589 0.25816  0.36760  -0.30402 5  DA C C8    
460 N N7    . DA C 5  ? 1.01356 1.44979 1.46034 0.26590  0.35266  -0.25688 5  DA C N7    
461 C C5    . DA C 5  ? 0.95974 1.46788 1.38779 0.27173  0.30285  -0.26485 5  DA C C5    
462 C C6    . DA C 5  ? 0.93960 1.46545 1.29407 0.27858  0.26293  -0.22936 5  DA C C6    
463 N N6    . DA C 5  ? 0.97494 1.44278 1.25307 0.28194  0.26382  -0.18262 5  DA C N6    
464 N N1    . DA C 5  ? 0.88704 1.49280 1.25076 0.28245  0.21982  -0.24314 5  DA C N1    
465 C C2    . DA C 5  ? 0.85924 1.52415 1.29239 0.28269  0.21692  -0.29226 5  DA C C2    
466 N N3    . DA C 5  ? 0.87635 1.53023 1.37942 0.27725  0.24787  -0.33470 5  DA C N3    
467 C C4    . DA C 5  ? 0.92591 1.49829 1.42642 0.27018  0.29066  -0.31702 5  DA C C4    
468 P P     . DT C 6  ? 1.01438 1.68365 1.95600 0.21973  0.32975  -0.58138 6  DT C P     
469 O OP1   . DT C 6  ? 1.00231 1.72067 2.01959 0.22250  0.30391  -0.65214 6  DT C OP1   
470 O OP2   . DT C 6  ? 1.02916 1.63989 2.00670 0.19694  0.37788  -0.55821 6  DT C OP2   
471 O "O5'" . DT C 6  ? 0.95186 1.68363 1.81785 0.23108  0.29282  -0.55917 6  DT C "O5'" 
472 C "C5'" . DT C 6  ? 0.90134 1.69285 1.71432 0.25489  0.25004  -0.55894 6  DT C "C5'" 
473 C "C4'" . DT C 6  ? 0.86359 1.70563 1.61912 0.25999  0.21884  -0.53149 6  DT C "C4'" 
474 O "O4'" . DT C 6  ? 0.87505 1.66257 1.54986 0.26071  0.22889  -0.46668 6  DT C "O4'" 
475 C "C3'" . DT C 6  ? 0.85531 1.72506 1.65696 0.24468  0.21782  -0.55446 6  DT C "C3'" 
476 O "O3'" . DT C 6  ? 0.82260 1.77210 1.59803 0.25699  0.17313  -0.55638 6  DT C "O3'" 
477 C "C2'" . DT C 6  ? 0.85981 1.65862 1.61839 0.23452  0.24875  -0.50514 6  DT C "C2'" 
478 C "C1'" . DT C 6  ? 0.87299 1.65590 1.53619 0.25021  0.23015  -0.45320 6  DT C "C1'" 
479 N N1    . DT C 6  ? 0.91411 1.61458 1.51749 0.24701  0.25792  -0.40247 6  DT C N1    
480 C C2    . DT C 6  ? 0.91866 1.61260 1.43925 0.25478  0.23206  -0.35735 6  DT C C2    
481 O O2    . DT C 6  ? 0.88829 1.64158 1.38884 0.26201  0.18919  -0.35308 6  DT C O2    
482 N N3    . DT C 6  ? 0.97286 1.58819 1.43610 0.25431  0.25658  -0.31626 6  DT C N3    
483 C C4    . DT C 6  ? 1.03118 1.57865 1.50942 0.24836  0.30720  -0.31063 6  DT C C4    
484 O O4    . DT C 6  ? 1.11727 1.59967 1.53282 0.25227  0.32586  -0.27092 6  DT C O4    
485 C C5    . DT C 6  ? 1.00813 1.56649 1.58217 0.23796  0.33479  -0.35403 6  DT C C5    
486 C C7    . DT C 6  ? 1.10946 1.59795 1.71710 0.22891  0.39120  -0.34557 6  DT C C7    
487 C C6    . DT C 6  ? 0.95158 1.58336 1.58361 0.23726  0.30707  -0.40007 6  DT C C6    
488 P P     . DC C 7  ? 0.90650 1.91171 1.73559 0.24714  0.15093  -0.59590 7  DC C P     
489 O OP1   . DC C 7  ? 0.91363 1.96582 1.76047 0.25355  0.11796  -0.63666 7  DC C OP1   
490 O OP2   . DC C 7  ? 0.86694 1.82833 1.75748 0.22571  0.19025  -0.60771 7  DC C OP2   
491 O "O5'" . DC C 7  ? 0.87290 1.91900 1.63994 0.25735  0.11794  -0.55762 7  DC C "O5'" 
492 C "C5'" . DC C 7  ? 0.83899 1.91622 1.54000 0.27724  0.09136  -0.52123 7  DC C "C5'" 
493 C "C4'" . DC C 7  ? 0.86491 1.91966 1.50351 0.27628  0.07923  -0.46642 7  DC C "C4'" 
494 O "O4'" . DC C 7  ? 0.86628 1.82511 1.46756 0.26690  0.11314  -0.43348 7  DC C "O4'" 
495 C "C3'" . DC C 7  ? 0.87694 1.95410 1.53971 0.27034  0.06844  -0.47691 7  DC C "C3'" 
496 O "O3'" . DC C 7  ? 0.87293 1.99748 1.49418 0.28107  0.02525  -0.44401 7  DC C "O3'" 
497 C "C2'" . DC C 7  ? 0.88679 1.87317 1.53087 0.25783  0.10506  -0.45636 7  DC C "C2'" 
498 C "C1'" . DC C 7  ? 0.88609 1.81211 1.46397 0.26061  0.11456  -0.41345 7  DC C "C1'" 
499 N N1    . DC C 7  ? 0.92189 1.75636 1.48662 0.25152  0.16195  -0.40082 7  DC C N1    
500 C C2    . DC C 7  ? 0.95684 1.72689 1.44469 0.25408  0.16288  -0.35530 7  DC C C2    
501 O O2    . DC C 7  ? 0.96941 1.75501 1.40785 0.26061  0.12178  -0.32685 7  DC C O2    
502 N N3    . DC C 7  ? 0.99026 1.68218 1.46057 0.25018  0.20778  -0.34288 7  DC C N3    
503 C C4    . DC C 7  ? 0.99747 1.67464 1.53066 0.24121  0.25133  -0.36881 7  DC C C4    
504 N N4    . DC C 7  ? 1.03722 1.64045 1.55119 0.23897  0.29729  -0.34878 7  DC C N4    
505 C C5    . DC C 7  ? 0.96655 1.70382 1.58639 0.23494  0.24836  -0.41624 7  DC C C5    
506 C C6    . DC C 7  ? 0.92364 1.73797 1.55191 0.24185  0.20256  -0.43291 7  DC C C6    
507 P P     . DG C 8  ? 0.83139 2.00941 1.47369 0.27990  -0.00717 -0.45882 8  DG C P     
508 O OP1   . DG C 8  ? 0.84241 2.06949 1.44597 0.28849  -0.04538 -0.44112 8  DG C OP1   
509 O OP2   . DG C 8  ? 0.78684 1.94897 1.49131 0.26504  0.01602  -0.50722 8  DG C OP2   
510 O "O5'" . DG C 8  ? 0.79039 1.95013 1.40531 0.28323  -0.01859 -0.42264 8  DG C "O5'" 
511 C "C5'" . DG C 8  ? 0.77757 1.88438 1.32078 0.28319  -0.02775 -0.36809 8  DG C "C5'" 
512 C "C4'" . DG C 8  ? 0.85653 1.89299 1.36659 0.27848  -0.02514 -0.34711 8  DG C "C4'" 
513 O "O4'" . DG C 8  ? 0.91765 1.86917 1.41342 0.27101  0.02172  -0.35264 8  DG C "O4'" 
514 C "C3'" . DG C 8  ? 0.82325 1.88749 1.37637 0.28059  -0.03101 -0.37374 8  DG C "C3'" 
515 O "O3'" . DG C 8  ? 0.88272 1.90747 1.39037 0.28419  -0.05564 -0.34010 8  DG C "O3'" 
516 C "C2'" . DG C 8  ? 0.81389 1.83388 1.40454 0.27256  0.02182  -0.40981 8  DG C "C2'" 
517 C "C1'" . DG C 8  ? 0.89557 1.82495 1.41929 0.26938  0.04423  -0.37658 8  DG C "C1'" 
518 N N9    . DG C 8  ? 0.88652 1.76795 1.43475 0.26142  0.09973  -0.39664 8  DG C N9    
519 C C8    . DG C 8  ? 0.84271 1.75678 1.46769 0.25309  0.12645  -0.43763 8  DG C C8    
520 N N7    . DG C 8  ? 0.84816 1.70392 1.48566 0.24531  0.17610  -0.44089 8  DG C N7    
521 C C5    . DG C 8  ? 0.89476 1.67686 1.45049 0.25190  0.18383  -0.40058 8  DG C C5    
522 C C6    . DG C 8  ? 0.94459 1.64682 1.46869 0.25161  0.23135  -0.38240 8  DG C C6    
523 O O6    . DG C 8  ? 0.94829 1.62903 1.51876 0.24290  0.27937  -0.39428 8  DG C O6    
524 N N1    . DG C 8  ? 1.02159 1.66574 1.45126 0.26367  0.21774  -0.34552 8  DG C N1    
525 C C2    . DG C 8  ? 1.04793 1.70548 1.42944 0.27130  0.16323  -0.32786 8  DG C C2    
526 N N2    . DG C 8  ? 1.13742 1.72654 1.43133 0.28199  0.15253  -0.29659 8  DG C N2    
527 N N3    . DG C 8  ? 0.98858 1.72153 1.40613 0.26946  0.12062  -0.33906 8  DG C N3    
528 C C4    . DG C 8  ? 0.92595 1.71996 1.42653 0.26122  0.13488  -0.37581 8  DG C C4    
529 P P     . DT C 9  ? 0.79509 1.86869 1.33103 0.29261  -0.09001 -0.34419 9  DT C P     
530 O OP1   . DT C 9  ? 0.76371 1.90770 1.29408 0.29779  -0.13715 -0.31332 9  DT C OP1   
531 O OP2   . DT C 9  ? 0.78640 1.89413 1.39397 0.29269  -0.06214 -0.39628 9  DT C OP2   
532 O "O5'" . DT C 9  ? 0.83961 1.82429 1.31995 0.29597  -0.09726 -0.31842 9  DT C "O5'" 
533 C "C5'" . DT C 9  ? 0.87475 1.78125 1.28416 0.29227  -0.09756 -0.28422 9  DT C "C5'" 
534 C "C4'" . DT C 9  ? 0.93049 1.74725 1.30272 0.29800  -0.06958 -0.29266 9  DT C "C4'" 
535 O "O4'" . DT C 9  ? 0.94476 1.73739 1.33038 0.29349  -0.01160 -0.31676 9  DT C "O4'" 
536 C "C3'" . DT C 9  ? 0.93848 1.76368 1.34178 0.30959  -0.07095 -0.31659 9  DT C "C3'" 
537 O "O3'" . DT C 9  ? 0.99458 1.73791 1.33414 0.32071  -0.08492 -0.30039 9  DT C "O3'" 
538 C "C2'" . DT C 9  ? 0.93973 1.77465 1.39530 0.30821  -0.01140 -0.35823 9  DT C "C2'" 
539 C "C1'" . DT C 9  ? 0.96918 1.74320 1.37939 0.30113  0.02260  -0.34541 9  DT C "C1'" 
540 N N1    . DT C 9  ? 0.96136 1.75361 1.42987 0.29205  0.07601  -0.37538 9  DT C N1    
541 C C2    . DT C 9  ? 1.01005 1.73365 1.45014 0.29278  0.12581  -0.37169 9  DT C C2    
542 O O2    . DT C 9  ? 1.06149 1.71107 1.42259 0.30339  0.12723  -0.34772 9  DT C O2    
543 N N3    . DT C 9  ? 1.00214 1.74660 1.51069 0.28150  0.17251  -0.39681 9  DT C N3    
544 C C4    . DT C 9  ? 0.95399 1.77669 1.55274 0.27001  0.16985  -0.43018 9  DT C C4    
545 O O4    . DT C 9  ? 0.95600 1.78722 1.61847 0.25849  0.20965  -0.45293 9  DT C O4    
546 C C5    . DT C 9  ? 0.90706 1.80069 1.52162 0.27328  0.11532  -0.43590 9  DT C C5    
547 C C7    . DT C 9  ? 0.86166 1.84463 1.56367 0.26595  0.10513  -0.47479 9  DT C C7    
548 C C6    . DT C 9  ? 0.91161 1.78829 1.46212 0.28382  0.07329  -0.40551 9  DT C C6    
549 P P     . DG C 10 ? 1.32227 2.04303 1.61610 0.32089  -0.15197 -0.25732 10 DG C P     
550 O OP1   . DG C 10 ? 1.41515 2.03880 1.62478 0.32242  -0.15428 -0.23613 10 DG C OP1   
551 O OP2   . DG C 10 ? 1.18742 1.99539 1.52150 0.30996  -0.18340 -0.23683 10 DG C OP2   
552 O "O5'" . DG C 10 ? 1.28986 2.00412 1.59888 0.33730  -0.17508 -0.26933 10 DG C "O5'" 
553 C "C5'" . DG C 10 ? 1.23535 2.00482 1.61164 0.34538  -0.14748 -0.30713 10 DG C "C5'" 
554 C "C4'" . DG C 10 ? 1.21822 2.03410 1.63246 0.35383  -0.19402 -0.30054 10 DG C "C4'" 
555 O "O4'" . DG C 10 ? 1.11739 2.04201 1.60388 0.34676  -0.19596 -0.31090 10 DG C "O4'" 
556 C "C3'" . DG C 10 ? 1.20789 1.99726 1.58444 0.35035  -0.25710 -0.25366 10 DG C "C3'" 
557 O "O3'" . DG C 10 ? 1.30865 2.00258 1.63223 0.36497  -0.27343 -0.25223 10 DG C "O3'" 
558 C "C2'" . DG C 10 ? 1.15632 2.03690 1.59761 0.35304  -0.29096 -0.24567 10 DG C "C2'" 
559 C "C1'" . DG C 10 ? 1.07128 2.04080 1.57040 0.34788  -0.25201 -0.27822 10 DG C "C1'" 
560 N N9    . DG C 10 ? 1.01044 2.04335 1.51649 0.33443  -0.26375 -0.25568 10 DG C N9    
561 C C8    . DG C 10 ? 1.00118 2.04630 1.50393 0.32367  -0.22910 -0.26862 10 DG C C8    
562 N N7    . DG C 10 ? 0.96521 2.07354 1.47346 0.31805  -0.24937 -0.24390 10 DG C N7    
563 C C5    . DG C 10 ? 0.97274 2.06605 1.46555 0.31008  -0.28541 -0.20053 10 DG C C5    
564 C C6    . DG C 10 ? 0.97596 2.07052 1.44813 0.29077  -0.30119 -0.14929 10 DG C C6    
565 O O6    . DG C 10 ? 0.97492 2.08860 1.43263 0.28088  -0.28896 -0.13559 10 DG C O6    
566 N N1    . DG C 10 ? 0.99130 2.06245 1.46604 0.28625  -0.33319 -0.11303 10 DG C N1    
567 C C2    . DG C 10 ? 0.99890 2.04690 1.48815 0.30057  -0.35060 -0.12651 10 DG C C2    
568 N N2    . DG C 10 ? 1.01445 2.04108 1.50958 0.29343  -0.38278 -0.08502 10 DG C N2    
569 N N3    . DG C 10 ? 1.00078 2.04623 1.50274 0.32326  -0.33712 -0.17773 10 DG C N3    
570 C C4    . DG C 10 ? 0.98619 2.05641 1.49188 0.32586  -0.30303 -0.21142 10 DG C C4    
571 P P     . DC C 11 ? 1.47322 2.08204 1.72287 0.35787  -0.31825 -0.21259 11 DC C P     
572 O OP1   . DC C 11 ? 1.56255 2.06831 1.75293 0.37944  -0.31919 -0.23132 11 DC C OP1   
573 O OP2   . DC C 11 ? 1.45482 2.07522 1.68460 0.33917  -0.30061 -0.19560 11 DC C OP2   
574 O "O5'" . DC C 11 ? 1.36930 2.01917 1.65463 0.35060  -0.38497 -0.17097 11 DC C "O5'" 
575 C "C5'" . DC C 11 ? 1.35413 2.03765 1.68803 0.36487  -0.40273 -0.18027 11 DC C "C5'" 
576 C "C4'" . DC C 11 ? 1.29078 2.05191 1.67268 0.35319  -0.45010 -0.13453 11 DC C "C4'" 
577 O "O4'" . DC C 11 ? 1.20120 2.06529 1.62162 0.34337  -0.42258 -0.13651 11 DC C "O4'" 
578 C "C3'" . DC C 11 ? 1.31813 2.03981 1.66954 0.33569  -0.50003 -0.08013 11 DC C "C3'" 
579 O "O3'" . DC C 11 ? 1.39794 2.04533 1.73732 0.34336  -0.54926 -0.06637 11 DC C "O3'" 
580 C "C2'" . DC C 11 ? 1.24148 2.03794 1.63236 0.30407  -0.49477 -0.03021 11 DC C "C2'" 
581 C "C1'" . DC C 11 ? 1.17868 2.05729 1.59986 0.31333  -0.44419 -0.07443 11 DC C "C1'" 
582 N N1    . DC C 11 ? 1.15148 2.06344 1.56078 0.29894  -0.41485 -0.07003 11 DC C N1    
583 C C2    . DC C 11 ? 1.14447 2.07120 1.55738 0.26970  -0.41607 -0.01877 11 DC C C2    
584 O O2    . DC C 11 ? 1.15799 2.06998 1.58802 0.25448  -0.44298 0.02427  11 DC C O2    
585 N N3    . DC C 11 ? 1.12775 2.08216 1.52860 0.26282  -0.38895 -0.02057 11 DC C N3    
586 C C4    . DC C 11 ? 1.12729 2.09854 1.51826 0.27966  -0.36201 -0.06600 11 DC C C4    
587 N N4    . DC C 11 ? 1.11798 2.11709 1.50037 0.27330  -0.33706 -0.06495 11 DC C N4    
588 C C5    . DC C 11 ? 1.13395 2.09121 1.52750 0.30675  -0.35856 -0.11613 11 DC C C5    
589 C C6    . DC C 11 ? 1.13245 2.05647 1.53200 0.31641  -0.38414 -0.11784 11 DC C C6    
590 P P     . DT C 12 ? 1.58109 2.13063 1.86809 0.32981  -0.59882 -0.03128 12 DT C P     
591 O OP1   . DT C 12 ? 1.65006 2.10365 1.91629 0.34739  -0.63558 -0.04549 12 DT C OP1   
592 O OP2   . DT C 12 ? 1.54244 2.06411 1.77549 0.32126  -0.56330 -0.04255 12 DT C OP2   
593 O "O5'" . DT C 12 ? 1.46376 2.06060 1.78605 0.28209  -0.60425 0.04874  12 DT C "O5'" 
594 C "C5'" . DT C 12 ? 1.43590 2.09004 1.81015 0.27282  -0.60247 0.07821  12 DT C "C5'" 
595 C "C4'" . DT C 12 ? 1.40888 2.14006 1.80475 0.23743  -0.59071 0.15089  12 DT C "C4'" 
596 O "O4'" . DT C 12 ? 1.39033 2.14736 1.80630 0.22122  -0.56684 0.14535  12 DT C "O4'" 
597 C "C3'" . DT C 12 ? 1.44185 2.13290 1.79359 0.23409  -0.60653 0.17045  12 DT C "C3'" 
598 O "O3'" . DT C 12 ? 1.46200 2.16206 1.82285 0.23914  -0.61837 0.19179  12 DT C "O3'" 
599 C "C2'" . DT C 12 ? 1.40311 2.13096 1.73397 0.22490  -0.57391 0.17150  12 DT C "C2'" 
600 C "C1'" . DT C 12 ? 1.39602 2.10046 1.79558 0.19592  -0.57334 0.16912  12 DT C "C1'" 
601 N N1    . DT C 12 ? 1.37502 2.11742 1.75519 0.20956  -0.54295 0.13464  12 DT C N1    
602 C C2    . DT C 12 ? 1.34502 2.10994 1.72572 0.20462  -0.52186 0.13603  12 DT C C2    
603 O O2    . DT C 12 ? 1.34687 2.10878 1.73644 0.20351  -0.53199 0.15100  12 DT C O2    
604 N N3    . DT C 12 ? 1.32011 2.12633 1.67882 0.21127  -0.47945 0.11183  12 DT C N3    
605 C C4    . DT C 12 ? 1.33750 2.15261 1.67083 0.23337  -0.46019 0.06785  12 DT C C4    
606 O O4    . DT C 12 ? 1.31217 2.16067 1.63097 0.24379  -0.42601 0.04027  12 DT C O4    
607 C C5    . DT C 12 ? 1.37403 2.14888 1.69722 0.25152  -0.48516 0.04689  12 DT C C5    
608 C C7    . DT C 12 ? 1.39939 2.15850 1.69084 0.28939  -0.47181 -0.01819 12 DT C C7    
609 C C6    . DT C 12 ? 1.38341 2.12959 1.72739 0.23782  -0.52157 0.08368  12 DT C C6    
610 P P     . DC C 13 ? 1.49760 2.16626 1.84563 0.22420  -0.62667 0.21808  13 DC C P     
611 O OP1   . DC C 13 ? 1.48613 2.13526 1.86417 0.21478  -0.64994 0.25205  13 DC C OP1   
612 O OP2   . DC C 13 ? 1.48257 2.08543 1.79878 0.20720  -0.63888 0.22284  13 DC C OP2   
613 O "O5'" . DC C 13 ? 1.44938 2.16626 1.80062 0.23503  -0.60087 0.19603  13 DC C "O5'" 
614 C "C5'" . DC C 13 ? 1.45200 2.17643 1.82327 0.21989  -0.59922 0.22965  13 DC C "C5'" 
615 C "C4'" . DC C 13 ? 1.48100 2.19582 1.83786 0.20228  -0.58630 0.24621  13 DC C "C4'" 
616 O "O4'" . DC C 13 ? 1.45410 2.17892 1.80361 0.20701  -0.56661 0.21236  13 DC C "O4'" 
617 C "C3'" . DC C 13 ? 1.50767 2.17348 1.83951 0.18955  -0.60145 0.26140  13 DC C "C3'" 
618 O "O3'" . DC C 13 ? 1.53647 2.17691 1.89159 0.16617  -0.62312 0.30910  13 DC C "O3'" 
619 C "C2'" . DC C 13 ? 1.50160 2.17216 1.81576 0.18406  -0.58104 0.25701  13 DC C "C2'" 
620 C "C1'" . DC C 13 ? 1.47164 2.17595 1.79538 0.19678  -0.55984 0.22102  13 DC C "C1'" 
621 N N1    . DC C 13 ? 1.44948 2.13308 1.75323 0.20557  -0.55875 0.18441  13 DC C N1    
622 C C2    . DC C 13 ? 1.41899 2.11653 1.72161 0.19358  -0.53311 0.18399  13 DC C C2    
623 O O2    . DC C 13 ? 1.42060 2.15237 1.73157 0.18360  -0.51075 0.20694  13 DC C O2    
624 N N3    . DC C 13 ? 1.40706 2.09627 1.69849 0.19310  -0.52625 0.16532  13 DC C N3    
625 C C4    . DC C 13 ? 1.42493 2.08093 1.71172 0.19777  -0.55017 0.15269  13 DC C C4    
626 N N4    . DC C 13 ? 1.41715 2.10066 1.67942 0.20571  -0.52111 0.13328  13 DC C N4    
627 C C5    . DC C 13 ? 1.45165 2.08791 1.72458 0.22001  -0.56706 0.13691  13 DC C C5    
628 C C6    . DC C 13 ? 1.44915 2.11661 1.73623 0.22152  -0.57158 0.16142  13 DC C C6    
629 P P     . DA D 1  ? 1.57353 3.57100 2.53533 0.84841  0.67538  -0.09798 11 DA D P     
630 O OP1   . DA D 1  ? 1.62288 3.68031 2.61835 0.88826  0.68595  -0.09616 11 DA D OP1   
631 O OP2   . DA D 1  ? 1.52655 3.42485 2.38363 0.83506  0.63036  -0.10696 11 DA D OP2   
632 O "O5'" . DA D 1  ? 1.61038 3.59592 2.55213 0.84869  0.71431  -0.08524 11 DA D "O5'" 
633 C "C5'" . DA D 1  ? 1.64400 3.71209 2.68338 0.84599  0.76054  -0.07560 11 DA D "C5'" 
634 C "C4'" . DA D 1  ? 1.60629 3.67087 2.68333 0.80182  0.77027  -0.07430 11 DA D "C4'" 
635 O "O4'" . DA D 1  ? 1.63337 3.65650 2.65204 0.80194  0.79352  -0.06479 11 DA D "O4'" 
636 C "C3'" . DA D 1  ? 1.53277 3.53242 2.57373 0.76654  0.72819  -0.08539 11 DA D "C3'" 
637 O "O3'" . DA D 1  ? 1.50440 3.53575 2.62327 0.72752  0.74349  -0.08385 11 DA D "O3'" 
638 C "C2'" . DA D 1  ? 1.53076 3.42839 2.44414 0.77034  0.71319  -0.08415 11 DA D "C2'" 
639 C "C1'" . DA D 1  ? 1.59023 3.51244 2.50971 0.78434  0.75985  -0.07020 11 DA D "C1'" 
640 N N9    . DA D 1  ? 1.63149 3.49825 2.45153 0.81713  0.75867  -0.06495 11 DA D N9    
641 C C8    . DA D 1  ? 1.63638 3.45747 2.38164 0.84409  0.72784  -0.06992 11 DA D C8    
642 N N7    . DA D 1  ? 1.68108 3.45982 2.34997 0.87100  0.73569  -0.06227 11 DA D N7    
643 C C5    . DA D 1  ? 1.70837 3.50747 2.40229 0.86196  0.77489  -0.05166 11 DA D C5    
644 C C6    . DA D 1  ? 1.76128 3.53598 2.40442 0.88041  0.80088  -0.03978 11 DA D C6    
645 N N6    . DA D 1  ? 1.79657 3.51814 2.35207 0.91310  0.78997  -0.03672 11 DA D N6    
646 N N1    . DA D 1  ? 1.77879 3.58627 2.46542 0.86411  0.83850  -0.03073 11 DA D N1    
647 C C2    . DA D 1  ? 1.74466 3.60610 2.52215 0.83083  0.84889  -0.03350 11 DA D C2    
648 N N3    . DA D 1  ? 1.69378 3.58194 2.52862 0.81070  0.82650  -0.04441 11 DA D N3    
649 C C4    . DA D 1  ? 1.67838 3.53250 2.46531 0.82854  0.78970  -0.05314 11 DA D C4    
650 P P     . DC D 2  ? 1.43166 3.39613 2.52127 0.68367  0.71137  -0.09206 12 DC D P     
651 O OP1   . DC D 2  ? 1.41017 3.44313 2.61964 0.65150  0.72602  -0.09143 12 DC D OP1   
652 O OP2   . DC D 2  ? 1.39695 3.29829 2.40858 0.69108  0.66291  -0.10336 12 DC D OP2   
653 O "O5'" . DC D 2  ? 1.43841 3.33433 2.45039 0.67311  0.72491  -0.08521 12 DC D "O5'" 
654 C "C5'" . DC D 2  ? 1.46163 3.39865 2.53044 0.65688  0.76660  -0.07538 12 DC D "C5'" 
655 C "C4'" . DC D 2  ? 1.47279 3.33673 2.45103 0.65400  0.77405  -0.06911 12 DC D "C4'" 
656 O "O4'" . DC D 2  ? 1.51734 3.34845 2.41268 0.69537  0.77212  -0.06518 12 DC D "O4'" 
657 C "C3'" . DC D 2  ? 1.40930 3.17868 2.31757 0.62237  0.73757  -0.07667 12 DC D "C3'" 
658 O "O3'" . DC D 2  ? 1.40182 3.16221 2.32599 0.59092  0.75941  -0.07110 12 DC D "O3'" 
659 C "C2'" . DC D 2  ? 1.42209 3.11005 2.20979 0.64990  0.71445  -0.07664 12 DC D "C2'" 
660 C "C1'" . DC D 2  ? 1.49917 3.23478 2.29334 0.68775  0.75270  -0.06508 12 DC D "C1'" 
661 N N1    . DC D 2  ? 1.53052 3.21921 2.23434 0.72688  0.73639  -0.06391 12 DC D N1    
662 C C2    . DC D 2  ? 1.58736 3.25945 2.24219 0.75110  0.76117  -0.05230 12 DC D C2    
663 O O2    . DC D 2  ? 1.61081 3.30824 2.29583 0.73995  0.79630  -0.04327 12 DC D O2    
664 N N3    . DC D 2  ? 1.61737 3.24593 2.19270 0.78631  0.74587  -0.05080 12 DC D N3    
665 C C4    . DC D 2  ? 1.59263 3.19572 2.13666 0.79686  0.70794  -0.06020 12 DC D C4    
666 N N4    . DC D 2  ? 1.62571 3.18677 2.09314 0.83128  0.69427  -0.05774 12 DC D N4    
667 C C5    . DC D 2  ? 1.53527 3.15496 2.12495 0.77293  0.68228  -0.07214 12 DC D C5    
668 C C6    . DC D 2  ? 1.50603 3.16785 2.17499 0.73881  0.69744  -0.07361 12 DC D C6    
669 P P     . DG D 3  ? 1.36042 3.16323 2.38380 0.54661  0.76545  -0.07432 13 DG D P     
670 O OP1   . DG D 3  ? 1.39784 3.31128 2.53601 0.55542  0.79825  -0.06947 13 DG D OP1   
671 O OP2   . DG D 3  ? 1.29297 3.04124 2.29089 0.52582  0.71956  -0.08622 13 DG D OP2   
672 O "O5'" . DG D 3  ? 1.36039 3.12884 2.36259 0.51887  0.78631  -0.06757 13 DG D "O5'" 
673 C "C5'" . DG D 3  ? 1.42214 3.23113 2.43773 0.53176  0.83061  -0.05462 13 DG D "C5'" 
674 C "C4'" . DG D 3  ? 1.43080 3.15895 2.34630 0.53180  0.83012  -0.04915 13 DG D "C4'" 
675 O "O4'" . DG D 3  ? 1.44015 3.10723 2.25945 0.56552  0.80438  -0.05097 13 DG D "O4'" 
676 C "C3'" . DG D 3  ? 1.37031 3.02685 2.25468 0.49035  0.80697  -0.05535 13 DG D "C3'" 
677 O "O3'" . DG D 3  ? 1.39538 3.01380 2.22603 0.48760  0.82429  -0.04620 13 DG D "O3'" 
678 C "C2'" . DG D 3  ? 1.32747 2.90666 2.13401 0.49931  0.75809  -0.06572 13 DG D "C2'" 
679 C "C1'" . DG D 3  ? 1.38395 2.95611 2.12905 0.54576  0.76454  -0.05888 13 DG D "C1'" 
680 N N9    . DG D 3  ? 1.36771 2.90289 2.06011 0.56882  0.72668  -0.06670 13 DG D N9    
681 C C8    . DG D 3  ? 1.31903 2.85152 2.02989 0.55892  0.69367  -0.07830 13 DG D C8    
682 N N7    . DG D 3  ? 1.31913 2.81560 1.96774 0.58552  0.66390  -0.08262 13 DG D N7    
683 C C5    . DG D 3  ? 1.37118 2.84556 1.96015 0.61499  0.67841  -0.07306 13 DG D C5    
684 C C6    . DG D 3  ? 1.39685 2.83019 1.90772 0.65093  0.65935  -0.07173 13 DG D C6    
685 O O6    . DG D 3  ? 1.37817 2.78719 1.85540 0.66372  0.62516  -0.07911 13 DG D O6    
686 N N1    . DG D 3  ? 1.45253 2.87399 1.92305 0.67336  0.68416  -0.05985 13 DG D N1    
687 C C2    . DG D 3  ? 1.48059 2.92717 1.97939 0.66262  0.72268  -0.05042 13 DG D C2    
688 N N2    . DG D 3  ? 1.53772 2.96689 1.98639 0.68958  0.74216  -0.03902 13 DG D N2    
689 N N3    . DG D 3  ? 1.45683 2.94290 2.02774 0.62812  0.74087  -0.05153 13 DG D N3    
690 C C4    . DG D 3  ? 1.40180 2.89915 2.01556 0.60576  0.71687  -0.06316 13 DG D C4    
691 P P     . DG D 4  ? 1.34743 2.90099 2.15185 0.44431  0.81233  -0.04926 14 DG D P     
692 O OP1   . DG D 4  ? 1.34634 2.96786 2.24887 0.41173  0.84066  -0.04703 14 DG D OP1   
693 O OP2   . DG D 4  ? 1.28282 2.75428 2.03069 0.43323  0.76327  -0.06163 14 DG D OP2   
694 O "O5'" . DG D 4  ? 1.39214 2.90264 2.11771 0.46064  0.82826  -0.03724 14 DG D "O5'" 
695 C "C5'" . DG D 4  ? 1.45222 2.97127 2.13560 0.50681  0.84025  -0.02856 14 DG D "C5'" 
696 C "C4'" . DG D 4  ? 1.43413 2.86043 2.01440 0.52492  0.80091  -0.03288 14 DG D "C4'" 
697 O "O4'" . DG D 4  ? 1.40529 2.82908 1.98585 0.53738  0.76927  -0.04374 14 DG D "O4'" 
698 C "C3'" . DG D 4  ? 1.37720 2.71421 1.90378 0.49230  0.77110  -0.03837 14 DG D "C3'" 
699 O "O3'" . DG D 4  ? 1.40153 2.67320 1.83975 0.51396  0.76233  -0.03132 14 DG D "O3'" 
700 C "C2'" . DG D 4  ? 1.31252 2.61608 1.83479 0.48106  0.72745  -0.05301 14 DG D "C2'" 
701 C "C1'" . DG D 4  ? 1.35160 2.68372 1.86158 0.52502  0.72531  -0.05163 14 DG D "C1'" 
702 N N9    . DG D 4  ? 1.30945 2.63710 1.82724 0.52548  0.69115  -0.06338 14 DG D N9    
703 C C8    . DG D 4  ? 1.26194 2.61669 1.84306 0.49773  0.68085  -0.07290 14 DG D C8    
704 N N7    . DG D 4  ? 1.23894 2.57957 1.80446 0.50764  0.64729  -0.08155 14 DG D N7    
705 C C5    . DG D 4  ? 1.26414 2.56425 1.75133 0.54240  0.63413  -0.07775 14 DG D C5    
706 C C6    . DG D 4  ? 1.25620 2.52602 1.69327 0.56618  0.59912  -0.08297 14 DG D C6    
707 O O6    . DG D 4  ? 1.22078 2.49419 1.67012 0.56181  0.57187  -0.09268 14 DG D O6    
708 N N1    . DG D 4  ? 1.29813 2.53136 1.66398 0.59872  0.59737  -0.07506 14 DG D N1    
709 C C2    . DG D 4  ? 1.34264 2.56841 1.68651 0.60818  0.62548  -0.06365 14 DG D C2    
710 N N2    . DG D 4  ? 1.38142 2.56900 1.65542 0.64177  0.61841  -0.05666 14 DG D N2    
711 N N3    . DG D 4  ? 1.35120 2.60547 1.73832 0.58668  0.65829  -0.05885 14 DG D N3    
712 C C4    . DG D 4  ? 1.31003 2.60086 1.76834 0.55380  0.66068  -0.06644 14 DG D C4    
713 P P     . DA D 5  ? 1.43077 2.68097 1.84239 0.50437  0.78678  -0.01933 15 DA D P     
714 O OP1   . DA D 5  ? 1.46186 2.79766 1.95504 0.49096  0.83128  -0.01237 15 DA D OP1   
715 O OP2   . DA D 5  ? 1.37023 2.53323 1.73370 0.47451  0.75226  -0.02589 15 DA D OP2   
716 O "O5'" . DA D 5  ? 1.50048 2.73319 1.84545 0.55259  0.79709  -0.00703 15 DA D "O5'" 
717 C "C5'" . DA D 5  ? 1.52237 2.76369 1.84874 0.58987  0.78551  -0.00912 15 DA D "C5'" 
718 C "C4'" . DA D 5  ? 1.51541 2.66745 1.74867 0.60881  0.74934  -0.00907 15 DA D "C4'" 
719 O "O4'" . DA D 5  ? 1.46579 2.59327 1.68973 0.60826  0.70842  -0.02123 15 DA D "O4'" 
720 C "C3'" . DA D 5  ? 1.47851 2.55165 1.66471 0.58230  0.73007  -0.00811 15 DA D "C3'" 
721 O "O3'" . DA D 5  ? 1.49923 2.50611 1.60553 0.61012  0.70974  -0.00245 15 DA D "O3'" 
722 C "C2'" . DA D 5  ? 1.39378 2.43884 1.59836 0.54684  0.69274  -0.02298 15 DA D "C2'" 
723 C "C1'" . DA D 5  ? 1.39652 2.44893 1.58915 0.57594  0.67112  -0.02815 15 DA D "C1'" 
724 N N9    . DA D 5  ? 1.33659 2.40208 1.57044 0.55301  0.64787  -0.04170 15 DA D N9    
725 C C8    . DA D 5  ? 1.30470 2.41544 1.61149 0.51953  0.66043  -0.04856 15 DA D C8    
726 N N7    . DA D 5  ? 1.25504 2.36576 1.58336 0.50693  0.63310  -0.06016 15 DA D N7    
727 C C5    . DA D 5  ? 1.25423 2.31786 1.51829 0.53344  0.60044  -0.06075 15 DA D C5    
728 C C6    . DA D 5  ? 1.21571 2.25713 1.46323 0.53663  0.56180  -0.06971 15 DA D C6    
729 N N6    . DA D 5  ? 1.16928 2.23302 1.46461 0.51305  0.54946  -0.08055 15 DA D N6    
730 N N1    . DA D 5  ? 1.22940 2.22507 1.40888 0.56566  0.53617  -0.06624 15 DA D N1    
731 C C2    . DA D 5  ? 1.27873 2.25124 1.41132 0.59050  0.54865  -0.05471 15 DA D C2    
732 N N3    . DA D 5  ? 1.31925 2.30755 1.45926 0.59164  0.58418  -0.04580 15 DA D N3    
733 C C4    . DA D 5  ? 1.30395 2.33923 1.51100 0.56172  0.60896  -0.04940 15 DA D C4    
734 P P     . DC D 6  ? 1.52804 2.48088 1.57911 0.61301  0.71789  0.00953  16 DC D P     
735 O OP1   . DC D 6  ? 1.61633 2.62017 1.66986 0.64631  0.76325  0.02254  16 DC D OP1   
736 O OP2   . DC D 6  ? 1.47096 2.39566 1.53852 0.56642  0.71005  0.00554  16 DC D OP2   
737 O "O5'" . DC D 6  ? 1.51779 2.38750 1.49049 0.63473  0.67581  0.01012  16 DC D "O5'" 
738 C "C5'" . DC D 6  ? 1.50951 2.38272 1.47463 0.65521  0.65186  0.00380  16 DC D "C5'" 
739 C "C4'" . DC D 6  ? 1.43069 2.23655 1.37233 0.63124  0.60120  -0.00441 16 DC D "C4'" 
740 O "O4'" . DC D 6  ? 1.37699 2.21956 1.37559 0.60409  0.59246  -0.01738 16 DC D "O4'" 
741 C "C3'" . DC D 6  ? 1.38738 2.12431 1.30395 0.59986  0.58482  -0.00195 16 DC D "C3'" 
742 O "O3'" . DC D 6  ? 1.40397 2.06819 1.24867 0.62226  0.56221  0.00771  16 DC D "O3'" 
743 C "C2'" . DC D 6  ? 1.29973 2.01930 1.24606 0.55861  0.55375  -0.01493 16 DC D "C2'" 
744 C "C1'" . DC D 6  ? 1.30151 2.07800 1.28224 0.57217  0.55226  -0.02344 16 DC D "C1'" 
745 N N1    . DC D 6  ? 1.24712 2.06012 1.29213 0.53572  0.55125  -0.03654 16 DC D N1    
746 C C2    . DC D 6  ? 1.19885 2.00375 1.24992 0.52876  0.51806  -0.04661 16 DC D C2    
747 O O2    . DC D 6  ? 1.19982 1.96799 1.20304 0.55140  0.48921  -0.04410 16 DC D O2    
748 N N3    . DC D 6  ? 1.15454 1.99230 1.26379 0.49750  0.51868  -0.05814 16 DC D N3    
749 C C4    . DC D 6  ? 1.15675 2.03444 1.31864 0.47316  0.55046  -0.05947 16 DC D C4    
750 N N4    . DC D 6  ? 1.11471 2.02253 1.33459 0.44339  0.54999  -0.07015 16 DC D N4    
751 C C5    . DC D 6  ? 1.20484 2.09352 1.36196 0.47875  0.58425  -0.04889 16 DC D C5    
752 C C6    . DC D 6  ? 1.24858 2.10351 1.34563 0.51045  0.58323  -0.03785 16 DC D C6    
753 P P     . DG D 7  ? 1.47336 2.06735 1.27627 0.62082  0.50950  0.00636  17 DG D P     
754 O OP1   . DG D 7  ? 1.46030 2.09327 1.28602 0.62938  0.49732  -0.00284 17 DG D OP1   
755 O OP2   . DG D 7  ? 1.51529 2.05245 1.25166 0.65106  0.50034  0.01952  17 DG D OP2   
756 O "O5'" . DG D 7  ? 1.40290 1.94996 1.21994 0.57089  0.48699  0.00171  17 DG D "O5'" 
757 C "C5'" . DG D 7  ? 1.34286 1.80933 1.11907 0.56022  0.44526  0.00656  17 DG D "C5'" 
758 C "C4'" . DG D 7  ? 1.32361 1.78159 1.08428 0.57420  0.41285  0.00415  17 DG D "C4'" 
759 O "O4'" . DG D 7  ? 1.30916 1.83320 1.12138 0.56641  0.42098  -0.00980 17 DG D "O4'" 
760 C "C3'" . DG D 7  ? 1.25230 1.63877 0.99128 0.54944  0.36850  0.00728  17 DG D "C3'" 
761 O "O3'" . DG D 7  ? 1.25994 1.62550 0.96167 0.57494  0.34122  0.01279  17 DG D "O3'" 
762 C "C2'" . DG D 7  ? 1.18974 1.60380 0.98264 0.51075  0.36418  -0.00792 17 DG D "C2'" 
763 C "C1'" . DG D 7  ? 1.23082 1.73066 1.06216 0.52957  0.39181  -0.01811 17 DG D "C1'" 
764 N N9    . DG D 7  ? 1.21113 1.76121 1.10404 0.49969  0.41636  -0.03009 17 DG D N9    
765 C C8    . DG D 7  ? 1.23718 1.81465 1.15521 0.48975  0.45254  -0.02909 17 DG D C8    
766 N N7    . DG D 7  ? 1.21264 1.83603 1.18904 0.46150  0.46876  -0.04035 17 DG D N7    
767 C C5    . DG D 7  ? 1.16810 1.79337 1.15796 0.45335  0.44154  -0.05007 17 DG D C5    
768 C C6    . DG D 7  ? 1.15215 1.81623 1.19806 0.42689  0.44339  -0.06362 17 DG D C6    
769 O O6    . DG D 7  ? 1.14757 1.85333 1.24618 0.40382  0.47023  -0.06946 17 DG D O6    
770 N N1    . DG D 7  ? 1.11811 1.76878 1.15467 0.42929  0.40944  -0.06942 17 DG D N1    
771 C C2    . DG D 7  ? 1.09694 1.70443 1.07788 0.45346  0.37815  -0.06227 17 DG D C2    
772 N N2    . DG D 7  ? 1.06181 1.66463 1.04055 0.45165  0.34760  -0.06878 17 DG D N2    
773 N N3    . DG D 7  ? 1.13250 1.70309 1.06295 0.47764  0.37660  -0.04877 17 DG D N3    
774 C C4    . DG D 7  ? 1.16694 1.74829 1.10483 0.47662  0.40916  -0.04373 17 DG D C4    
775 P P     . DA D 8  ? 1.41716 1.70405 1.08473 0.55807  0.29521  0.02300  18 DA D P     
776 O OP1   . DA D 8  ? 1.42585 1.68815 1.04079 0.59578  0.27799  0.03452  18 DA D OP1   
777 O OP2   . DA D 8  ? 1.34521 1.58250 1.01401 0.52669  0.29409  0.02941  18 DA D OP2   
778 O "O5'" . DA D 8  ? 1.31650 1.62597 1.02068 0.53185  0.27588  0.00978  18 DA D "O5'" 
779 C "C5'" . DA D 8  ? 1.22116 1.48155 0.92969 0.49432  0.24805  0.01218  18 DA D "C5'" 
780 C "C4'" . DA D 8  ? 1.18210 1.48124 0.93670 0.46926  0.24270  -0.00512 18 DA D "C4'" 
781 O "O4'" . DA D 8  ? 1.21754 1.58497 1.01932 0.46741  0.28006  -0.01986 18 DA D "O4'" 
782 C "C3'" . DA D 8  ? 1.09250 1.34975 0.86498 0.42348  0.22366  -0.00631 18 DA D "C3'" 
783 O "O3'" . DA D 8  ? 1.04638 1.25924 0.78906 0.42118  0.18572  0.00457  18 DA D "O3'" 
784 C "C2'" . DA D 8  ? 1.08998 1.40559 0.91926 0.40226  0.23796  -0.02805 18 DA D "C2'" 
785 C "C1'" . DA D 8  ? 1.17457 1.55886 1.02236 0.43047  0.27683  -0.03439 18 DA D "C1'" 
786 N N9    . DA D 8  ? 1.20085 1.61258 1.08749 0.41062  0.31116  -0.04146 18 DA D N9    
787 C C8    . DA D 8  ? 1.22031 1.62276 1.09493 0.41691  0.33470  -0.03317 18 DA D C8    
788 N N7    . DA D 8  ? 1.24351 1.68155 1.16056 0.39557  0.36463  -0.04175 18 DA D N7    
789 C C5    . DA D 8  ? 1.23633 1.70745 1.19765 0.37380  0.36063  -0.05668 18 DA D C5    
790 C C6    . DA D 8  ? 1.26639 1.78203 1.28561 0.34555  0.38353  -0.06980 18 DA D C6    
791 N N6    . DA D 8  ? 1.30860 1.84684 1.35161 0.33304  0.41624  -0.06993 18 DA D N6    
792 N N1    . DA D 8  ? 1.25727 1.79422 1.30856 0.33168  0.37173  -0.08140 18 DA D N1    
793 C C2    . DA D 8  ? 1.22782 1.74407 1.25229 0.34463  0.33812  -0.08059 18 DA D C2    
794 N N3    . DA D 8  ? 1.19110 1.66855 1.16182 0.37009  0.31432  -0.06889 18 DA D N3    
795 C C4    . DA D 8  ? 1.20996 1.66490 1.15208 0.38339  0.32749  -0.05694 18 DA D C4    
796 P P     . DT D 9  ? 1.10600 1.25470 0.84922 0.37982  0.16005  0.01436  19 DT D P     
797 O OP1   . DT D 9  ? 1.11204 1.21324 0.80808 0.39205  0.12692  0.03539  19 DT D OP1   
798 O OP2   . DT D 9  ? 1.14589 1.27133 0.90051 0.36053  0.17992  0.01686  19 DT D OP2   
799 O "O5'" . DT D 9  ? 1.03399 1.21627 0.82424 0.34978  0.15486  -0.00597 19 DT D "O5'" 
800 C "C5'" . DT D 9  ? 1.05024 1.27756 0.84525 0.36712  0.14603  -0.01673 19 DT D "C5'" 
801 C "C4'" . DT D 9  ? 1.02232 1.28541 0.86772 0.33802  0.15004  -0.03793 19 DT D "C4'" 
802 O "O4'" . DT D 9  ? 1.08104 1.38520 0.96684 0.33019  0.18807  -0.05152 19 DT D "O4'" 
803 C "C3'" . DT D 9  ? 0.94437 1.16079 0.80124 0.29544  0.12841  -0.03587 19 DT D "C3'" 
804 O "O3'" . DT D 9  ? 0.91672 1.16301 0.79756 0.28448  0.11619  -0.05088 19 DT D "O3'" 
805 C "C2'" . DT D 9  ? 0.95739 1.16763 0.84601 0.26757  0.15545  -0.04302 19 DT D "C2'" 
806 C "C1'" . DT D 9  ? 1.06246 1.34422 0.97965 0.28663  0.19028  -0.05896 19 DT D "C1'" 
807 N N1    . DT D 9  ? 1.10867 1.39854 1.04114 0.28109  0.22431  -0.06051 19 DT D N1    
808 C C2    . DT D 9  ? 1.18810 1.52542 1.16974 0.26451  0.25444  -0.07689 19 DT D C2    
809 O O2    . DT D 9  ? 1.23097 1.60068 1.24565 0.25388  0.25464  -0.08940 19 DT D O2    
810 N N3    . DT D 9  ? 1.20957 1.55569 1.19935 0.26216  0.28457  -0.07575 19 DT D N3    
811 C C4    . DT D 9  ? 1.22193 1.53305 1.17453 0.27565  0.28629  -0.06071 19 DT D C4    
812 O O4    . DT D 9  ? 1.24606 1.56999 1.20666 0.27338  0.31345  -0.06028 19 DT D O4    
813 C C5    . DT D 9  ? 1.19079 1.44951 1.09331 0.29403  0.25435  -0.04313 19 DT D C5    
814 C C7    . DT D 9  ? 1.26305 1.47606 1.12171 0.31180  0.25404  -0.02309 19 DT D C7    
815 C C6    . DT D 9  ? 1.12143 1.37357 1.01720 0.29532  0.22583  -0.04356 19 DT D C6    
816 P P     . DC D 10 ? 1.07241 1.28393 0.97317 0.24025  0.09560  -0.05312 20 DC D P     
817 O OP1   . DC D 10 ? 1.02950 1.26083 0.92467 0.24658  0.06813  -0.05824 20 DC D OP1   
818 O OP2   . DC D 10 ? 0.99624 1.14084 0.87527 0.22321  0.08541  -0.03097 20 DC D OP2   
819 O "O5'" . DC D 10 ? 1.10215 1.34366 1.05527 0.21443  0.12563  -0.07452 20 DC D "O5'" 
820 C "C5'" . DC D 10 ? 1.17908 1.48386 1.16208 0.22315  0.13678  -0.09287 20 DC D "C5'" 
821 C "C4'" . DC D 10 ? 1.25298 1.57049 1.28167 0.19357  0.16126  -0.10538 20 DC D "C4'" 
822 O "O4'" . DC D 10 ? 1.29290 1.60222 1.32889 0.19032  0.19347  -0.10173 20 DC D "O4'" 
823 C "C3'" . DC D 10 ? 1.16635 1.43418 1.20279 0.15318  0.14170  -0.10492 20 DC D "C3'" 
824 O "O3'" . DC D 10 ? 1.24629 1.54528 1.31981 0.13816  0.15682  -0.11628 20 DC D "O3'" 
825 C "C2'" . DC D 10 ? 1.10029 1.31051 1.12580 0.13626  0.15223  -0.09309 20 DC D "C2'" 
826 C "C1'" . DC D 10 ? 1.21690 1.47067 1.26077 0.15220  0.19255  -0.09962 20 DC D "C1'" 
827 N N1    . DC D 10 ? 1.20088 1.42771 1.22951 0.15064  0.20405  -0.09359 20 DC D N1    
828 C C2    . DC D 10 ? 1.27989 1.52424 1.33405 0.13992  0.23881  -0.10153 20 DC D C2    
829 O O2    . DC D 10 ? 1.34811 1.62353 1.43828 0.13411  0.26260  -0.10674 20 DC D O2    
830 N N3    . DC D 10 ? 1.25056 1.48065 1.28598 0.14096  0.24298  -0.09713 20 DC D N3    
831 C C4    . DC D 10 ? 1.20825 1.39604 1.20003 0.15598  0.21752  -0.07762 20 DC D C4    
832 N N4    . DC D 10 ? 1.22054 1.38516 1.18929 0.16300  0.22359  -0.06448 20 DC D N4    
833 C C5    . DC D 10 ? 1.15233 1.31605 1.11974 0.16674  0.18604  -0.06570 20 DC D C5    
834 C C6    . DC D 10 ? 1.12770 1.31626 1.11518 0.16247  0.17934  -0.07687 20 DC D C6    
835 P P     . DA D 11 ? 1.43288 1.73886 1.51863 0.11477  0.12434  -0.12906 21 DA D P     
836 O OP1   . DA D 11 ? 1.52825 1.89434 1.65354 0.11300  0.14451  -0.14328 21 DA D OP1   
837 O OP2   . DA D 11 ? 1.34344 1.65297 1.40603 0.12844  0.09185  -0.13062 21 DA D OP2   
838 O "O5'" . DA D 11 ? 1.28030 1.51759 1.35874 0.07601  0.10532  -0.12031 21 DA D "O5'" 
839 C "C5'" . DA D 11 ? 1.25469 1.45522 1.32717 0.06984  0.12604  -0.10545 21 DA D "C5'" 
840 C "C4'" . DA D 11 ? 1.41108 1.65632 1.51188 0.07138  0.15630  -0.11269 21 DA D "C4'" 
841 O "O4'" . DA D 11 ? 1.44539 1.67660 1.53545 0.09086  0.19196  -0.09326 21 DA D "O4'" 
842 C "C3'" . DA D 11 ? 1.32764 1.55726 1.44723 0.02723  0.13838  -0.12912 21 DA D "C3'" 
843 O "O3'" . DA D 11 ? 1.44649 1.73436 1.59763 0.03234  0.16715  -0.13582 21 DA D "O3'" 
844 C "C2'" . DA D 11 ? 1.17181 1.34106 1.27250 0.01327  0.13621  -0.11501 21 DA D "C2'" 
845 C "C1'" . DA D 11 ? 1.29312 1.49157 1.37403 0.06586  0.17531  -0.08935 21 DA D "C1'" 
846 N N9    . DA D 11 ? 1.21617 1.37174 1.25921 0.07848  0.16614  -0.07058 21 DA D N9    
847 C C8    . DA D 11 ? 1.14116 1.25689 1.15924 0.07996  0.14012  -0.06053 21 DA D C8    
848 N N7    . DA D 11 ? 1.05587 1.17412 1.06445 0.07478  0.12247  -0.06676 21 DA D N7    
849 C C5    . DA D 11 ? 1.11762 1.24987 1.13312 0.07552  0.14830  -0.06992 21 DA D C5    
850 C C6    . DA D 11 ? 1.10502 1.20120 1.11138 0.06962  0.16228  -0.06372 21 DA D C6    
851 N N6    . DA D 11 ? 1.06703 1.09316 1.04708 0.06868  0.15385  -0.04149 21 DA D N6    
852 N N1    . DA D 11 ? 1.13646 1.26087 1.15298 0.07133  0.18656  -0.06721 21 DA D N1    
853 C C2    . DA D 11 ? 1.19998 1.38516 1.23773 0.07792  0.19969  -0.07242 21 DA D C2    
854 N N3    . DA D 11 ? 1.22898 1.42649 1.27779 0.08266  0.19667  -0.06965 21 DA D N3    
855 C C4    . DA D 11 ? 1.19126 1.35458 1.22382 0.08247  0.17053  -0.06749 21 DA D C4    
# 
